data_8HI4
#
_entry.id   8HI4
#
_cell.length_a   1.00
_cell.length_b   1.00
_cell.length_c   1.00
_cell.angle_alpha   90.00
_cell.angle_beta   90.00
_cell.angle_gamma   90.00
#
_symmetry.space_group_name_H-M   'P 1'
#
_entity_poly.entity_id   1
_entity_poly.type   'polypeptide(L)'
_entity_poly.pdbx_seq_one_letter_code
;MSTVRRLEGKVALITGGAGNIGEVITRRFLAEGATVVITGRNAEKLAVYRRRLIDEERVAPERVVALRMDGSDIAQVRAG
VAQIVHGGTDVPIPLHRIDILVNNAGSAGPRRRLVDIPLEPSEVQPPDSETLAQAVGNLVGITWNLTRAAAPHMPSGSSV
INISTIFSRTDYYGRIAYVAPKAALNALSDGLARELGVRGIRVNTIYPGPIESERIYTMFQAMDALKGQPEGDTASGFLR
MMRLSRIDQNGEVVKRFPSPVDVANTAVLLASDESAAFTGHAFEVTHGMEVPTESRTTFVSRPGLRSVDATGKVILICAG
DQVDDAVALADTLRSCRATVVIGFRDPRALEKASVLLREPRHALAADMYGRPTMTAEARLVRLDPLDPRAAAQTLEQIHA
ELGAIHHAVVLPGQSRHAPSASLIEVDDQVVERFLHQELVGTIALARELARFWEEYPSGSSMHRVLFVSNPDDQQGNQYS
HILRAAVEQLVRVWRHESEYDSVNPAHQQEGQSSAAVWANQLIRYVNNEMANLDFTCAWVAKLLGSDRRIAEINLYLPEE
IVGTIGVHNPGFGWAESLFGLHMGKVALITGGSAGIGGQIGRLLALSGAHVMLAARNADQLEQMRASIVREVRDASYPDA
ESRVAIFPGSDVSDIDGLERLVNHTVRVFGKVDYLINNAGIAGAEEMVIDMPVDAWRHTLRANLISNYALLRRLAPQMKA
AGGAYVLNVSSYFGGEKYVAIPYPNRSDYAVSKAGQRAMVESLARFLGPEIQINAIAPGPVEGERLKGAGSRPGLFMRRA
RLILENKRLNEVFAALLAARHEGATIADLLPDLFANDIQSIANSAAMPAPLRRLATMLRETSDAGGSAQSYLMNATIARK
LLNRLENGGYITLHDRRALTVEPPEPFFTEAQIEREAIKVRDGILGMLHLQRMPTEFDVALATVFYLADRNVTGETFHPS
GGLRFERTVTEGELFGKPGQQRLERLKGSVVYLIGEHLRQHLVLLARTFLDEIHVARVVLLTETTQAATDLAAELSDYEA
AGRFVVIPTCGDIEGGIDRAMAEYGRPGPVISTPFRPLPDRALSARNGDWSSVLTTAEFEELVEQQITHHFRVARKAGLI
EGANVTLVTPPTSARSTSEEFALANFVKTTLHALTATAGAESERTVPHVPVNQVDLTRRARSEEPRTPSEEEEELQRFVN
AVLLTSAPLPTPLESRYRARIYRGNAITV
;
_entity_poly.pdbx_strand_id   A,B
#
# COMPACT_ATOMS: atom_id res chain seq x y z
N GLY A 19 43.55 -44.77 -10.83
CA GLY A 19 43.70 -45.73 -11.91
C GLY A 19 44.90 -45.46 -12.78
N ASN A 20 44.64 -45.01 -14.01
CA ASN A 20 45.73 -44.69 -14.93
C ASN A 20 46.57 -43.53 -14.42
N ILE A 21 45.93 -42.51 -13.85
CA ILE A 21 46.67 -41.36 -13.32
C ILE A 21 47.58 -41.80 -12.18
N GLY A 22 47.09 -42.69 -11.31
CA GLY A 22 47.93 -43.23 -10.25
C GLY A 22 49.10 -44.02 -10.79
N GLU A 23 48.87 -44.78 -11.87
CA GLU A 23 49.95 -45.53 -12.50
C GLU A 23 51.02 -44.58 -13.04
N VAL A 24 50.61 -43.48 -13.67
CA VAL A 24 51.58 -42.54 -14.21
C VAL A 24 52.33 -41.83 -13.08
N ILE A 25 51.63 -41.51 -12.00
CA ILE A 25 52.28 -40.87 -10.86
C ILE A 25 53.33 -41.80 -10.25
N THR A 26 52.98 -43.08 -10.09
CA THR A 26 53.94 -44.05 -9.58
C THR A 26 55.11 -44.23 -10.54
N ARG A 27 54.84 -44.20 -11.85
CA ARG A 27 55.90 -44.34 -12.83
C ARG A 27 56.88 -43.18 -12.76
N ARG A 28 56.36 -41.96 -12.55
CA ARG A 28 57.25 -40.77 -12.46
C ARG A 28 58.03 -40.82 -11.14
N PHE A 29 57.47 -41.49 -10.13
CA PHE A 29 58.15 -41.63 -8.81
C PHE A 29 59.38 -42.52 -8.93
N LEU A 30 59.34 -43.47 -9.88
CA LEU A 30 60.44 -44.46 -10.03
C LEU A 30 61.80 -43.73 -10.01
N ALA A 31 61.85 -42.45 -10.41
CA ALA A 31 63.14 -41.79 -10.51
C ALA A 31 63.01 -40.32 -10.11
N GLU A 32 64.00 -39.53 -10.51
CA GLU A 32 64.06 -38.09 -10.21
C GLU A 32 64.09 -37.85 -8.70
N GLY A 33 64.81 -38.70 -7.97
CA GLY A 33 64.96 -38.54 -6.54
C GLY A 33 63.64 -38.62 -5.79
N ALA A 34 62.85 -39.64 -6.09
CA ALA A 34 61.51 -39.76 -5.54
C ALA A 34 61.28 -41.17 -5.02
N THR A 35 60.28 -41.30 -4.14
CA THR A 35 59.95 -42.56 -3.49
C THR A 35 58.51 -42.96 -3.84
N VAL A 36 58.35 -44.25 -4.17
CA VAL A 36 57.00 -44.74 -4.59
C VAL A 36 56.38 -45.53 -3.44
N VAL A 37 55.10 -45.26 -3.16
CA VAL A 37 54.35 -45.97 -2.12
C VAL A 37 52.95 -46.28 -2.64
N ILE A 38 52.72 -47.53 -3.03
CA ILE A 38 51.42 -47.98 -3.50
C ILE A 38 50.64 -48.44 -2.27
N THR A 39 49.99 -47.49 -1.61
CA THR A 39 49.24 -47.74 -0.39
C THR A 39 47.74 -47.68 -0.65
N GLY A 40 46.96 -47.78 0.41
CA GLY A 40 45.52 -47.74 0.31
C GLY A 40 44.93 -48.96 -0.35
N ARG A 41 45.22 -50.13 0.20
CA ARG A 41 44.72 -51.38 -0.37
C ARG A 41 43.23 -51.52 -0.14
N ASN A 42 42.54 -52.08 -1.12
CA ASN A 42 41.10 -52.30 -1.03
C ASN A 42 40.81 -53.69 -0.45
N ALA A 43 39.61 -53.81 0.15
CA ALA A 43 39.14 -55.05 0.77
C ALA A 43 40.10 -55.53 1.86
N GLU A 44 40.84 -54.59 2.47
CA GLU A 44 41.74 -54.85 3.58
C GLU A 44 42.96 -55.68 3.15
N LYS A 45 42.99 -56.11 1.89
CA LYS A 45 44.15 -56.84 1.37
C LYS A 45 44.14 -56.68 -0.15
N LEU A 46 44.91 -55.72 -0.64
CA LEU A 46 45.12 -55.55 -2.08
C LEU A 46 46.56 -55.27 -2.46
N ALA A 47 47.46 -55.05 -1.51
CA ALA A 47 48.86 -54.76 -1.84
C ALA A 47 49.50 -55.94 -2.55
N VAL A 48 49.22 -57.17 -2.09
CA VAL A 48 49.75 -58.35 -2.76
C VAL A 48 49.20 -58.45 -4.17
N TYR A 49 47.94 -58.05 -4.36
CA TYR A 49 47.34 -58.09 -5.69
C TYR A 49 47.89 -56.98 -6.58
N ARG A 50 48.33 -55.86 -5.99
CA ARG A 50 48.81 -54.71 -6.75
C ARG A 50 50.20 -54.31 -6.21
N ARG A 51 51.23 -54.98 -6.72
CA ARG A 51 52.61 -54.68 -6.38
C ARG A 51 53.56 -55.50 -7.25
N ARG A 52 54.87 -55.29 -7.07
CA ARG A 52 55.95 -56.00 -7.75
C ARG A 52 56.00 -55.72 -9.23
N LEU A 53 55.06 -54.94 -9.78
CA LEU A 53 55.13 -54.52 -11.18
C LEU A 53 55.88 -53.19 -11.34
N ILE A 54 55.82 -52.33 -10.32
CA ILE A 54 56.66 -51.14 -10.32
C ILE A 54 58.11 -51.51 -10.17
N ASP A 55 58.40 -52.53 -9.35
CA ASP A 55 59.77 -53.03 -9.20
C ASP A 55 60.27 -53.76 -10.43
N GLU A 56 59.38 -54.09 -11.38
CA GLU A 56 59.83 -54.74 -12.61
C GLU A 56 60.76 -53.85 -13.42
N GLU A 57 60.69 -52.53 -13.24
CA GLU A 57 61.62 -51.63 -13.89
C GLU A 57 63.00 -51.77 -13.26
N ARG A 58 64.02 -51.37 -14.03
CA ARG A 58 65.39 -51.47 -13.53
C ARG A 58 65.62 -50.59 -12.32
N VAL A 59 65.06 -49.38 -12.34
CA VAL A 59 65.24 -48.43 -11.24
C VAL A 59 64.40 -48.86 -10.05
N ALA A 60 64.68 -48.27 -8.89
CA ALA A 60 63.97 -48.53 -7.63
C ALA A 60 63.97 -50.01 -7.27
N PRO A 61 65.13 -50.58 -6.93
CA PRO A 61 65.14 -51.99 -6.52
C PRO A 61 64.42 -52.24 -5.20
N GLU A 62 64.37 -51.24 -4.32
CA GLU A 62 63.69 -51.38 -3.04
C GLU A 62 62.76 -50.21 -2.70
N ARG A 63 62.74 -49.16 -3.51
CA ARG A 63 61.88 -48.01 -3.23
C ARG A 63 60.39 -48.36 -3.38
N VAL A 64 60.06 -49.40 -4.13
CA VAL A 64 58.67 -49.80 -4.31
C VAL A 64 58.15 -50.36 -3.00
N VAL A 65 57.14 -49.70 -2.43
CA VAL A 65 56.55 -50.09 -1.16
C VAL A 65 55.05 -50.25 -1.34
N ALA A 66 54.50 -51.36 -0.85
CA ALA A 66 53.07 -51.62 -0.89
C ALA A 66 52.60 -52.06 0.49
N LEU A 67 51.44 -51.55 0.90
CA LEU A 67 50.90 -51.84 2.22
C LEU A 67 49.42 -52.21 2.11
N ARG A 68 49.00 -53.16 2.94
CA ARG A 68 47.60 -53.59 2.98
C ARG A 68 46.87 -52.85 4.11
N MET A 69 46.63 -51.57 3.87
CA MET A 69 45.97 -50.73 4.85
C MET A 69 44.48 -51.05 4.92
N ASP A 70 43.87 -50.69 6.06
CA ASP A 70 42.45 -50.93 6.25
C ASP A 70 41.63 -50.07 5.29
N GLY A 71 40.53 -50.65 4.79
CA GLY A 71 39.71 -49.92 3.83
C GLY A 71 39.09 -48.67 4.41
N SER A 72 38.52 -48.78 5.62
CA SER A 72 37.96 -47.60 6.28
C SER A 72 39.06 -46.62 6.68
N ASP A 73 40.21 -47.14 7.12
CA ASP A 73 41.36 -46.33 7.52
C ASP A 73 40.98 -45.35 8.63
N ILE A 74 40.57 -45.92 9.77
CA ILE A 74 40.24 -45.16 10.97
C ILE A 74 41.50 -44.49 11.50
N ALA A 75 41.33 -43.57 12.45
CA ALA A 75 42.46 -42.76 12.92
C ALA A 75 43.58 -43.62 13.49
N GLN A 76 43.23 -44.60 14.33
CA GLN A 76 44.27 -45.38 15.00
C GLN A 76 45.01 -46.30 14.03
N VAL A 77 44.28 -46.97 13.13
CA VAL A 77 44.93 -47.85 12.17
C VAL A 77 45.73 -47.04 11.15
N ARG A 78 45.22 -45.86 10.77
CA ARG A 78 45.98 -44.99 9.88
C ARG A 78 47.27 -44.51 10.55
N ALA A 79 47.20 -44.16 11.84
CA ALA A 79 48.40 -43.75 12.56
C ALA A 79 49.40 -44.90 12.65
N GLY A 80 48.91 -46.11 12.92
CA GLY A 80 49.80 -47.26 12.95
C GLY A 80 50.45 -47.54 11.61
N VAL A 81 49.69 -47.40 10.53
CA VAL A 81 50.23 -47.60 9.18
C VAL A 81 51.29 -46.54 8.89
N ALA A 82 51.02 -45.28 9.25
CA ALA A 82 52.01 -44.23 9.04
C ALA A 82 53.28 -44.49 9.84
N GLN A 83 53.14 -44.94 11.09
CA GLN A 83 54.30 -45.25 11.91
C GLN A 83 55.10 -46.40 11.32
N ILE A 84 54.43 -47.45 10.85
CA ILE A 84 55.13 -48.58 10.26
C ILE A 84 55.77 -48.21 8.93
N VAL A 85 55.20 -47.25 8.20
CA VAL A 85 55.83 -46.76 6.98
C VAL A 85 57.07 -45.95 7.30
N HIS A 86 56.99 -45.09 8.31
CA HIS A 86 58.16 -44.32 8.74
C HIS A 86 59.26 -45.25 9.23
N GLY A 87 58.90 -46.29 9.98
CA GLY A 87 59.85 -47.31 10.37
C GLY A 87 60.16 -48.32 9.29
N GLY A 88 59.37 -48.33 8.21
CA GLY A 88 59.60 -49.24 7.12
C GLY A 88 59.30 -50.68 7.47
N THR A 89 59.71 -51.58 6.58
CA THR A 89 59.59 -53.02 6.81
C THR A 89 60.73 -53.59 7.65
N ASP A 90 60.98 -52.99 8.81
CA ASP A 90 61.97 -53.39 9.81
C ASP A 90 63.42 -53.21 9.35
N VAL A 91 63.58 -52.94 8.05
CA VAL A 91 64.94 -52.73 7.48
C VAL A 91 65.46 -51.34 7.88
N PRO A 92 64.70 -50.23 7.70
CA PRO A 92 65.22 -48.88 7.99
C PRO A 92 64.95 -48.46 9.43
N ILE A 93 65.69 -47.45 9.86
CA ILE A 93 65.54 -46.88 11.20
C ILE A 93 64.20 -46.16 11.28
N PRO A 94 63.50 -46.23 12.41
CA PRO A 94 62.23 -45.51 12.53
C PRO A 94 62.41 -44.00 12.56
N LEU A 95 61.96 -43.32 11.50
CA LEU A 95 62.08 -41.87 11.43
C LEU A 95 60.97 -41.35 10.53
N HIS A 96 60.11 -40.50 11.09
CA HIS A 96 59.02 -39.91 10.32
C HIS A 96 59.59 -38.92 9.30
N ARG A 97 59.07 -38.99 8.08
CA ARG A 97 59.56 -38.14 7.00
C ARG A 97 58.40 -37.86 6.04
N ILE A 98 58.71 -37.39 4.84
CA ILE A 98 57.67 -37.08 3.87
C ILE A 98 57.02 -38.37 3.36
N ASP A 99 55.84 -38.22 2.78
CA ASP A 99 55.08 -39.36 2.25
C ASP A 99 54.14 -38.86 1.17
N ILE A 100 53.46 -39.80 0.52
CA ILE A 100 52.50 -39.47 -0.51
C ILE A 100 51.17 -39.15 0.15
N LEU A 101 50.65 -37.95 -0.09
CA LEU A 101 49.43 -37.48 0.54
C LEU A 101 48.33 -37.18 -0.47
N VAL A 102 48.44 -37.73 -1.68
CA VAL A 102 47.40 -37.53 -2.69
C VAL A 102 46.14 -38.28 -2.27
N ASN A 103 44.99 -37.63 -2.40
CA ASN A 103 43.71 -38.19 -2.01
C ASN A 103 42.94 -38.76 -3.20
N ASN A 104 43.66 -39.32 -4.18
CA ASN A 104 43.02 -39.85 -5.37
C ASN A 104 42.31 -41.17 -5.11
N ALA A 105 42.55 -41.82 -3.97
CA ALA A 105 41.95 -43.11 -3.69
C ALA A 105 40.46 -42.94 -3.38
N GLY A 106 39.62 -43.64 -4.14
CA GLY A 106 38.19 -43.57 -3.93
C GLY A 106 37.48 -44.49 -4.91
N SER A 107 36.16 -44.58 -4.71
CA SER A 107 35.29 -45.39 -5.55
C SER A 107 34.11 -44.56 -6.01
N ALA A 108 33.58 -44.90 -7.19
CA ALA A 108 32.47 -44.15 -7.76
C ALA A 108 31.22 -44.25 -6.89
N GLY A 109 30.95 -45.44 -6.36
CA GLY A 109 29.75 -45.65 -5.55
C GLY A 109 28.57 -46.07 -6.40
N PRO A 110 27.40 -46.17 -5.78
CA PRO A 110 26.20 -46.61 -6.52
C PRO A 110 25.82 -45.61 -7.60
N ARG A 111 25.32 -46.16 -8.71
CA ARG A 111 24.78 -45.36 -9.81
C ARG A 111 23.25 -45.32 -9.77
N ARG A 112 22.68 -45.34 -8.58
CA ARG A 112 21.25 -45.44 -8.39
C ARG A 112 20.55 -44.13 -8.78
N ARG A 113 19.25 -44.20 -8.98
CA ARG A 113 18.48 -43.10 -9.54
C ARG A 113 18.06 -42.14 -8.43
N LEU A 114 17.26 -41.13 -8.78
CA LEU A 114 17.01 -39.99 -7.85
C LEU A 114 16.06 -40.37 -6.71
N VAL A 115 15.29 -41.46 -6.83
CA VAL A 115 14.32 -41.76 -5.78
C VAL A 115 14.75 -42.98 -4.98
N ASP A 116 15.33 -43.95 -5.69
CA ASP A 116 15.82 -45.19 -5.03
C ASP A 116 17.22 -44.93 -4.49
N ILE A 117 17.52 -45.45 -3.30
CA ILE A 117 18.83 -45.26 -2.68
C ILE A 117 19.10 -46.42 -1.71
N PRO A 118 20.34 -46.90 -1.63
CA PRO A 118 20.71 -47.96 -0.67
C PRO A 118 21.01 -47.46 0.74
N LEU A 119 19.96 -47.28 1.54
CA LEU A 119 20.16 -46.89 2.93
C LEU A 119 20.60 -48.08 3.78
N GLU A 120 19.75 -49.10 3.88
CA GLU A 120 20.09 -50.30 4.63
C GLU A 120 20.96 -51.22 3.78
N PRO A 121 21.83 -52.02 4.43
CA PRO A 121 22.68 -52.95 3.66
C PRO A 121 21.91 -54.02 2.90
N SER A 122 20.66 -54.29 3.29
CA SER A 122 19.88 -55.32 2.61
C SER A 122 19.53 -54.94 1.17
N GLU A 123 19.64 -53.64 0.85
CA GLU A 123 19.27 -53.15 -0.50
C GLU A 123 20.47 -53.23 -1.46
N VAL A 124 21.47 -54.05 -1.15
CA VAL A 124 22.64 -54.14 -2.00
C VAL A 124 22.26 -54.71 -3.35
N GLN A 125 22.78 -54.10 -4.41
CA GLN A 125 22.54 -54.49 -5.78
C GLN A 125 23.86 -54.71 -6.48
N PRO A 126 23.88 -55.48 -7.58
CA PRO A 126 25.12 -55.66 -8.34
C PRO A 126 25.73 -54.34 -8.76
N PRO A 127 24.93 -53.33 -9.14
CA PRO A 127 25.53 -52.00 -9.33
C PRO A 127 25.86 -51.31 -8.03
N ASP A 128 25.04 -51.47 -6.99
CA ASP A 128 25.22 -50.77 -5.72
C ASP A 128 25.93 -51.71 -4.75
N SER A 129 27.26 -51.74 -4.81
CA SER A 129 28.05 -52.62 -3.92
C SER A 129 28.32 -51.92 -2.59
N GLU A 130 27.89 -50.66 -2.45
CA GLU A 130 28.15 -49.87 -1.21
C GLU A 130 26.85 -49.23 -0.73
N THR A 131 26.61 -49.23 0.58
CA THR A 131 25.39 -48.59 1.15
C THR A 131 25.62 -47.07 1.25
N LEU A 132 24.56 -46.32 1.55
CA LEU A 132 24.68 -44.83 1.63
C LEU A 132 25.89 -44.45 2.49
N ALA A 133 25.91 -44.86 3.76
CA ALA A 133 27.01 -44.47 4.65
C ALA A 133 28.36 -44.87 4.06
N GLN A 134 28.45 -46.08 3.50
CA GLN A 134 29.70 -46.51 2.88
C GLN A 134 30.02 -45.65 1.67
N ALA A 135 29.01 -45.28 0.88
CA ALA A 135 29.25 -44.40 -0.25
C ALA A 135 29.77 -43.04 0.19
N VAL A 136 29.22 -42.52 1.30
CA VAL A 136 29.67 -41.21 1.84
C VAL A 136 31.12 -41.33 2.31
N GLY A 137 31.46 -42.44 2.99
CA GLY A 137 32.80 -42.63 3.51
C GLY A 137 33.83 -43.18 2.55
N ASN A 138 33.42 -43.50 1.31
CA ASN A 138 34.33 -44.07 0.33
C ASN A 138 35.60 -43.25 0.15
N LEU A 139 35.45 -41.94 -0.11
CA LEU A 139 36.63 -41.11 -0.31
C LEU A 139 36.49 -39.73 0.32
N VAL A 140 35.55 -39.55 1.26
CA VAL A 140 35.38 -38.29 1.97
C VAL A 140 35.76 -38.44 3.44
N GLY A 141 35.08 -39.35 4.15
CA GLY A 141 35.43 -39.61 5.53
C GLY A 141 36.84 -40.16 5.68
N ILE A 142 37.24 -41.07 4.79
CA ILE A 142 38.60 -41.61 4.84
C ILE A 142 39.63 -40.52 4.55
N THR A 143 39.32 -39.62 3.63
CA THR A 143 40.24 -38.52 3.33
C THR A 143 40.40 -37.60 4.54
N TRP A 144 39.29 -37.25 5.18
CA TRP A 144 39.35 -36.42 6.38
C TRP A 144 40.10 -37.12 7.52
N ASN A 145 39.88 -38.43 7.68
CA ASN A 145 40.57 -39.17 8.73
C ASN A 145 42.08 -39.25 8.46
N LEU A 146 42.46 -39.45 7.19
CA LEU A 146 43.88 -39.44 6.84
C LEU A 146 44.49 -38.06 7.08
N THR A 147 43.71 -37.00 6.83
CA THR A 147 44.17 -35.65 7.12
C THR A 147 44.44 -35.47 8.61
N ARG A 148 43.55 -36.01 9.45
CA ARG A 148 43.74 -35.91 10.92
C ARG A 148 44.94 -36.77 11.35
N ALA A 149 45.12 -37.96 10.74
CA ALA A 149 46.23 -38.83 11.10
C ALA A 149 47.56 -38.28 10.62
N ALA A 150 47.54 -37.36 9.66
CA ALA A 150 48.74 -36.63 9.24
C ALA A 150 48.85 -35.27 9.92
N ALA A 151 48.37 -35.17 11.16
CA ALA A 151 48.52 -33.93 11.93
C ALA A 151 49.89 -33.78 12.59
N PRO A 152 50.40 -34.80 13.34
CA PRO A 152 51.55 -34.54 14.23
C PRO A 152 52.83 -34.11 13.53
N HIS A 153 53.34 -34.92 12.59
CA HIS A 153 54.67 -34.69 12.03
C HIS A 153 54.62 -34.74 10.50
N MET A 154 54.44 -33.55 9.91
CA MET A 154 54.53 -33.43 8.43
C MET A 154 55.70 -32.48 8.18
N PRO A 155 56.83 -32.93 7.61
CA PRO A 155 58.02 -32.09 7.45
C PRO A 155 57.70 -30.80 6.70
N SER A 156 58.42 -29.74 7.06
CA SER A 156 58.18 -28.43 6.45
C SER A 156 58.47 -28.49 4.95
N GLY A 157 57.64 -27.78 4.19
CA GLY A 157 57.76 -27.78 2.75
C GLY A 157 57.06 -28.92 2.04
N SER A 158 56.22 -29.67 2.74
CA SER A 158 55.49 -30.78 2.15
C SER A 158 54.27 -30.24 1.40
N SER A 159 53.41 -31.13 0.93
CA SER A 159 52.22 -30.74 0.19
C SER A 159 51.19 -31.84 0.27
N VAL A 160 49.94 -31.47 0.04
CA VAL A 160 48.82 -32.41 0.05
C VAL A 160 47.67 -31.81 -0.76
N ILE A 161 47.05 -32.66 -1.58
CA ILE A 161 45.95 -32.25 -2.44
C ILE A 161 44.77 -33.17 -2.23
N ASN A 162 43.62 -32.77 -2.79
CA ASN A 162 42.38 -33.57 -2.68
C ASN A 162 41.67 -33.55 -4.05
N ILE A 163 41.92 -34.56 -4.88
CA ILE A 163 41.36 -34.59 -6.22
C ILE A 163 39.84 -34.65 -6.15
N SER A 164 39.19 -33.72 -6.85
CA SER A 164 37.73 -33.70 -6.96
C SER A 164 37.35 -33.80 -8.42
N THR A 165 36.08 -34.09 -8.68
CA THR A 165 35.61 -34.21 -10.05
C THR A 165 35.22 -32.85 -10.60
N ILE A 166 35.38 -32.68 -11.91
CA ILE A 166 34.99 -31.44 -12.57
C ILE A 166 33.49 -31.26 -12.64
N PHE A 167 32.72 -32.31 -12.31
CA PHE A 167 31.27 -32.25 -12.30
C PHE A 167 30.72 -31.77 -10.96
N SER A 168 31.59 -31.35 -10.03
CA SER A 168 31.18 -30.85 -8.73
C SER A 168 30.39 -29.55 -8.80
N ARG A 169 30.16 -29.05 -10.02
CA ARG A 169 29.36 -27.80 -10.20
C ARG A 169 28.37 -27.95 -11.36
N THR A 170 28.64 -28.86 -12.29
CA THR A 170 27.76 -29.07 -13.44
C THR A 170 26.60 -29.98 -13.04
N ASP A 171 25.40 -29.64 -13.52
CA ASP A 171 24.24 -30.48 -13.26
C ASP A 171 24.48 -31.89 -13.77
N TYR A 172 24.21 -32.88 -12.90
CA TYR A 172 24.48 -34.30 -13.26
C TYR A 172 23.18 -35.10 -13.15
N TYR A 173 23.25 -36.41 -13.43
CA TYR A 173 22.04 -37.26 -13.37
C TYR A 173 22.43 -38.67 -12.91
N GLY A 174 21.67 -39.24 -11.96
CA GLY A 174 21.93 -40.62 -11.52
C GLY A 174 23.15 -40.76 -10.62
N ARG A 175 23.84 -39.67 -10.31
CA ARG A 175 25.05 -39.78 -9.52
C ARG A 175 25.04 -38.80 -8.36
N ILE A 176 23.90 -38.70 -7.66
CA ILE A 176 23.84 -37.85 -6.49
C ILE A 176 24.81 -38.32 -5.41
N ALA A 177 25.07 -39.62 -5.34
CA ALA A 177 26.06 -40.20 -4.44
C ALA A 177 27.48 -40.03 -4.95
N TYR A 178 27.67 -39.50 -6.16
CA TYR A 178 28.99 -39.17 -6.67
C TYR A 178 29.16 -37.66 -6.80
N VAL A 179 28.28 -36.90 -6.14
CA VAL A 179 28.37 -35.40 -6.19
C VAL A 179 28.20 -34.84 -4.78
N ALA A 180 27.18 -35.30 -4.03
CA ALA A 180 26.92 -34.79 -2.68
C ALA A 180 28.05 -35.13 -1.72
N PRO A 181 28.57 -36.36 -1.67
CA PRO A 181 29.82 -36.57 -0.92
C PRO A 181 31.05 -36.13 -1.69
N LYS A 182 31.02 -36.20 -3.02
CA LYS A 182 32.13 -35.71 -3.82
C LYS A 182 32.27 -34.19 -3.71
N ALA A 183 31.21 -33.49 -3.34
CA ALA A 183 31.32 -32.09 -2.95
C ALA A 183 31.75 -32.03 -1.48
N ALA A 184 31.84 -30.82 -0.95
CA ALA A 184 32.21 -30.54 0.44
C ALA A 184 33.67 -30.90 0.70
N LEU A 185 34.33 -31.55 -0.25
CA LEU A 185 35.79 -31.61 -0.21
C LEU A 185 36.38 -30.23 -0.42
N ASN A 186 35.74 -29.40 -1.24
CA ASN A 186 36.17 -28.03 -1.40
C ASN A 186 36.04 -27.25 -0.09
N ALA A 187 34.93 -27.44 0.63
CA ALA A 187 34.76 -26.75 1.91
C ALA A 187 35.76 -27.26 2.95
N LEU A 188 35.99 -28.57 2.98
CA LEU A 188 36.99 -29.11 3.89
C LEU A 188 38.37 -28.55 3.57
N SER A 189 38.71 -28.46 2.28
CA SER A 189 40.01 -27.90 1.89
C SER A 189 40.10 -26.43 2.25
N ASP A 190 38.99 -25.68 2.11
CA ASP A 190 39.00 -24.27 2.49
C ASP A 190 39.25 -24.12 3.98
N GLY A 191 38.52 -24.87 4.80
CA GLY A 191 38.72 -24.81 6.24
C GLY A 191 40.12 -25.22 6.64
N LEU A 192 40.66 -26.27 6.01
CA LEU A 192 41.99 -26.73 6.35
C LEU A 192 43.07 -25.77 5.88
N ALA A 193 42.85 -25.09 4.75
CA ALA A 193 43.78 -24.06 4.31
C ALA A 193 43.78 -22.89 5.27
N ARG A 194 42.60 -22.50 5.77
CA ARG A 194 42.55 -21.43 6.75
C ARG A 194 43.21 -21.83 8.06
N GLU A 195 43.02 -23.07 8.50
CA GLU A 195 43.50 -23.50 9.81
C GLU A 195 44.97 -23.89 9.79
N LEU A 196 45.32 -24.92 9.02
CA LEU A 196 46.66 -25.50 9.03
C LEU A 196 47.69 -24.63 8.31
N GLY A 197 47.28 -23.54 7.67
CA GLY A 197 48.21 -22.68 6.98
C GLY A 197 49.27 -22.06 7.87
N VAL A 198 49.02 -22.00 9.18
CA VAL A 198 50.00 -21.44 10.10
C VAL A 198 51.28 -22.26 10.11
N ARG A 199 51.15 -23.59 10.13
CA ARG A 199 52.32 -24.47 10.19
C ARG A 199 53.15 -24.42 8.91
N GLY A 200 52.58 -23.97 7.81
CA GLY A 200 53.30 -23.93 6.55
C GLY A 200 52.97 -25.11 5.64
N ILE A 201 51.69 -25.48 5.61
CA ILE A 201 51.21 -26.57 4.77
C ILE A 201 50.03 -26.05 3.97
N ARG A 202 49.77 -26.68 2.83
CA ARG A 202 48.79 -26.19 1.87
C ARG A 202 47.89 -27.32 1.40
N VAL A 203 46.63 -26.96 1.12
CA VAL A 203 45.66 -27.85 0.51
C VAL A 203 45.01 -27.10 -0.66
N ASN A 204 45.15 -27.66 -1.86
CA ASN A 204 44.60 -27.00 -3.08
C ASN A 204 43.76 -28.03 -3.85
N THR A 205 42.53 -27.66 -4.19
CA THR A 205 41.64 -28.54 -4.93
C THR A 205 42.15 -28.74 -6.35
N ILE A 206 42.00 -29.96 -6.86
CA ILE A 206 42.57 -30.37 -8.14
C ILE A 206 41.47 -31.08 -8.93
N TYR A 207 41.38 -30.79 -10.23
CA TYR A 207 40.30 -31.28 -11.09
C TYR A 207 40.84 -31.98 -12.34
N PRO A 208 41.25 -33.27 -12.19
CA PRO A 208 41.64 -34.06 -13.36
C PRO A 208 40.36 -34.33 -14.16
N GLY A 209 40.42 -34.16 -15.48
CA GLY A 209 39.30 -34.34 -16.37
C GLY A 209 39.07 -35.78 -16.74
N PRO A 210 37.93 -36.08 -17.35
CA PRO A 210 37.63 -37.46 -17.74
C PRO A 210 38.57 -37.94 -18.84
N ILE A 211 38.90 -39.23 -18.79
CA ILE A 211 39.76 -39.83 -19.78
C ILE A 211 39.05 -39.89 -21.13
N GLU A 212 39.82 -39.77 -22.21
CA GLU A 212 39.29 -39.86 -23.57
C GLU A 212 39.28 -41.32 -24.03
N SER A 213 38.62 -42.16 -23.24
CA SER A 213 38.53 -43.59 -23.48
C SER A 213 37.14 -43.95 -23.97
N GLU A 214 36.99 -45.22 -24.37
CA GLU A 214 35.71 -45.69 -24.89
C GLU A 214 34.68 -45.90 -23.77
N ARG A 215 35.13 -46.21 -22.55
CA ARG A 215 34.20 -46.42 -21.46
C ARG A 215 33.44 -45.14 -21.11
N ILE A 216 34.16 -44.02 -21.05
CA ILE A 216 33.49 -42.73 -20.80
C ILE A 216 32.57 -42.39 -21.97
N TYR A 217 32.93 -42.80 -23.18
CA TYR A 217 32.09 -42.54 -24.34
C TYR A 217 30.76 -43.30 -24.23
N THR A 218 30.82 -44.61 -23.96
CA THR A 218 29.60 -45.39 -23.88
C THR A 218 28.78 -45.03 -22.65
N MET A 219 29.46 -44.54 -21.60
CA MET A 219 28.74 -44.09 -20.38
C MET A 219 27.83 -42.93 -20.75
N PHE A 220 28.34 -41.97 -21.53
CA PHE A 220 27.51 -40.82 -21.98
C PHE A 220 26.28 -41.34 -22.73
N GLN A 221 26.49 -42.34 -23.59
CA GLN A 221 25.37 -42.91 -24.39
C GLN A 221 24.32 -43.47 -23.43
N ALA A 222 24.76 -44.22 -22.41
CA ALA A 222 23.82 -44.79 -21.41
C ALA A 222 23.07 -43.66 -20.71
N MET A 223 23.78 -42.61 -20.31
CA MET A 223 23.14 -41.46 -19.63
C MET A 223 22.07 -40.86 -20.55
N ASP A 224 22.40 -40.66 -21.83
CA ASP A 224 21.41 -40.13 -22.80
C ASP A 224 20.18 -41.03 -22.78
N ALA A 225 20.37 -42.34 -22.97
CA ALA A 225 19.25 -43.27 -22.97
C ALA A 225 18.47 -43.19 -21.66
N LEU A 226 19.17 -43.07 -20.54
CA LEU A 226 18.49 -42.98 -19.24
C LEU A 226 17.67 -41.71 -19.12
N LYS A 227 18.18 -40.59 -19.63
CA LYS A 227 17.51 -39.31 -19.47
C LYS A 227 16.20 -39.26 -20.26
N GLY A 228 16.06 -40.10 -21.28
CA GLY A 228 14.86 -40.07 -22.11
C GLY A 228 14.89 -38.95 -23.13
N GLN A 229 16.06 -38.69 -23.68
CA GLN A 229 16.31 -37.61 -24.63
C GLN A 229 16.94 -38.18 -25.88
N PRO A 230 16.84 -37.48 -27.01
CA PRO A 230 17.49 -37.95 -28.24
C PRO A 230 18.99 -38.10 -28.06
N GLU A 231 19.54 -39.11 -28.71
CA GLU A 231 20.94 -39.45 -28.53
C GLU A 231 21.85 -38.32 -29.00
N GLY A 232 22.81 -37.94 -28.15
CA GLY A 232 23.84 -36.98 -28.50
C GLY A 232 23.73 -35.64 -27.81
N ASP A 233 22.55 -35.27 -27.31
CA ASP A 233 22.40 -33.95 -26.71
C ASP A 233 23.17 -33.84 -25.40
N THR A 234 23.25 -34.92 -24.61
CA THR A 234 24.04 -34.88 -23.38
C THR A 234 25.52 -34.65 -23.69
N ALA A 235 26.04 -35.35 -24.70
CA ALA A 235 27.40 -35.09 -25.14
C ALA A 235 27.52 -33.73 -25.84
N SER A 236 26.43 -33.26 -26.45
CA SER A 236 26.44 -31.93 -27.05
C SER A 236 26.59 -30.84 -26.00
N GLY A 237 26.02 -31.06 -24.80
CA GLY A 237 26.19 -30.08 -23.73
C GLY A 237 27.64 -29.94 -23.30
N PHE A 238 28.45 -30.98 -23.51
CA PHE A 238 29.88 -30.92 -23.24
C PHE A 238 30.67 -30.41 -24.43
N LEU A 239 30.18 -30.68 -25.65
CA LEU A 239 30.95 -30.30 -26.87
C LEU A 239 30.59 -28.88 -27.34
N ARG A 240 29.58 -28.24 -26.72
CA ARG A 240 29.16 -26.92 -27.17
C ARG A 240 29.80 -25.79 -26.36
N MET A 241 29.54 -25.76 -25.05
CA MET A 241 29.98 -24.68 -24.18
C MET A 241 31.38 -24.91 -23.62
N MET A 242 32.19 -25.71 -24.31
CA MET A 242 33.58 -25.96 -23.94
C MET A 242 34.49 -25.53 -25.08
N ARG A 243 35.59 -24.87 -24.75
CA ARG A 243 36.53 -24.41 -25.75
C ARG A 243 37.43 -25.57 -26.18
N LEU A 244 38.36 -25.30 -27.11
CA LEU A 244 39.34 -26.34 -27.50
C LEU A 244 40.74 -26.00 -27.00
N SER A 245 41.31 -24.88 -27.43
CA SER A 245 42.61 -24.42 -26.93
C SER A 245 43.62 -25.56 -26.83
N ARG A 246 43.68 -26.37 -27.88
CA ARG A 246 44.58 -27.55 -27.85
C ARG A 246 45.35 -27.63 -29.17
N ILE A 247 46.26 -28.60 -29.27
CA ILE A 247 47.08 -28.77 -30.50
C ILE A 247 46.82 -30.16 -31.11
N ASP A 248 46.14 -31.05 -30.39
CA ASP A 248 45.96 -32.40 -30.89
C ASP A 248 45.26 -32.40 -32.25
N GLN A 249 45.66 -33.33 -33.11
CA GLN A 249 45.19 -33.43 -34.48
C GLN A 249 45.50 -32.16 -35.26
N ASN A 250 46.58 -31.47 -34.89
CA ASN A 250 47.01 -30.22 -35.52
C ASN A 250 45.84 -29.24 -35.48
N GLY A 251 45.28 -28.83 -36.61
CA GLY A 251 44.14 -27.93 -36.62
C GLY A 251 42.82 -28.64 -36.35
N GLU A 252 41.76 -27.83 -36.27
CA GLU A 252 40.40 -28.39 -36.04
C GLU A 252 40.46 -29.37 -34.87
N VAL A 253 40.81 -28.88 -33.68
CA VAL A 253 40.82 -29.79 -32.50
C VAL A 253 39.43 -29.82 -31.87
N VAL A 254 38.58 -30.76 -32.29
CA VAL A 254 37.20 -30.89 -31.74
C VAL A 254 37.29 -31.12 -30.22
N LYS A 255 36.22 -30.77 -29.49
CA LYS A 255 36.20 -30.99 -28.02
C LYS A 255 36.37 -32.48 -27.73
N ARG A 256 37.53 -32.87 -27.18
CA ARG A 256 37.78 -34.27 -26.87
C ARG A 256 37.94 -34.52 -25.36
N PHE A 257 37.53 -33.58 -24.51
CA PHE A 257 37.61 -33.68 -23.06
C PHE A 257 39.07 -33.61 -22.61
N PRO A 258 39.35 -33.18 -21.38
CA PRO A 258 40.74 -33.11 -20.93
C PRO A 258 41.41 -34.48 -20.92
N SER A 259 42.76 -34.46 -20.82
CA SER A 259 43.52 -35.70 -20.80
C SER A 259 44.02 -36.00 -19.39
N PRO A 260 44.10 -37.28 -19.02
CA PRO A 260 44.51 -37.63 -17.65
C PRO A 260 46.01 -37.54 -17.42
N VAL A 261 46.81 -37.91 -18.43
CA VAL A 261 48.25 -37.93 -18.25
C VAL A 261 48.80 -36.52 -18.05
N ASP A 262 48.25 -35.55 -18.78
CA ASP A 262 48.73 -34.17 -18.66
C ASP A 262 48.40 -33.60 -17.28
N VAL A 263 47.17 -33.80 -16.82
CA VAL A 263 46.78 -33.26 -15.52
C VAL A 263 47.55 -33.95 -14.41
N ALA A 264 47.77 -35.27 -14.52
CA ALA A 264 48.54 -35.97 -13.50
C ALA A 264 49.98 -35.47 -13.45
N ASN A 265 50.60 -35.32 -14.63
CA ASN A 265 51.99 -34.88 -14.67
C ASN A 265 52.13 -33.46 -14.14
N THR A 266 51.20 -32.57 -14.50
CA THR A 266 51.28 -31.20 -14.00
C THR A 266 51.01 -31.14 -12.50
N ALA A 267 50.07 -31.93 -12.00
CA ALA A 267 49.81 -31.96 -10.56
C ALA A 267 51.02 -32.45 -9.79
N VAL A 268 51.68 -33.51 -10.27
CA VAL A 268 52.85 -34.01 -9.57
C VAL A 268 54.06 -33.08 -9.74
N LEU A 269 54.12 -32.32 -10.84
CA LEU A 269 55.14 -31.29 -10.95
C LEU A 269 54.90 -30.19 -9.92
N LEU A 270 53.64 -29.84 -9.69
CA LEU A 270 53.31 -28.92 -8.59
C LEU A 270 53.73 -29.51 -7.25
N ALA A 271 53.52 -30.81 -7.06
CA ALA A 271 53.92 -31.47 -5.82
C ALA A 271 55.43 -31.38 -5.61
N SER A 272 56.20 -31.42 -6.70
CA SER A 272 57.65 -31.31 -6.61
C SER A 272 58.05 -29.84 -6.48
N ASP A 273 59.34 -29.56 -6.63
CA ASP A 273 59.83 -28.19 -6.53
C ASP A 273 59.55 -27.46 -7.84
N GLU A 274 60.16 -26.27 -7.99
CA GLU A 274 59.99 -25.36 -9.13
C GLU A 274 58.61 -24.71 -9.14
N SER A 275 57.71 -25.12 -8.22
CA SER A 275 56.41 -24.48 -8.08
C SER A 275 56.00 -24.37 -6.61
N ALA A 276 56.97 -24.31 -5.69
CA ALA A 276 56.66 -24.35 -4.27
C ALA A 276 55.89 -23.11 -3.83
N ALA A 277 55.02 -23.31 -2.83
CA ALA A 277 54.22 -22.24 -2.22
C ALA A 277 53.38 -21.51 -3.25
N PHE A 278 52.85 -22.23 -4.24
CA PHE A 278 51.97 -21.58 -5.24
C PHE A 278 50.75 -21.01 -4.52
N THR A 279 49.89 -21.88 -3.98
CA THR A 279 48.71 -21.43 -3.19
C THR A 279 47.80 -20.56 -4.07
N GLY A 280 47.97 -20.61 -5.39
CA GLY A 280 47.09 -19.87 -6.31
C GLY A 280 46.62 -20.81 -7.41
N HIS A 281 46.31 -22.05 -7.06
CA HIS A 281 45.95 -23.06 -8.05
C HIS A 281 44.64 -23.73 -7.66
N ALA A 282 43.64 -23.64 -8.54
CA ALA A 282 42.45 -24.46 -8.45
C ALA A 282 42.51 -25.66 -9.39
N PHE A 283 43.45 -25.65 -10.33
CA PHE A 283 43.69 -26.78 -11.23
C PHE A 283 42.41 -27.20 -11.96
N GLU A 284 41.57 -26.21 -12.27
CA GLU A 284 40.30 -26.48 -12.96
C GLU A 284 40.61 -26.73 -14.43
N VAL A 285 41.11 -27.92 -14.71
CA VAL A 285 41.51 -28.29 -16.07
C VAL A 285 40.26 -28.84 -16.77
N THR A 286 39.51 -27.94 -17.39
CA THR A 286 38.41 -28.31 -18.26
C THR A 286 38.55 -27.68 -19.64
N HIS A 287 39.71 -27.11 -19.95
CA HIS A 287 39.99 -26.46 -21.23
C HIS A 287 38.95 -25.36 -21.50
N GLY A 288 38.92 -24.39 -20.61
CA GLY A 288 37.91 -23.36 -20.64
C GLY A 288 36.70 -23.73 -19.82
N MET A 289 35.59 -24.07 -20.48
CA MET A 289 34.38 -24.57 -19.82
C MET A 289 33.94 -23.57 -18.73
N GLU A 290 33.51 -22.41 -19.21
CA GLU A 290 33.09 -21.33 -18.33
C GLU A 290 31.95 -21.78 -17.42
N VAL A 291 32.24 -21.89 -16.13
CA VAL A 291 31.26 -22.31 -15.13
C VAL A 291 31.56 -21.58 -13.83
N PRO A 292 30.57 -20.96 -13.18
CA PRO A 292 30.85 -20.26 -11.93
C PRO A 292 31.38 -21.20 -10.86
N THR A 293 32.31 -20.69 -10.05
CA THR A 293 32.85 -21.49 -8.96
C THR A 293 31.82 -21.71 -7.86
N GLU A 294 30.79 -20.87 -7.80
CA GLU A 294 29.71 -21.05 -6.83
C GLU A 294 28.53 -20.23 -7.31
N SER A 295 27.37 -20.90 -7.49
CA SER A 295 26.13 -20.20 -7.92
C SER A 295 25.47 -19.54 -6.71
N ARG A 296 25.61 -18.22 -6.55
CA ARG A 296 25.07 -17.58 -5.32
C ARG A 296 24.73 -16.10 -5.58
N THR A 297 23.97 -15.49 -4.66
CA THR A 297 23.61 -14.05 -4.79
C THR A 297 23.61 -13.40 -3.40
N THR A 298 23.54 -12.07 -3.34
CA THR A 298 23.57 -11.34 -2.04
C THR A 298 22.21 -10.70 -1.77
N PHE A 299 21.81 -10.62 -0.50
CA PHE A 299 20.51 -9.97 -0.15
C PHE A 299 20.72 -8.46 0.01
N VAL A 300 20.62 -7.71 -1.09
CA VAL A 300 20.83 -6.22 -1.06
C VAL A 300 19.48 -5.55 -0.81
N SER A 301 18.41 -6.33 -0.61
CA SER A 301 17.07 -5.77 -0.33
C SER A 301 16.34 -6.69 0.65
N ARG A 302 15.29 -6.17 1.30
CA ARG A 302 14.50 -7.00 2.26
C ARG A 302 13.20 -7.40 1.59
N PRO A 303 12.88 -8.71 1.45
CA PRO A 303 11.66 -9.13 0.75
C PRO A 303 10.41 -8.68 1.46
N GLY A 304 9.39 -8.37 0.66
CA GLY A 304 8.11 -7.95 1.19
C GLY A 304 7.14 -9.11 1.33
N LEU A 305 6.94 -9.57 2.57
CA LEU A 305 6.05 -10.74 2.81
C LEU A 305 4.58 -10.29 2.82
N ARG A 306 4.05 -9.94 1.65
CA ARG A 306 2.63 -9.50 1.54
C ARG A 306 1.96 -10.35 0.47
N SER A 307 2.76 -10.81 -0.51
CA SER A 307 2.24 -11.66 -1.57
C SER A 307 2.34 -13.14 -1.25
N VAL A 308 2.82 -13.49 -0.05
CA VAL A 308 2.97 -14.89 0.33
C VAL A 308 1.61 -15.47 0.69
N ASP A 309 1.28 -16.63 0.11
CA ASP A 309 0.01 -17.28 0.37
C ASP A 309 0.22 -18.78 0.51
N ALA A 310 -0.21 -19.33 1.64
CA ALA A 310 -0.10 -20.77 1.89
C ALA A 310 -1.35 -21.30 2.56
N THR A 311 -2.52 -20.87 2.10
CA THR A 311 -3.77 -21.27 2.75
C THR A 311 -4.03 -22.77 2.59
N GLY A 312 -3.95 -23.27 1.36
CA GLY A 312 -4.28 -24.66 1.10
C GLY A 312 -3.06 -25.55 1.06
N LYS A 313 -1.96 -25.09 1.64
CA LYS A 313 -0.69 -25.79 1.58
C LYS A 313 -0.24 -26.18 2.98
N VAL A 314 0.46 -27.31 3.08
CA VAL A 314 0.94 -27.85 4.35
C VAL A 314 2.46 -27.80 4.35
N ILE A 315 3.03 -27.18 5.37
CA ILE A 315 4.47 -27.00 5.49
C ILE A 315 4.97 -27.83 6.65
N LEU A 316 5.80 -28.82 6.36
CA LEU A 316 6.41 -29.67 7.37
C LEU A 316 7.87 -29.26 7.54
N ILE A 317 8.22 -28.84 8.76
CA ILE A 317 9.56 -28.33 9.05
C ILE A 317 10.41 -29.49 9.56
N CYS A 318 11.39 -29.90 8.77
CA CYS A 318 12.28 -30.98 9.15
C CYS A 318 13.28 -30.51 10.19
N ALA A 319 12.79 -30.23 11.39
CA ALA A 319 13.61 -29.63 12.43
C ALA A 319 14.48 -30.68 13.11
N GLY A 320 15.26 -30.23 14.09
CA GLY A 320 16.07 -31.10 14.92
C GLY A 320 15.97 -30.69 16.37
N ASP A 321 17.09 -30.68 17.09
CA ASP A 321 17.08 -30.22 18.48
C ASP A 321 16.96 -28.69 18.58
N GLN A 322 17.02 -27.98 17.46
CA GLN A 322 16.96 -26.52 17.45
C GLN A 322 15.53 -26.08 17.74
N VAL A 323 15.18 -26.07 19.02
CA VAL A 323 13.83 -25.69 19.43
C VAL A 323 13.54 -24.25 19.05
N ASP A 324 14.45 -23.33 19.40
CA ASP A 324 14.19 -21.91 19.23
C ASP A 324 14.05 -21.55 17.75
N ASP A 325 15.04 -21.92 16.93
CA ASP A 325 15.01 -21.55 15.52
C ASP A 325 13.85 -22.19 14.79
N ALA A 326 13.59 -23.47 15.05
CA ALA A 326 12.48 -24.17 14.39
C ALA A 326 11.15 -23.57 14.80
N VAL A 327 10.98 -23.22 16.08
CA VAL A 327 9.72 -22.64 16.53
C VAL A 327 9.54 -21.24 15.94
N ALA A 328 10.63 -20.48 15.81
CA ALA A 328 10.53 -19.18 15.15
C ALA A 328 10.12 -19.33 13.70
N LEU A 329 10.71 -20.30 12.99
CA LEU A 329 10.33 -20.56 11.61
C LEU A 329 8.87 -20.99 11.52
N ALA A 330 8.43 -21.82 12.47
CA ALA A 330 7.02 -22.24 12.49
C ALA A 330 6.10 -21.06 12.69
N ASP A 331 6.46 -20.15 13.60
CA ASP A 331 5.64 -18.94 13.80
C ASP A 331 5.59 -18.10 12.53
N THR A 332 6.74 -17.90 11.88
CA THR A 332 6.77 -17.04 10.70
C THR A 332 6.10 -17.69 9.50
N LEU A 333 6.00 -19.02 9.47
CA LEU A 333 5.27 -19.66 8.38
C LEU A 333 3.78 -19.73 8.68
N ARG A 334 3.41 -19.96 9.95
CA ARG A 334 2.00 -19.94 10.33
C ARG A 334 1.42 -18.53 10.24
N SER A 335 2.26 -17.50 10.28
CA SER A 335 1.79 -16.15 9.98
C SER A 335 1.28 -16.03 8.55
N CYS A 336 1.62 -16.99 7.69
CA CYS A 336 1.09 -17.06 6.34
C CYS A 336 -0.09 -18.04 6.23
N ARG A 337 -0.89 -18.13 7.29
CA ARG A 337 -2.12 -18.93 7.37
C ARG A 337 -1.92 -20.33 6.76
N ALA A 338 -1.03 -21.10 7.39
CA ALA A 338 -0.72 -22.44 6.93
C ALA A 338 -0.55 -23.38 8.11
N THR A 339 -1.05 -24.60 7.97
CA THR A 339 -0.82 -25.64 8.96
C THR A 339 0.63 -26.14 8.88
N VAL A 340 1.17 -26.53 10.03
CA VAL A 340 2.56 -26.96 10.12
C VAL A 340 2.66 -28.30 10.82
N VAL A 341 3.72 -29.02 10.52
CA VAL A 341 4.05 -30.29 11.17
C VAL A 341 5.53 -30.24 11.50
N ILE A 342 5.86 -30.10 12.78
CA ILE A 342 7.23 -29.85 13.23
C ILE A 342 7.80 -31.18 13.69
N GLY A 343 8.68 -31.77 12.90
CA GLY A 343 9.32 -33.03 13.23
C GLY A 343 10.72 -32.79 13.77
N PHE A 344 11.02 -33.41 14.90
CA PHE A 344 12.28 -33.21 15.61
C PHE A 344 13.14 -34.46 15.49
N ARG A 345 14.43 -34.28 15.17
CA ARG A 345 15.31 -35.44 14.91
C ARG A 345 15.64 -36.21 16.20
N ASP A 346 16.28 -35.55 17.17
CA ASP A 346 16.72 -36.27 18.36
C ASP A 346 15.60 -36.37 19.40
N PRO A 347 15.61 -37.40 20.24
CA PRO A 347 14.63 -37.51 21.30
C PRO A 347 14.99 -36.58 22.46
N ARG A 348 14.12 -36.58 23.48
CA ARG A 348 14.25 -35.75 24.67
C ARG A 348 14.16 -34.26 24.34
N ALA A 349 13.76 -33.92 23.13
CA ALA A 349 13.54 -32.55 22.70
C ALA A 349 12.10 -32.25 22.34
N LEU A 350 11.29 -33.29 22.15
CA LEU A 350 9.87 -33.14 21.83
C LEU A 350 9.13 -32.46 22.97
N GLU A 351 9.43 -32.86 24.21
CA GLU A 351 8.69 -32.35 25.36
C GLU A 351 9.05 -30.90 25.66
N LYS A 352 10.33 -30.54 25.47
CA LYS A 352 10.71 -29.13 25.62
C LYS A 352 10.02 -28.27 24.57
N ALA A 353 9.94 -28.76 23.34
CA ALA A 353 9.24 -28.03 22.29
C ALA A 353 7.77 -27.88 22.60
N SER A 354 7.14 -28.95 23.13
CA SER A 354 5.73 -28.86 23.50
C SER A 354 5.51 -27.84 24.60
N VAL A 355 6.38 -27.84 25.62
CA VAL A 355 6.25 -26.89 26.71
C VAL A 355 6.41 -25.46 26.20
N LEU A 356 7.42 -25.23 25.35
CA LEU A 356 7.65 -23.89 24.82
C LEU A 356 6.49 -23.43 23.94
N LEU A 357 5.94 -24.35 23.12
CA LEU A 357 4.86 -23.98 22.22
C LEU A 357 3.53 -23.83 22.95
N ARG A 358 3.39 -24.41 24.14
CA ARG A 358 2.17 -24.25 24.91
C ARG A 358 1.88 -22.78 25.20
N GLU A 359 2.93 -21.99 25.43
CA GLU A 359 2.78 -20.58 25.74
C GLU A 359 2.10 -19.84 24.59
N PRO A 360 1.29 -18.82 24.88
CA PRO A 360 0.57 -18.12 23.82
C PRO A 360 1.45 -17.36 22.85
N ARG A 361 2.74 -17.16 23.17
CA ARG A 361 3.62 -16.45 22.25
C ARG A 361 3.73 -17.16 20.90
N HIS A 362 3.87 -18.48 20.93
CA HIS A 362 4.00 -19.26 19.71
C HIS A 362 2.75 -20.10 19.42
N ALA A 363 1.70 -19.97 20.21
CA ALA A 363 0.47 -20.73 20.03
C ALA A 363 -0.62 -19.91 19.35
N LEU A 364 -0.30 -18.70 18.89
CA LEU A 364 -1.27 -17.84 18.22
C LEU A 364 -0.64 -17.33 16.93
N ALA A 365 -1.40 -17.39 15.84
CA ALA A 365 -0.91 -17.01 14.52
C ALA A 365 -1.50 -15.66 14.12
N ALA A 366 -0.63 -14.71 13.81
CA ALA A 366 -1.04 -13.40 13.33
C ALA A 366 -0.30 -13.10 12.03
N ASP A 367 -1.01 -12.57 11.04
CA ASP A 367 -0.44 -12.33 9.72
C ASP A 367 0.42 -11.07 9.75
N MET A 368 0.89 -10.67 8.57
CA MET A 368 1.86 -9.58 8.46
C MET A 368 1.24 -8.20 8.73
N TYR A 369 -0.08 -8.10 8.84
CA TYR A 369 -0.71 -6.83 9.20
C TYR A 369 -0.93 -6.70 10.70
N GLY A 370 -0.64 -7.73 11.48
CA GLY A 370 -0.91 -7.71 12.90
C GLY A 370 -2.27 -8.21 13.31
N ARG A 371 -3.00 -8.85 12.40
CA ARG A 371 -4.33 -9.38 12.63
C ARG A 371 -4.26 -10.86 12.96
N PRO A 372 -4.86 -11.30 14.07
CA PRO A 372 -4.81 -12.74 14.40
C PRO A 372 -5.56 -13.58 13.39
N THR A 373 -5.09 -14.81 13.20
CA THR A 373 -5.69 -15.76 12.28
C THR A 373 -5.96 -17.07 13.00
N MET A 374 -7.10 -17.68 12.69
CA MET A 374 -7.48 -18.95 13.30
C MET A 374 -6.94 -20.14 12.50
N THR A 375 -5.64 -20.12 12.23
CA THR A 375 -5.00 -21.21 11.51
C THR A 375 -4.78 -22.40 12.44
N ALA A 376 -4.64 -23.58 11.84
CA ALA A 376 -4.44 -24.80 12.62
C ALA A 376 -3.16 -24.70 13.44
N GLU A 377 -3.21 -25.28 14.65
CA GLU A 377 -2.10 -25.20 15.58
C GLU A 377 -0.92 -26.03 15.07
N ALA A 378 0.17 -26.01 15.82
CA ALA A 378 1.41 -26.66 15.43
C ALA A 378 1.41 -28.10 15.93
N ARG A 379 1.37 -29.05 15.01
CA ARG A 379 1.50 -30.47 15.36
C ARG A 379 2.94 -30.79 15.71
N LEU A 380 3.13 -31.96 16.32
CA LEU A 380 4.46 -32.38 16.74
C LEU A 380 4.58 -33.89 16.52
N VAL A 381 5.61 -34.30 15.78
CA VAL A 381 5.90 -35.70 15.50
C VAL A 381 7.37 -35.96 15.81
N ARG A 382 7.75 -37.24 15.76
CA ARG A 382 9.13 -37.66 15.98
C ARG A 382 9.67 -38.28 14.71
N LEU A 383 10.82 -37.77 14.25
CA LEU A 383 11.41 -38.28 12.97
C LEU A 383 12.84 -38.78 13.25
N ASP A 384 13.26 -39.85 12.57
CA ASP A 384 14.63 -40.41 12.74
C ASP A 384 15.29 -40.57 11.37
N PRO A 385 15.82 -39.50 10.75
CA PRO A 385 16.40 -39.59 9.40
C PRO A 385 17.40 -40.74 9.28
N LEU A 386 18.42 -40.76 10.15
CA LEU A 386 19.48 -41.81 10.08
C LEU A 386 18.87 -43.22 10.17
N ASP A 387 17.65 -43.35 10.71
CA ASP A 387 17.07 -44.68 10.88
C ASP A 387 15.94 -44.88 9.88
N PRO A 388 16.18 -45.63 8.80
CA PRO A 388 15.13 -45.89 7.83
C PRO A 388 14.09 -46.87 8.38
N ARG A 389 12.99 -46.99 7.63
CA ARG A 389 11.83 -47.84 7.89
C ARG A 389 10.99 -47.27 9.04
N ALA A 390 11.46 -46.25 9.75
CA ALA A 390 10.68 -45.56 10.76
C ALA A 390 10.33 -44.16 10.28
N ALA A 391 11.29 -43.45 9.68
CA ALA A 391 11.00 -42.16 9.07
C ALA A 391 10.00 -42.30 7.93
N ALA A 392 10.14 -43.33 7.10
CA ALA A 392 9.16 -43.57 6.03
C ALA A 392 7.79 -43.92 6.60
N GLN A 393 7.77 -44.71 7.68
CA GLN A 393 6.50 -45.04 8.32
C GLN A 393 5.82 -43.79 8.86
N THR A 394 6.59 -42.89 9.49
CA THR A 394 6.02 -41.64 9.98
C THR A 394 5.56 -40.75 8.83
N LEU A 395 6.30 -40.81 7.71
CA LEU A 395 5.91 -40.02 6.51
C LEU A 395 4.55 -40.51 6.02
N GLU A 396 4.37 -41.83 5.92
CA GLU A 396 3.09 -42.37 5.47
C GLU A 396 2.00 -42.12 6.50
N GLN A 397 2.35 -42.10 7.79
CA GLN A 397 1.37 -41.80 8.83
C GLN A 397 0.86 -40.37 8.71
N ILE A 398 1.76 -39.41 8.52
CA ILE A 398 1.33 -38.03 8.36
C ILE A 398 0.63 -37.83 7.02
N HIS A 399 0.99 -38.62 6.01
CA HIS A 399 0.16 -38.71 4.80
C HIS A 399 -1.29 -39.03 5.16
N ALA A 400 -1.50 -40.17 5.83
CA ALA A 400 -2.86 -40.58 6.19
C ALA A 400 -3.54 -39.53 7.06
N GLU A 401 -2.78 -38.83 7.90
CA GLU A 401 -3.36 -37.82 8.78
C GLU A 401 -3.83 -36.61 7.98
N LEU A 402 -2.99 -36.09 7.09
CA LEU A 402 -3.26 -34.83 6.40
C LEU A 402 -3.36 -34.97 4.90
N GLY A 403 -2.48 -35.75 4.27
CA GLY A 403 -2.38 -35.85 2.84
C GLY A 403 -0.95 -35.67 2.41
N ALA A 404 -0.76 -35.28 1.15
CA ALA A 404 0.58 -35.05 0.64
C ALA A 404 1.21 -33.83 1.29
N ILE A 405 2.54 -33.82 1.32
CA ILE A 405 3.31 -32.70 1.86
C ILE A 405 4.36 -32.31 0.83
N HIS A 406 4.50 -31.00 0.58
CA HIS A 406 5.32 -30.51 -0.52
C HIS A 406 6.37 -29.52 -0.06
N HIS A 407 6.07 -28.71 0.95
CA HIS A 407 7.02 -27.76 1.49
C HIS A 407 7.75 -28.42 2.66
N ALA A 408 9.07 -28.56 2.53
CA ALA A 408 9.88 -29.22 3.55
C ALA A 408 11.13 -28.37 3.81
N VAL A 409 11.09 -27.58 4.88
CA VAL A 409 12.26 -26.82 5.32
C VAL A 409 13.16 -27.76 6.11
N VAL A 410 14.36 -28.01 5.59
CA VAL A 410 15.26 -29.01 6.14
C VAL A 410 16.36 -28.28 6.90
N LEU A 411 16.35 -28.41 8.23
CA LEU A 411 17.36 -27.85 9.11
C LEU A 411 18.37 -28.93 9.50
N PRO A 412 19.59 -28.55 9.91
CA PRO A 412 20.60 -29.56 10.26
C PRO A 412 20.30 -30.28 11.57
N GLY A 413 21.20 -31.17 11.96
CA GLY A 413 21.02 -31.97 13.16
C GLY A 413 21.15 -31.21 14.46
N GLN A 414 22.35 -30.72 14.75
CA GLN A 414 22.66 -30.07 16.01
C GLN A 414 22.97 -28.59 15.82
N SER A 415 22.82 -27.84 16.90
CA SER A 415 23.10 -26.40 16.89
C SER A 415 24.56 -26.13 16.58
N ARG A 416 25.42 -26.60 17.48
CA ARG A 416 26.90 -26.50 17.26
C ARG A 416 27.38 -27.92 17.01
N HIS A 417 27.94 -28.20 15.83
CA HIS A 417 28.29 -29.56 15.47
C HIS A 417 29.43 -30.10 16.34
N ALA A 418 30.27 -29.22 16.87
CA ALA A 418 31.35 -29.60 17.76
C ALA A 418 31.49 -28.54 18.86
N PRO A 419 31.99 -28.92 20.03
CA PRO A 419 32.21 -27.91 21.07
C PRO A 419 33.38 -26.99 20.79
N SER A 420 34.38 -27.47 20.05
CA SER A 420 35.56 -26.68 19.70
C SER A 420 35.59 -26.43 18.20
N ALA A 421 35.85 -25.19 17.81
CA ALA A 421 35.87 -24.80 16.40
C ALA A 421 37.24 -25.15 15.81
N SER A 422 37.37 -26.42 15.45
CA SER A 422 38.59 -26.92 14.83
C SER A 422 38.26 -28.19 14.05
N LEU A 423 39.21 -28.61 13.21
CA LEU A 423 39.01 -29.77 12.35
C LEU A 423 40.11 -30.82 12.42
N ILE A 424 41.31 -30.46 12.88
CA ILE A 424 42.44 -31.40 12.89
C ILE A 424 42.85 -31.83 14.29
N GLU A 425 42.44 -31.10 15.33
CA GLU A 425 42.83 -31.46 16.68
C GLU A 425 42.14 -32.72 17.17
N VAL A 426 40.94 -32.97 16.61
CA VAL A 426 40.09 -34.12 17.02
C VAL A 426 40.71 -35.44 16.55
N ASP A 427 40.24 -36.55 17.10
CA ASP A 427 40.73 -37.88 16.72
C ASP A 427 39.57 -38.82 16.43
N ASP A 428 38.64 -38.35 15.59
CA ASP A 428 37.47 -39.19 15.20
C ASP A 428 36.66 -39.54 16.44
N GLN A 429 35.98 -38.56 17.03
CA GLN A 429 35.14 -38.82 18.24
C GLN A 429 33.81 -38.09 18.03
N VAL A 430 33.84 -36.86 17.50
CA VAL A 430 32.61 -36.15 17.21
C VAL A 430 32.39 -35.95 15.71
N VAL A 431 33.47 -35.84 14.93
CA VAL A 431 33.31 -35.67 13.49
C VAL A 431 32.67 -36.90 12.87
N GLU A 432 32.81 -38.07 13.50
CA GLU A 432 32.06 -39.23 13.03
C GLU A 432 30.57 -39.01 13.16
N ARG A 433 30.13 -38.48 14.30
CA ARG A 433 28.74 -38.12 14.47
C ARG A 433 28.30 -37.09 13.45
N PHE A 434 29.14 -36.07 13.22
CA PHE A 434 28.84 -35.07 12.21
C PHE A 434 28.63 -35.70 10.84
N LEU A 435 29.70 -36.32 10.30
CA LEU A 435 29.67 -36.87 8.96
C LEU A 435 28.66 -38.01 8.80
N HIS A 436 28.19 -38.60 9.90
CA HIS A 436 27.27 -39.72 9.82
C HIS A 436 25.81 -39.34 10.05
N GLN A 437 25.54 -38.26 10.79
CA GLN A 437 24.18 -37.90 11.13
C GLN A 437 23.75 -36.53 10.63
N GLU A 438 24.63 -35.78 9.97
CA GLU A 438 24.27 -34.47 9.44
C GLU A 438 24.51 -34.33 7.95
N LEU A 439 25.41 -35.12 7.37
CA LEU A 439 25.52 -35.24 5.92
C LEU A 439 24.68 -36.42 5.42
N VAL A 440 25.01 -37.62 5.90
CA VAL A 440 24.21 -38.82 5.52
C VAL A 440 22.77 -38.56 5.95
N GLY A 441 22.57 -38.11 7.19
CA GLY A 441 21.21 -37.81 7.68
C GLY A 441 20.42 -37.01 6.65
N THR A 442 21.04 -35.92 6.14
CA THR A 442 20.36 -35.07 5.13
C THR A 442 20.06 -35.90 3.89
N ILE A 443 21.02 -36.69 3.42
CA ILE A 443 20.83 -37.51 2.18
C ILE A 443 19.65 -38.47 2.41
N ALA A 444 19.62 -39.13 3.56
CA ALA A 444 18.53 -40.09 3.86
C ALA A 444 17.20 -39.33 3.83
N LEU A 445 17.13 -38.17 4.49
CA LEU A 445 15.87 -37.39 4.54
C LEU A 445 15.48 -36.97 3.12
N ALA A 446 16.46 -36.56 2.31
CA ALA A 446 16.17 -36.12 0.92
C ALA A 446 15.49 -37.25 0.15
N ARG A 447 16.02 -38.47 0.24
CA ARG A 447 15.39 -39.63 -0.45
C ARG A 447 14.04 -39.93 0.20
N GLU A 448 14.00 -39.93 1.54
CA GLU A 448 12.71 -40.15 2.25
C GLU A 448 11.65 -39.24 1.64
N LEU A 449 12.00 -37.98 1.36
CA LEU A 449 11.03 -37.03 0.82
C LEU A 449 10.80 -37.28 -0.68
N ALA A 450 11.89 -37.56 -1.40
CA ALA A 450 11.80 -37.82 -2.85
C ALA A 450 10.84 -38.98 -3.10
N ARG A 451 10.98 -40.06 -2.32
CA ARG A 451 10.11 -41.26 -2.51
C ARG A 451 8.66 -40.87 -2.24
N PHE A 452 8.41 -40.13 -1.14
CA PHE A 452 7.04 -39.69 -0.82
C PHE A 452 6.47 -38.92 -2.03
N TRP A 453 7.31 -38.13 -2.68
CA TRP A 453 6.86 -37.33 -3.85
C TRP A 453 6.73 -38.21 -5.09
N GLU A 454 7.64 -39.15 -5.31
CA GLU A 454 7.56 -39.90 -6.60
C GLU A 454 6.67 -41.15 -6.43
N GLU A 455 6.86 -41.93 -5.35
CA GLU A 455 5.98 -43.10 -5.09
C GLU A 455 4.52 -42.63 -5.11
N TYR A 456 4.27 -41.41 -4.64
CA TYR A 456 2.89 -40.85 -4.63
C TYR A 456 2.86 -39.57 -5.47
N PRO A 457 2.73 -39.65 -6.83
CA PRO A 457 2.77 -38.46 -7.68
C PRO A 457 1.61 -37.53 -7.37
N SER A 458 1.88 -36.23 -7.39
CA SER A 458 0.87 -35.23 -7.08
C SER A 458 1.04 -34.04 -8.00
N GLY A 459 0.09 -33.86 -8.91
CA GLY A 459 0.17 -32.77 -9.86
C GLY A 459 -0.06 -31.42 -9.23
N SER A 460 1.00 -30.63 -9.14
CA SER A 460 0.96 -29.30 -8.54
C SER A 460 2.22 -28.55 -8.99
N SER A 461 2.49 -27.42 -8.35
CA SER A 461 3.70 -26.67 -8.64
C SER A 461 4.94 -27.49 -8.28
N MET A 462 6.10 -26.96 -8.65
CA MET A 462 7.35 -27.65 -8.36
C MET A 462 7.57 -27.78 -6.86
N HIS A 463 8.30 -28.83 -6.47
CA HIS A 463 8.49 -29.13 -5.06
C HIS A 463 9.59 -28.24 -4.48
N ARG A 464 9.36 -27.75 -3.27
CA ARG A 464 10.23 -26.77 -2.63
C ARG A 464 10.88 -27.39 -1.41
N VAL A 465 12.21 -27.38 -1.37
CA VAL A 465 12.95 -27.88 -0.22
C VAL A 465 14.05 -26.89 0.15
N LEU A 466 13.79 -26.04 1.15
CA LEU A 466 14.81 -25.14 1.61
C LEU A 466 15.81 -25.87 2.52
N PHE A 467 17.00 -25.28 2.65
CA PHE A 467 18.11 -25.93 3.32
C PHE A 467 18.82 -24.95 4.23
N VAL A 468 18.04 -24.26 5.07
CA VAL A 468 18.58 -23.24 5.97
C VAL A 468 19.80 -23.77 6.71
N SER A 469 20.83 -22.91 6.82
CA SER A 469 22.07 -23.31 7.54
C SER A 469 22.00 -22.83 9.00
N ASN A 470 22.94 -23.30 9.83
CA ASN A 470 22.97 -22.90 11.27
C ASN A 470 23.48 -21.46 11.39
N PRO A 471 23.15 -20.74 12.49
CA PRO A 471 23.64 -19.36 12.69
C PRO A 471 25.08 -19.35 13.23
N ASP A 472 25.67 -18.16 13.37
CA ASP A 472 27.07 -18.04 13.85
C ASP A 472 27.10 -17.42 15.25
N ASP A 473 27.91 -17.97 16.16
CA ASP A 473 28.03 -17.41 17.53
C ASP A 473 29.45 -16.89 17.72
N GLN A 474 30.45 -17.69 17.35
CA GLN A 474 31.87 -17.27 17.45
C GLN A 474 32.75 -18.25 16.67
N GLN A 475 33.93 -17.79 16.21
CA GLN A 475 34.90 -18.68 15.50
C GLN A 475 34.28 -19.20 14.19
N GLY A 476 33.36 -18.43 13.60
CA GLY A 476 32.76 -18.83 12.30
C GLY A 476 32.06 -20.17 12.38
N ASN A 477 31.83 -20.81 11.23
CA ASN A 477 31.10 -22.11 11.18
C ASN A 477 31.75 -23.03 10.14
N GLN A 478 32.86 -23.67 10.49
CA GLN A 478 33.58 -24.55 9.52
C GLN A 478 32.64 -25.66 9.06
N TYR A 479 31.89 -26.26 9.99
CA TYR A 479 30.98 -27.38 9.64
C TYR A 479 29.86 -26.87 8.74
N SER A 480 29.27 -25.71 9.08
CA SER A 480 28.24 -25.10 8.20
C SER A 480 28.78 -25.02 6.77
N HIS A 481 30.02 -24.55 6.62
CA HIS A 481 30.65 -24.50 5.31
C HIS A 481 30.58 -25.86 4.62
N ILE A 482 30.93 -26.92 5.36
CA ILE A 482 30.94 -28.30 4.78
C ILE A 482 29.53 -28.64 4.31
N LEU A 483 28.54 -28.54 5.20
CA LEU A 483 27.14 -28.91 4.84
C LEU A 483 26.70 -28.08 3.63
N ARG A 484 27.02 -26.78 3.62
CA ARG A 484 26.64 -25.90 2.49
C ARG A 484 27.17 -26.50 1.18
N ALA A 485 28.46 -26.84 1.13
CA ALA A 485 29.07 -27.37 -0.10
C ALA A 485 28.36 -28.67 -0.52
N ALA A 486 28.05 -29.53 0.44
CA ALA A 486 27.34 -30.80 0.14
C ALA A 486 25.91 -30.49 -0.33
N VAL A 487 25.27 -29.47 0.26
CA VAL A 487 23.86 -29.14 -0.07
C VAL A 487 23.79 -28.55 -1.49
N GLU A 488 24.52 -27.47 -1.75
CA GLU A 488 24.40 -26.80 -3.08
C GLU A 488 24.34 -27.86 -4.20
N GLN A 489 25.27 -28.83 -4.18
CA GLN A 489 25.31 -29.85 -5.26
C GLN A 489 24.07 -30.74 -5.19
N LEU A 490 23.72 -31.22 -3.99
CA LEU A 490 22.55 -32.10 -3.82
C LEU A 490 21.33 -31.39 -4.45
N VAL A 491 21.16 -30.10 -4.14
CA VAL A 491 20.02 -29.32 -4.72
C VAL A 491 20.20 -29.23 -6.24
N ARG A 492 21.40 -28.86 -6.68
CA ARG A 492 21.67 -28.68 -8.13
C ARG A 492 21.43 -29.98 -8.91
N VAL A 493 22.14 -31.06 -8.55
CA VAL A 493 22.02 -32.34 -9.30
C VAL A 493 20.55 -32.79 -9.26
N TRP A 494 19.91 -32.69 -8.10
CA TRP A 494 18.51 -33.12 -7.94
C TRP A 494 17.60 -32.31 -8.88
N ARG A 495 17.54 -30.99 -8.67
CA ARG A 495 16.70 -30.15 -9.52
C ARG A 495 16.78 -30.58 -10.98
N HIS A 496 18.01 -30.78 -11.47
CA HIS A 496 18.21 -31.22 -12.87
C HIS A 496 17.51 -32.57 -13.11
N GLU A 497 17.93 -33.61 -12.39
CA GLU A 497 17.36 -34.97 -12.59
C GLU A 497 15.83 -34.87 -12.55
N SER A 498 15.29 -34.20 -11.52
CA SER A 498 13.82 -34.08 -11.37
C SER A 498 13.20 -33.49 -12.64
N GLU A 499 13.70 -32.32 -13.08
CA GLU A 499 13.12 -31.67 -14.24
C GLU A 499 13.23 -32.54 -15.49
N TYR A 500 14.33 -33.28 -15.63
CA TYR A 500 14.46 -34.18 -16.77
C TYR A 500 13.44 -35.31 -16.71
N ASP A 501 13.18 -35.85 -15.52
CA ASP A 501 12.28 -36.99 -15.36
C ASP A 501 10.81 -36.61 -15.32
N SER A 502 10.48 -35.32 -15.37
CA SER A 502 9.09 -34.90 -15.34
C SER A 502 8.40 -35.07 -16.68
N VAL A 503 9.15 -35.28 -17.76
CA VAL A 503 8.57 -35.43 -19.09
C VAL A 503 8.71 -36.84 -19.66
N ASN A 504 9.50 -37.69 -19.03
CA ASN A 504 9.71 -39.04 -19.54
C ASN A 504 8.45 -39.88 -19.34
N PRO A 505 7.88 -40.46 -20.40
CA PRO A 505 6.68 -41.31 -20.21
C PRO A 505 6.96 -42.58 -19.43
N ALA A 506 8.22 -43.01 -19.33
CA ALA A 506 8.53 -44.23 -18.58
C ALA A 506 8.17 -44.09 -17.11
N HIS A 507 8.64 -43.02 -16.47
CA HIS A 507 8.32 -42.78 -15.07
C HIS A 507 6.98 -42.07 -14.89
N GLN A 508 6.43 -41.50 -15.96
CA GLN A 508 5.14 -40.81 -15.85
C GLN A 508 4.00 -41.80 -15.65
N GLN A 509 4.10 -43.00 -16.23
CA GLN A 509 3.04 -43.99 -16.13
C GLN A 509 2.87 -44.54 -14.72
N GLU A 510 3.82 -44.30 -13.84
CA GLU A 510 3.72 -44.78 -12.45
C GLU A 510 2.67 -43.96 -11.73
N GLY A 511 1.48 -44.53 -11.59
CA GLY A 511 0.39 -43.80 -10.94
C GLY A 511 -0.06 -42.64 -11.81
N GLN A 512 -0.11 -41.45 -11.21
CA GLN A 512 -0.54 -40.24 -11.88
C GLN A 512 0.66 -39.40 -12.28
N SER A 513 0.40 -38.20 -12.78
CA SER A 513 1.47 -37.29 -13.17
C SER A 513 2.07 -36.62 -11.94
N SER A 514 3.40 -36.54 -11.91
CA SER A 514 4.12 -35.97 -10.78
C SER A 514 4.56 -34.54 -11.11
N ALA A 515 5.34 -33.95 -10.20
CA ALA A 515 5.85 -32.59 -10.37
C ALA A 515 7.33 -32.57 -10.06
N ALA A 516 8.01 -31.55 -10.59
CA ALA A 516 9.44 -31.41 -10.42
C ALA A 516 9.77 -30.81 -9.06
N VAL A 517 11.07 -30.62 -8.82
CA VAL A 517 11.52 -30.05 -7.53
C VAL A 517 12.41 -28.84 -7.79
N TRP A 518 12.32 -27.82 -6.95
CA TRP A 518 13.16 -26.62 -7.04
C TRP A 518 13.58 -26.26 -5.62
N ALA A 519 14.87 -26.42 -5.33
CA ALA A 519 15.41 -26.24 -4.00
C ALA A 519 16.48 -25.16 -4.01
N ASN A 520 16.87 -24.71 -2.81
CA ASN A 520 17.77 -23.58 -2.67
C ASN A 520 18.58 -23.76 -1.39
N GLN A 521 19.29 -22.70 -0.99
CA GLN A 521 19.93 -22.63 0.31
C GLN A 521 19.93 -21.18 0.78
N LEU A 522 20.02 -20.99 2.09
CA LEU A 522 19.78 -19.70 2.71
C LEU A 522 20.84 -19.43 3.79
N ILE A 523 22.11 -19.51 3.37
CA ILE A 523 23.27 -19.30 4.23
C ILE A 523 23.11 -18.11 5.17
N ARG A 524 23.38 -18.33 6.46
CA ARG A 524 23.26 -17.27 7.48
C ARG A 524 24.52 -17.09 8.32
N TYR A 525 25.55 -17.92 8.16
CA TYR A 525 26.67 -17.88 9.09
C TYR A 525 27.63 -16.72 8.83
N VAL A 526 27.23 -15.73 8.02
CA VAL A 526 28.07 -14.58 7.74
C VAL A 526 27.58 -13.32 8.44
N ASN A 527 26.30 -13.22 8.76
CA ASN A 527 25.74 -12.06 9.43
C ASN A 527 25.61 -12.34 10.93
N ASN A 528 26.23 -11.49 11.75
CA ASN A 528 26.19 -11.60 13.20
C ASN A 528 25.52 -10.34 13.74
N GLU A 529 24.19 -10.36 13.80
CA GLU A 529 23.42 -9.21 14.27
C GLU A 529 22.23 -9.75 15.06
N MET A 530 21.27 -8.85 15.35
CA MET A 530 20.09 -9.22 16.10
C MET A 530 18.89 -9.57 15.21
N ALA A 531 18.88 -9.12 13.96
CA ALA A 531 17.77 -9.37 13.06
C ALA A 531 18.06 -10.48 12.06
N ASN A 532 19.16 -11.22 12.23
CA ASN A 532 19.46 -12.32 11.32
C ASN A 532 18.55 -13.51 11.52
N LEU A 533 17.89 -13.61 12.68
CA LEU A 533 16.88 -14.62 12.92
C LEU A 533 15.48 -14.16 12.54
N ASP A 534 15.34 -12.92 12.09
CA ASP A 534 14.11 -12.44 11.48
C ASP A 534 14.23 -12.22 9.98
N PHE A 535 15.46 -11.94 9.55
CA PHE A 535 15.71 -11.83 8.09
C PHE A 535 15.59 -13.22 7.49
N THR A 536 16.17 -14.22 8.16
CA THR A 536 16.09 -15.60 7.70
C THR A 536 14.65 -16.07 7.62
N CYS A 537 13.82 -15.70 8.59
CA CYS A 537 12.41 -16.05 8.52
C CYS A 537 11.74 -15.42 7.30
N ALA A 538 12.08 -14.16 7.00
CA ALA A 538 11.51 -13.52 5.83
C ALA A 538 11.89 -14.25 4.55
N TRP A 539 13.16 -14.67 4.46
CA TRP A 539 13.62 -15.32 3.20
C TRP A 539 13.08 -16.75 3.12
N VAL A 540 12.90 -17.45 4.24
CA VAL A 540 12.30 -18.77 4.16
C VAL A 540 10.82 -18.67 3.78
N ALA A 541 10.12 -17.66 4.31
CA ALA A 541 8.70 -17.54 4.00
C ALA A 541 8.44 -16.92 2.63
N LYS A 542 9.43 -16.28 2.02
CA LYS A 542 9.23 -15.71 0.69
C LYS A 542 9.48 -16.71 -0.43
N LEU A 543 10.41 -17.64 -0.26
CA LEU A 543 10.68 -18.65 -1.27
C LEU A 543 9.73 -19.83 -1.23
N LEU A 544 8.83 -19.88 -0.24
CA LEU A 544 7.84 -20.94 -0.14
C LEU A 544 6.44 -20.45 -0.53
N GLY A 545 5.96 -19.39 0.10
CA GLY A 545 4.61 -18.92 -0.09
C GLY A 545 4.37 -18.08 -1.33
N SER A 546 5.36 -17.93 -2.20
CA SER A 546 5.23 -17.14 -3.41
C SER A 546 5.61 -17.97 -4.62
N ASP A 547 5.52 -17.36 -5.79
CA ASP A 547 5.91 -17.96 -7.06
C ASP A 547 7.15 -17.19 -7.53
N ARG A 548 8.29 -17.52 -6.93
CA ARG A 548 9.57 -16.85 -7.30
C ARG A 548 10.64 -17.93 -7.49
N ARG A 549 11.05 -18.17 -8.74
CA ARG A 549 12.03 -19.26 -9.03
C ARG A 549 13.45 -18.67 -9.11
N ILE A 550 14.24 -18.83 -8.04
CA ILE A 550 15.64 -18.32 -8.05
C ILE A 550 16.47 -19.17 -9.01
N ALA A 551 17.18 -18.54 -9.94
CA ALA A 551 18.01 -19.28 -10.93
C ALA A 551 19.36 -19.60 -10.32
N GLU A 552 19.59 -19.18 -9.07
CA GLU A 552 20.87 -19.44 -8.40
C GLU A 552 20.65 -20.31 -7.18
N ILE A 553 21.63 -21.15 -6.89
CA ILE A 553 21.47 -22.20 -5.88
C ILE A 553 21.60 -21.61 -4.47
N ASN A 554 22.78 -21.07 -4.15
CA ASN A 554 23.02 -20.59 -2.76
C ASN A 554 22.65 -19.12 -2.61
N LEU A 555 21.95 -18.78 -1.52
CA LEU A 555 21.60 -17.36 -1.23
C LEU A 555 22.36 -16.93 0.03
N TYR A 556 22.79 -15.66 0.10
CA TYR A 556 23.62 -15.23 1.26
C TYR A 556 23.09 -13.92 1.86
N LEU A 557 23.07 -13.84 3.19
CA LEU A 557 22.60 -12.61 3.88
C LEU A 557 23.66 -11.51 3.74
N PRO A 558 23.30 -10.22 3.91
CA PRO A 558 24.29 -9.13 3.83
C PRO A 558 25.11 -9.01 5.13
N GLU A 559 26.42 -8.76 5.01
CA GLU A 559 27.26 -8.59 6.18
C GLU A 559 26.72 -7.54 7.14
N GLU A 560 25.80 -6.69 6.69
CA GLU A 560 25.18 -5.68 7.54
C GLU A 560 23.77 -5.44 7.04
N ILE A 561 22.78 -5.64 7.92
CA ILE A 561 21.39 -5.50 7.51
C ILE A 561 21.01 -4.03 7.36
N VAL A 562 21.08 -3.29 8.46
CA VAL A 562 20.79 -1.82 8.39
C VAL A 562 21.88 -1.15 7.53
N GLY A 563 23.04 -1.80 7.40
CA GLY A 563 24.15 -1.23 6.61
C GLY A 563 23.79 -1.08 5.14
N THR A 564 23.23 -2.14 4.53
CA THR A 564 22.82 -2.08 3.11
C THR A 564 21.38 -1.57 3.01
N ILE A 565 20.42 -2.32 3.58
CA ILE A 565 19.00 -1.88 3.56
C ILE A 565 18.38 -2.15 4.93
N GLY A 566 18.33 -1.13 5.79
CA GLY A 566 17.73 -1.29 7.13
C GLY A 566 16.24 -1.19 7.09
N VAL A 567 15.59 -2.33 7.25
CA VAL A 567 14.09 -2.27 7.31
C VAL A 567 13.59 -3.09 8.51
N HIS A 568 12.68 -2.52 9.31
CA HIS A 568 12.14 -3.18 10.48
C HIS A 568 10.67 -3.50 10.26
N ASN A 569 10.32 -4.79 10.31
CA ASN A 569 8.94 -5.21 9.96
C ASN A 569 8.27 -6.00 11.10
N PRO A 570 7.84 -5.35 12.20
CA PRO A 570 7.09 -6.00 13.28
C PRO A 570 5.62 -6.22 12.91
N GLY A 571 5.39 -6.74 11.70
CA GLY A 571 4.04 -6.88 11.19
C GLY A 571 3.36 -5.53 11.01
N PHE A 572 3.90 -4.72 10.11
CA PHE A 572 3.48 -3.32 9.94
C PHE A 572 3.10 -3.03 8.49
N GLY A 573 2.41 -3.98 7.85
CA GLY A 573 2.09 -3.86 6.43
C GLY A 573 1.29 -2.64 6.07
N TRP A 574 0.58 -2.04 7.03
CA TRP A 574 -0.15 -0.80 6.75
C TRP A 574 0.78 0.32 6.38
N ALA A 575 1.84 0.54 7.18
CA ALA A 575 2.82 1.57 6.87
C ALA A 575 3.56 1.29 5.57
N GLU A 576 3.66 0.02 5.17
CA GLU A 576 4.24 -0.30 3.87
C GLU A 576 3.27 0.07 2.75
N SER A 577 1.98 -0.18 2.98
CA SER A 577 0.96 0.21 1.97
C SER A 577 0.89 1.73 1.89
N LEU A 578 1.00 2.41 3.03
CA LEU A 578 1.02 3.91 3.04
C LEU A 578 2.44 4.38 2.73
N PHE A 579 2.92 4.13 1.51
CA PHE A 579 4.29 4.56 1.12
C PHE A 579 4.22 5.48 -0.09
N GLY A 580 4.87 6.65 -0.01
CA GLY A 580 4.89 7.57 -1.13
C GLY A 580 3.56 8.11 -1.57
N LEU A 581 2.56 8.11 -0.68
CA LEU A 581 1.24 8.63 -1.06
C LEU A 581 1.29 10.14 -1.23
N HIS A 582 1.57 10.84 -0.12
CA HIS A 582 1.72 12.32 -0.13
C HIS A 582 3.23 12.62 -0.10
N MET A 583 3.89 12.59 -1.26
CA MET A 583 5.33 12.78 -1.35
C MET A 583 5.64 14.22 -1.75
N GLY A 584 6.63 14.81 -1.10
CA GLY A 584 7.04 16.17 -1.40
C GLY A 584 6.01 17.23 -1.10
N LYS A 585 5.31 17.11 0.03
CA LYS A 585 4.34 18.10 0.47
C LYS A 585 4.60 18.46 1.92
N VAL A 586 4.33 19.71 2.26
CA VAL A 586 4.55 20.23 3.60
C VAL A 586 3.21 20.34 4.32
N ALA A 587 3.15 19.79 5.54
CA ALA A 587 1.92 19.75 6.32
C ALA A 587 2.13 20.43 7.66
N LEU A 588 1.14 21.21 8.08
CA LEU A 588 1.15 21.88 9.37
C LEU A 588 0.12 21.24 10.27
N ILE A 589 0.56 20.74 11.43
CA ILE A 589 -0.37 20.02 12.34
C ILE A 589 -0.50 20.81 13.65
N THR A 590 -1.71 20.89 14.20
CA THR A 590 -1.94 21.61 15.47
C THR A 590 -2.19 20.60 16.60
N GLY A 591 -1.47 20.73 17.73
CA GLY A 591 -1.62 19.79 18.85
C GLY A 591 -1.18 18.39 18.46
N GLY A 592 -0.23 18.27 17.53
CA GLY A 592 0.25 16.96 17.06
C GLY A 592 1.34 16.39 17.95
N SER A 593 1.16 16.46 19.28
CA SER A 593 2.14 15.92 20.20
C SER A 593 1.69 14.64 20.88
N ALA A 594 0.39 14.46 21.07
CA ALA A 594 -0.16 13.26 21.68
C ALA A 594 -1.64 13.17 21.36
N GLY A 595 -2.05 12.02 20.84
CA GLY A 595 -3.46 11.81 20.52
C GLY A 595 -3.69 11.42 19.08
N ILE A 596 -4.84 11.83 18.52
CA ILE A 596 -5.14 11.51 17.10
C ILE A 596 -4.17 12.28 16.21
N GLY A 597 -3.95 13.57 16.50
CA GLY A 597 -3.09 14.37 15.63
C GLY A 597 -1.67 13.86 15.58
N GLY A 598 -1.15 13.37 16.70
CA GLY A 598 0.18 12.77 16.68
C GLY A 598 0.25 11.57 15.78
N GLN A 599 -0.78 10.73 15.79
CA GLN A 599 -0.80 9.55 14.92
C GLN A 599 -0.95 9.95 13.45
N ILE A 600 -1.74 10.98 13.18
CA ILE A 600 -1.85 11.47 11.81
C ILE A 600 -0.50 11.98 11.33
N GLY A 601 0.21 12.72 12.19
CA GLY A 601 1.55 13.18 11.82
C GLY A 601 2.51 12.03 11.60
N ARG A 602 2.42 11.00 12.45
CA ARG A 602 3.30 9.82 12.31
C ARG A 602 3.04 9.16 10.94
N LEU A 603 1.78 8.92 10.59
CA LEU A 603 1.48 8.22 9.35
C LEU A 603 1.74 9.11 8.13
N LEU A 604 1.64 10.42 8.28
CA LEU A 604 1.95 11.33 7.18
C LEU A 604 3.45 11.40 6.93
N ALA A 605 4.25 11.46 8.00
CA ALA A 605 5.70 11.41 7.84
C ALA A 605 6.15 10.09 7.23
N LEU A 606 5.52 8.98 7.66
CA LEU A 606 5.80 7.70 7.02
C LEU A 606 5.32 7.68 5.58
N SER A 607 4.31 8.49 5.25
CA SER A 607 3.82 8.55 3.88
C SER A 607 4.85 9.22 2.97
N GLY A 608 5.50 10.28 3.45
CA GLY A 608 6.51 10.95 2.66
C GLY A 608 6.46 12.46 2.74
N ALA A 609 5.36 12.99 3.29
CA ALA A 609 5.17 14.43 3.36
C ALA A 609 6.09 15.05 4.40
N HIS A 610 6.05 16.37 4.48
CA HIS A 610 6.77 17.14 5.48
C HIS A 610 5.78 17.62 6.53
N VAL A 611 6.14 17.47 7.80
CA VAL A 611 5.23 17.76 8.90
C VAL A 611 5.85 18.82 9.80
N MET A 612 4.97 19.57 10.47
CA MET A 612 5.39 20.64 11.38
C MET A 612 4.52 20.52 12.63
N LEU A 613 5.04 19.87 13.65
CA LEU A 613 4.27 19.59 14.86
C LEU A 613 4.33 20.77 15.82
N ALA A 614 3.17 21.22 16.27
CA ALA A 614 3.06 22.35 17.20
C ALA A 614 2.07 22.01 18.30
N ALA A 615 2.49 22.20 19.55
CA ALA A 615 1.62 21.97 20.69
C ALA A 615 2.04 22.92 21.81
N ARG A 616 1.58 22.64 23.03
CA ARG A 616 1.79 23.52 24.17
C ARG A 616 2.98 23.14 25.03
N ASN A 617 3.55 21.95 24.84
CA ASN A 617 4.67 21.48 25.64
C ASN A 617 5.83 21.09 24.74
N ALA A 618 7.04 21.17 25.28
CA ALA A 618 8.26 20.95 24.49
C ALA A 618 8.71 19.50 24.50
N ASP A 619 8.86 18.92 25.69
CA ASP A 619 9.44 17.58 25.81
C ASP A 619 8.56 16.52 25.15
N GLN A 620 7.24 16.67 25.26
CA GLN A 620 6.34 15.66 24.71
C GLN A 620 6.51 15.53 23.20
N LEU A 621 6.42 16.64 22.47
CA LEU A 621 6.59 16.54 21.03
C LEU A 621 8.05 16.39 20.62
N GLU A 622 8.99 16.74 21.51
CA GLU A 622 10.40 16.43 21.23
C GLU A 622 10.61 14.92 21.17
N GLN A 623 10.19 14.20 22.21
CA GLN A 623 10.32 12.75 22.16
C GLN A 623 9.42 12.14 21.09
N MET A 624 8.29 12.80 20.80
CA MET A 624 7.40 12.28 19.75
C MET A 624 8.07 12.37 18.39
N ARG A 625 8.70 13.50 18.08
CA ARG A 625 9.39 13.63 16.80
C ARG A 625 10.62 12.73 16.75
N ALA A 626 11.26 12.50 17.90
CA ALA A 626 12.35 11.53 17.94
C ALA A 626 11.84 10.14 17.55
N SER A 627 10.69 9.74 18.11
CA SER A 627 10.10 8.45 17.75
C SER A 627 9.72 8.42 16.27
N ILE A 628 9.17 9.52 15.75
CA ILE A 628 8.77 9.55 14.35
C ILE A 628 9.98 9.41 13.43
N VAL A 629 11.03 10.18 13.68
CA VAL A 629 12.21 10.11 12.81
C VAL A 629 12.91 8.75 12.98
N ARG A 630 12.76 8.11 14.14
CA ARG A 630 13.22 6.73 14.25
C ARG A 630 12.39 5.81 13.38
N GLU A 631 11.08 6.06 13.30
CA GLU A 631 10.23 5.28 12.40
C GLU A 631 10.62 5.51 10.94
N VAL A 632 10.94 6.75 10.58
CA VAL A 632 11.48 7.07 9.26
C VAL A 632 12.93 6.57 9.24
N ARG A 633 13.53 6.55 8.06
CA ARG A 633 14.83 5.96 7.71
C ARG A 633 14.73 4.44 7.60
N ASP A 634 13.60 3.84 7.98
CA ASP A 634 13.30 2.47 7.64
C ASP A 634 12.50 2.35 6.36
N ALA A 635 11.92 3.46 5.89
CA ALA A 635 11.26 3.55 4.60
C ALA A 635 12.18 4.01 3.48
N SER A 636 13.46 4.23 3.79
CA SER A 636 14.46 4.72 2.83
C SER A 636 14.06 6.08 2.27
N TYR A 637 13.92 7.04 3.18
CA TYR A 637 13.65 8.42 2.82
C TYR A 637 14.90 9.27 3.01
N PRO A 638 15.42 9.90 1.97
CA PRO A 638 16.68 10.63 2.11
C PRO A 638 16.55 11.86 2.99
N ASP A 639 17.65 12.19 3.66
CA ASP A 639 17.79 13.42 4.44
C ASP A 639 16.70 13.54 5.50
N ALA A 640 16.73 12.62 6.46
CA ALA A 640 15.79 12.66 7.58
C ALA A 640 16.19 13.76 8.55
N GLU A 641 15.45 13.85 9.66
CA GLU A 641 15.74 14.86 10.73
C GLU A 641 15.21 16.24 10.31
N SER A 642 14.91 16.43 9.03
CA SER A 642 14.42 17.71 8.55
C SER A 642 12.97 17.67 8.10
N ARG A 643 12.42 16.47 7.90
CA ARG A 643 11.00 16.32 7.47
C ARG A 643 10.08 16.74 8.61
N VAL A 644 10.54 16.62 9.86
CA VAL A 644 9.75 16.98 11.02
C VAL A 644 10.24 18.34 11.53
N ALA A 645 9.58 18.87 12.54
CA ALA A 645 9.89 20.23 12.96
C ALA A 645 9.54 20.39 14.43
N ILE A 646 9.51 21.64 14.89
CA ILE A 646 9.48 21.98 16.31
C ILE A 646 8.78 23.32 16.49
N PHE A 647 7.87 23.40 17.46
CA PHE A 647 7.32 24.68 17.89
C PHE A 647 6.68 24.56 19.26
N PRO A 648 7.46 24.59 20.34
CA PRO A 648 6.89 24.55 21.68
C PRO A 648 6.32 25.90 22.09
N GLY A 649 5.48 25.86 23.12
CA GLY A 649 4.82 27.07 23.57
C GLY A 649 3.87 27.67 22.56
N SER A 650 3.47 26.89 21.56
CA SER A 650 2.57 27.36 20.51
C SER A 650 1.11 27.21 20.95
N ASP A 651 0.77 27.95 21.99
CA ASP A 651 -0.62 28.00 22.46
C ASP A 651 -1.50 28.48 21.31
N VAL A 652 -2.67 27.85 21.17
CA VAL A 652 -3.53 28.07 20.01
C VAL A 652 -4.67 29.02 20.32
N SER A 653 -4.83 29.44 21.58
CA SER A 653 -5.99 30.29 21.96
C SER A 653 -5.75 31.78 21.67
N ASP A 654 -4.52 32.17 21.34
CA ASP A 654 -4.19 33.57 21.11
C ASP A 654 -4.10 33.81 19.60
N ILE A 655 -5.05 34.59 19.07
CA ILE A 655 -5.07 34.85 17.64
C ILE A 655 -3.87 35.71 17.23
N ASP A 656 -3.56 36.74 18.02
CA ASP A 656 -2.43 37.61 17.71
C ASP A 656 -1.12 36.84 17.76
N GLY A 657 -1.01 35.84 18.63
CA GLY A 657 0.19 35.03 18.71
C GLY A 657 0.49 34.24 17.46
N LEU A 658 -0.49 34.11 16.57
CA LEU A 658 -0.29 33.45 15.29
C LEU A 658 0.46 34.40 14.36
N GLU A 659 0.56 34.01 13.08
CA GLU A 659 1.30 34.69 12.02
C GLU A 659 2.81 34.59 12.21
N ARG A 660 3.27 34.03 13.32
CA ARG A 660 4.67 33.65 13.49
C ARG A 660 4.90 32.16 13.23
N LEU A 661 3.87 31.35 13.46
CA LEU A 661 3.91 29.94 13.07
C LEU A 661 4.06 29.81 11.55
N VAL A 662 3.30 30.61 10.80
CA VAL A 662 3.32 30.51 9.34
C VAL A 662 4.65 31.00 8.78
N ASN A 663 5.20 32.07 9.35
CA ASN A 663 6.48 32.57 8.87
C ASN A 663 7.59 31.56 9.10
N HIS A 664 7.61 30.92 10.27
CA HIS A 664 8.58 29.86 10.54
C HIS A 664 8.38 28.69 9.58
N THR A 665 7.12 28.30 9.35
CA THR A 665 6.84 27.18 8.46
C THR A 665 7.33 27.45 7.04
N VAL A 666 7.11 28.67 6.54
CA VAL A 666 7.57 28.99 5.19
C VAL A 666 9.06 29.29 5.15
N ARG A 667 9.68 29.59 6.29
CA ARG A 667 11.14 29.74 6.28
C ARG A 667 11.85 28.40 6.20
N VAL A 668 11.36 27.42 6.96
CA VAL A 668 12.03 26.08 7.01
C VAL A 668 11.66 25.25 5.77
N PHE A 669 10.44 25.40 5.26
CA PHE A 669 9.98 24.57 4.15
C PHE A 669 9.67 25.35 2.89
N GLY A 670 8.95 26.47 2.99
CA GLY A 670 8.68 27.34 1.86
C GLY A 670 7.22 27.59 1.57
N LYS A 671 6.33 26.68 1.96
CA LYS A 671 4.93 26.78 1.59
C LYS A 671 4.10 25.99 2.60
N VAL A 672 2.82 25.84 2.32
CA VAL A 672 1.93 24.96 3.07
C VAL A 672 0.98 24.31 2.08
N ASP A 673 0.84 22.99 2.16
CA ASP A 673 -0.07 22.24 1.29
C ASP A 673 -1.13 21.48 2.07
N TYR A 674 -0.81 20.98 3.26
CA TYR A 674 -1.76 20.27 4.11
C TYR A 674 -1.91 21.02 5.42
N LEU A 675 -3.14 21.34 5.78
CA LEU A 675 -3.46 22.01 7.05
C LEU A 675 -4.43 21.12 7.80
N ILE A 676 -3.99 20.58 8.94
CA ILE A 676 -4.85 19.62 9.71
C ILE A 676 -5.75 20.37 10.70
N ASN A 677 -5.17 21.26 11.50
CA ASN A 677 -5.97 21.97 12.54
C ASN A 677 -6.61 20.94 13.47
N ASN A 678 -5.79 20.07 14.08
CA ASN A 678 -6.30 19.00 14.98
C ASN A 678 -6.31 19.50 16.43
N ALA A 679 -5.82 20.72 16.67
CA ALA A 679 -5.74 21.25 18.06
C ALA A 679 -7.15 21.37 18.65
N GLY A 680 -7.28 21.19 19.97
CA GLY A 680 -8.59 21.30 20.63
C GLY A 680 -8.52 21.01 22.11
N ILE A 681 -9.27 21.75 22.93
CA ILE A 681 -9.30 21.52 24.38
C ILE A 681 -10.62 20.89 24.75
N ALA A 682 -10.60 20.12 25.84
CA ALA A 682 -11.80 19.45 26.34
C ALA A 682 -12.84 20.44 26.86
N GLY A 683 -12.48 21.70 27.06
CA GLY A 683 -13.41 22.68 27.57
C GLY A 683 -13.50 22.64 29.09
N ALA A 684 -14.44 23.44 29.59
CA ALA A 684 -14.65 23.51 31.04
C ALA A 684 -15.23 22.24 31.62
N GLU A 685 -15.73 21.35 30.75
CA GLU A 685 -16.41 20.11 31.22
C GLU A 685 -17.49 20.50 32.23
N GLU A 686 -18.02 21.72 32.11
CA GLU A 686 -19.10 22.21 33.01
C GLU A 686 -20.39 22.40 32.22
N MET A 687 -21.54 22.32 32.88
CA MET A 687 -22.85 22.47 32.19
C MET A 687 -23.03 23.93 31.74
N VAL A 688 -23.98 24.19 30.85
CA VAL A 688 -24.15 25.57 30.32
C VAL A 688 -24.47 26.51 31.49
N ILE A 689 -25.43 26.14 32.33
CA ILE A 689 -25.88 27.00 33.46
C ILE A 689 -24.69 27.58 34.23
N ASP A 690 -23.77 26.74 34.72
CA ASP A 690 -22.70 27.24 35.58
C ASP A 690 -21.49 27.72 34.81
N MET A 691 -21.54 27.74 33.48
CA MET A 691 -20.36 28.06 32.67
C MET A 691 -19.94 29.52 32.89
N PRO A 692 -18.64 29.82 32.88
CA PRO A 692 -18.19 31.21 32.79
C PRO A 692 -17.94 31.63 31.36
N VAL A 693 -18.22 32.90 31.07
CA VAL A 693 -18.09 33.39 29.66
C VAL A 693 -16.64 33.24 29.21
N ASP A 694 -15.67 33.59 30.06
CA ASP A 694 -14.28 33.54 29.62
C ASP A 694 -13.88 32.14 29.18
N ALA A 695 -14.36 31.11 29.88
CA ALA A 695 -14.09 29.74 29.46
C ALA A 695 -14.68 29.44 28.09
N TRP A 696 -15.91 29.90 27.85
CA TRP A 696 -16.54 29.70 26.55
C TRP A 696 -15.76 30.41 25.44
N ARG A 697 -15.33 31.65 25.69
CA ARG A 697 -14.58 32.38 24.69
C ARG A 697 -13.23 31.71 24.41
N HIS A 698 -12.57 31.23 25.46
CA HIS A 698 -11.30 30.51 25.28
C HIS A 698 -11.51 29.25 24.47
N THR A 699 -12.57 28.49 24.77
CA THR A 699 -12.86 27.28 24.02
C THR A 699 -13.11 27.58 22.55
N LEU A 700 -13.93 28.58 22.26
CA LEU A 700 -14.24 28.92 20.88
C LEU A 700 -13.00 29.41 20.14
N ARG A 701 -12.17 30.22 20.79
CA ARG A 701 -10.98 30.75 20.13
C ARG A 701 -9.96 29.64 19.85
N ALA A 702 -9.66 28.81 20.86
CA ALA A 702 -8.72 27.73 20.67
C ALA A 702 -9.28 26.59 19.82
N ASN A 703 -10.57 26.64 19.48
CA ASN A 703 -11.17 25.49 18.76
C ASN A 703 -11.71 25.89 17.38
N LEU A 704 -12.38 27.03 17.26
CA LEU A 704 -13.01 27.39 16.00
C LEU A 704 -12.24 28.47 15.22
N ILE A 705 -12.02 29.62 15.84
CA ILE A 705 -11.42 30.76 15.13
C ILE A 705 -10.00 30.44 14.68
N SER A 706 -9.30 29.57 15.42
CA SER A 706 -7.94 29.20 15.06
C SER A 706 -7.87 28.45 13.74
N ASN A 707 -9.00 27.94 13.26
CA ASN A 707 -9.02 27.23 11.95
C ASN A 707 -9.02 28.27 10.82
N TYR A 708 -9.96 29.22 10.86
CA TYR A 708 -10.05 30.24 9.83
C TYR A 708 -8.86 31.18 9.86
N ALA A 709 -8.27 31.43 11.03
CA ALA A 709 -7.10 32.29 11.07
C ALA A 709 -5.98 31.75 10.17
N LEU A 710 -5.63 30.48 10.36
CA LEU A 710 -4.59 29.87 9.53
C LEU A 710 -5.03 29.72 8.09
N LEU A 711 -6.31 29.35 7.87
CA LEU A 711 -6.79 29.17 6.50
C LEU A 711 -6.70 30.47 5.72
N ARG A 712 -7.13 31.58 6.32
CA ARG A 712 -7.04 32.88 5.66
C ARG A 712 -5.60 33.33 5.50
N ARG A 713 -4.76 33.09 6.51
CA ARG A 713 -3.36 33.50 6.40
C ARG A 713 -2.59 32.70 5.36
N LEU A 714 -3.12 31.54 4.94
CA LEU A 714 -2.35 30.67 4.01
C LEU A 714 -3.00 30.59 2.63
N ALA A 715 -4.28 30.98 2.50
CA ALA A 715 -4.97 30.79 1.22
C ALA A 715 -4.32 31.45 0.02
N PRO A 716 -3.81 32.69 0.08
CA PRO A 716 -3.28 33.31 -1.15
C PRO A 716 -2.19 32.50 -1.83
N GLN A 717 -1.30 31.89 -1.04
CA GLN A 717 -0.24 31.03 -1.62
C GLN A 717 -0.83 29.67 -2.00
N MET A 718 -1.79 29.18 -1.23
CA MET A 718 -2.38 27.87 -1.49
C MET A 718 -3.10 27.84 -2.82
N LYS A 719 -3.72 28.97 -3.22
CA LYS A 719 -4.37 29.04 -4.51
C LYS A 719 -3.38 28.86 -5.65
N ALA A 720 -2.21 29.50 -5.55
CA ALA A 720 -1.18 29.34 -6.56
C ALA A 720 -0.47 28.01 -6.47
N ALA A 721 -0.59 27.30 -5.34
CA ALA A 721 0.01 25.97 -5.23
C ALA A 721 -0.67 24.98 -6.16
N GLY A 722 -1.98 24.79 -5.97
CA GLY A 722 -2.78 23.94 -6.83
C GLY A 722 -3.15 22.59 -6.24
N GLY A 723 -2.35 22.07 -5.31
CA GLY A 723 -2.67 20.80 -4.68
C GLY A 723 -3.04 20.98 -3.22
N ALA A 724 -3.74 22.06 -2.93
CA ALA A 724 -4.04 22.43 -1.56
C ALA A 724 -5.12 21.53 -0.96
N TYR A 725 -4.99 21.28 0.34
CA TYR A 725 -5.95 20.48 1.10
C TYR A 725 -5.91 20.95 2.55
N VAL A 726 -7.07 21.26 3.11
CA VAL A 726 -7.20 21.63 4.51
C VAL A 726 -8.14 20.64 5.19
N LEU A 727 -7.56 19.75 6.00
CA LEU A 727 -8.36 18.84 6.79
C LEU A 727 -8.90 19.54 8.03
N ASN A 728 -9.90 18.92 8.64
CA ASN A 728 -10.56 19.53 9.81
C ASN A 728 -11.00 18.39 10.73
N VAL A 729 -10.20 18.12 11.76
CA VAL A 729 -10.55 17.08 12.71
C VAL A 729 -11.67 17.57 13.61
N SER A 730 -12.76 16.80 13.68
CA SER A 730 -13.89 17.11 14.53
C SER A 730 -14.23 15.92 15.40
N SER A 731 -15.38 15.96 16.07
CA SER A 731 -15.84 14.86 16.89
C SER A 731 -17.24 14.46 16.45
N TYR A 732 -17.49 13.15 16.42
CA TYR A 732 -18.78 12.65 15.97
C TYR A 732 -19.90 13.02 16.94
N PHE A 733 -19.56 13.32 18.21
CA PHE A 733 -20.54 13.82 19.15
C PHE A 733 -20.90 15.28 18.91
N GLY A 734 -20.16 15.98 18.04
CA GLY A 734 -20.53 17.34 17.69
C GLY A 734 -21.86 17.39 16.94
N GLY A 735 -22.04 16.51 15.97
CA GLY A 735 -23.28 16.45 15.24
C GLY A 735 -23.10 15.75 13.91
N GLU A 736 -24.12 15.87 13.08
CA GLU A 736 -24.12 15.34 11.73
C GLU A 736 -25.09 16.16 10.90
N LYS A 737 -24.96 16.06 9.58
CA LYS A 737 -25.78 16.85 8.68
C LYS A 737 -27.26 16.51 8.87
N TYR A 738 -28.08 17.54 9.00
CA TYR A 738 -29.54 17.50 9.19
C TYR A 738 -29.96 16.92 10.53
N VAL A 739 -29.03 16.47 11.38
CA VAL A 739 -29.36 15.95 12.71
C VAL A 739 -28.35 16.50 13.72
N ALA A 740 -28.81 17.41 14.57
CA ALA A 740 -27.98 17.94 15.65
C ALA A 740 -28.16 17.04 16.87
N ILE A 741 -27.20 16.13 17.06
CA ILE A 741 -27.32 15.15 18.17
C ILE A 741 -26.88 15.79 19.49
N PRO A 742 -27.46 15.39 20.64
CA PRO A 742 -27.09 15.96 21.94
C PRO A 742 -25.81 15.36 22.49
N TYR A 743 -25.22 16.10 23.43
CA TYR A 743 -23.98 15.68 24.09
C TYR A 743 -23.87 16.44 25.41
N PRO A 744 -24.61 16.04 26.44
CA PRO A 744 -24.72 16.88 27.64
C PRO A 744 -23.41 17.05 28.37
N ASN A 745 -23.32 18.16 29.11
CA ASN A 745 -22.18 18.55 29.95
C ASN A 745 -20.94 18.95 29.16
N ARG A 746 -21.02 18.98 27.83
CA ARG A 746 -19.90 19.38 26.99
C ARG A 746 -20.39 20.32 25.87
N SER A 747 -21.16 21.32 26.25
CA SER A 747 -21.84 22.17 25.25
C SER A 747 -20.85 22.89 24.35
N ASP A 748 -19.80 23.48 24.93
CA ASP A 748 -18.82 24.18 24.10
C ASP A 748 -18.09 23.22 23.17
N TYR A 749 -17.77 22.03 23.66
CA TYR A 749 -17.13 21.01 22.85
C TYR A 749 -18.04 20.47 21.76
N ALA A 750 -19.33 20.77 21.84
CA ALA A 750 -20.30 20.26 20.84
C ALA A 750 -20.52 21.34 19.76
N VAL A 751 -20.86 22.56 20.18
CA VAL A 751 -21.16 23.65 19.20
C VAL A 751 -19.91 23.91 18.35
N SER A 752 -18.75 24.05 18.99
CA SER A 752 -17.48 24.34 18.25
C SER A 752 -17.20 23.20 17.27
N LYS A 753 -17.23 21.96 17.73
CA LYS A 753 -16.94 20.82 16.88
C LYS A 753 -17.91 20.71 15.71
N ALA A 754 -19.13 21.21 15.87
CA ALA A 754 -20.03 21.31 14.73
C ALA A 754 -19.64 22.47 13.82
N GLY A 755 -19.15 23.58 14.41
CA GLY A 755 -18.68 24.68 13.60
C GLY A 755 -17.51 24.30 12.70
N GLN A 756 -16.69 23.35 13.14
CA GLN A 756 -15.51 22.95 12.38
C GLN A 756 -15.86 22.19 11.11
N ARG A 757 -17.09 21.67 11.00
CA ARG A 757 -17.59 21.14 9.74
C ARG A 757 -18.56 22.08 9.05
N ALA A 758 -19.21 22.95 9.82
CA ALA A 758 -20.09 23.96 9.23
C ALA A 758 -19.32 24.94 8.36
N MET A 759 -18.09 25.28 8.77
CA MET A 759 -17.22 26.17 7.96
C MET A 759 -16.73 25.41 6.74
N VAL A 760 -16.57 24.09 6.86
CA VAL A 760 -16.05 23.26 5.78
C VAL A 760 -17.07 23.08 4.67
N GLU A 761 -18.31 22.77 5.02
CA GLU A 761 -19.35 22.56 4.01
C GLU A 761 -20.04 23.86 3.58
N SER A 762 -19.52 25.02 4.00
CA SER A 762 -20.09 26.29 3.60
C SER A 762 -19.18 27.12 2.70
N LEU A 763 -17.88 26.85 2.66
CA LEU A 763 -16.96 27.56 1.79
C LEU A 763 -16.15 26.58 0.94
N ALA A 764 -16.79 25.47 0.56
CA ALA A 764 -16.18 24.53 -0.38
C ALA A 764 -16.48 24.89 -1.82
N ARG A 765 -17.61 25.56 -2.07
CA ARG A 765 -17.94 26.03 -3.41
C ARG A 765 -17.10 27.24 -3.82
N PHE A 766 -16.66 28.05 -2.86
CA PHE A 766 -15.97 29.29 -3.17
C PHE A 766 -14.46 29.11 -3.29
N LEU A 767 -13.89 28.23 -2.47
CA LEU A 767 -12.43 27.96 -2.52
C LEU A 767 -12.04 27.62 -3.97
N GLY A 768 -12.89 26.88 -4.67
CA GLY A 768 -12.62 26.53 -6.04
C GLY A 768 -11.91 25.20 -6.23
N PRO A 769 -11.51 24.92 -7.47
CA PRO A 769 -10.86 23.65 -7.80
C PRO A 769 -9.39 23.57 -7.42
N GLU A 770 -8.91 24.55 -6.66
CA GLU A 770 -7.46 24.59 -6.28
C GLU A 770 -7.26 23.88 -4.94
N ILE A 771 -8.18 24.05 -4.00
CA ILE A 771 -8.00 23.46 -2.64
C ILE A 771 -9.19 22.56 -2.31
N GLN A 772 -8.94 21.43 -1.66
CA GLN A 772 -10.03 20.51 -1.24
C GLN A 772 -10.21 20.59 0.27
N ILE A 773 -11.43 20.90 0.72
CA ILE A 773 -11.70 21.04 2.18
C ILE A 773 -12.60 19.89 2.63
N ASN A 774 -12.34 19.32 3.82
CA ASN A 774 -13.12 18.19 4.30
C ASN A 774 -13.16 18.24 5.82
N ALA A 775 -13.68 17.17 6.42
CA ALA A 775 -13.76 17.06 7.87
C ALA A 775 -13.66 15.59 8.26
N ILE A 776 -13.50 15.40 9.57
CA ILE A 776 -13.32 14.04 10.13
C ILE A 776 -14.10 13.99 11.45
N ALA A 777 -14.90 12.95 11.67
CA ALA A 777 -15.75 12.85 12.85
C ALA A 777 -15.61 11.48 13.50
N PRO A 778 -14.53 11.25 14.24
CA PRO A 778 -14.42 10.01 15.03
C PRO A 778 -15.30 10.06 16.26
N GLY A 779 -15.67 8.88 16.75
CA GLY A 779 -16.50 8.77 17.93
C GLY A 779 -15.69 8.46 19.18
N PRO A 780 -15.96 7.33 19.87
CA PRO A 780 -15.16 6.92 21.02
C PRO A 780 -13.77 6.50 20.53
N VAL A 781 -12.86 7.47 20.36
CA VAL A 781 -11.49 7.16 19.86
C VAL A 781 -10.87 6.07 20.74
N GLU A 782 -11.40 5.91 21.97
CA GLU A 782 -10.89 4.86 22.88
C GLU A 782 -9.36 4.97 22.97
N GLY A 783 -8.66 3.84 22.85
CA GLY A 783 -7.19 3.84 22.93
C GLY A 783 -6.61 2.47 22.64
N GLU A 784 -5.28 2.35 22.64
CA GLU A 784 -4.61 1.04 22.39
C GLU A 784 -5.40 -0.07 23.09
N GLY A 794 -7.76 8.81 37.34
CA GLY A 794 -8.48 8.40 36.16
C GLY A 794 -9.51 9.41 35.69
N LEU A 795 -9.63 9.55 34.37
CA LEU A 795 -10.61 10.49 33.81
C LEU A 795 -12.04 10.07 34.16
N PHE A 796 -12.33 8.77 34.08
CA PHE A 796 -13.66 8.28 34.43
C PHE A 796 -13.98 8.58 35.90
N MET A 797 -12.97 8.51 36.77
CA MET A 797 -13.18 8.86 38.17
C MET A 797 -13.58 10.32 38.31
N ARG A 798 -12.91 11.21 37.56
CA ARG A 798 -13.27 12.62 37.59
C ARG A 798 -14.69 12.85 37.07
N ARG A 799 -15.06 12.15 35.98
CA ARG A 799 -16.41 12.28 35.46
C ARG A 799 -17.45 11.82 36.47
N ALA A 800 -17.20 10.69 37.14
CA ALA A 800 -18.14 10.19 38.14
C ALA A 800 -18.26 11.16 39.32
N ARG A 801 -17.13 11.70 39.78
CA ARG A 801 -17.17 12.69 40.85
C ARG A 801 -17.97 13.91 40.42
N LEU A 802 -17.79 14.35 39.18
CA LEU A 802 -18.56 15.48 38.67
C LEU A 802 -20.05 15.17 38.65
N ILE A 803 -20.43 13.97 38.20
CA ILE A 803 -21.84 13.61 38.18
C ILE A 803 -22.43 13.63 39.59
N LEU A 804 -21.70 13.09 40.57
CA LEU A 804 -22.20 13.11 41.94
C LEU A 804 -22.34 14.54 42.46
N GLU A 805 -21.35 15.39 42.18
CA GLU A 805 -21.41 16.78 42.64
C GLU A 805 -22.60 17.51 42.01
N ASN A 806 -22.81 17.34 40.71
CA ASN A 806 -23.97 17.96 40.08
C ASN A 806 -25.28 17.43 40.66
N LYS A 807 -25.36 16.11 40.92
CA LYS A 807 -26.59 15.56 41.49
C LYS A 807 -26.89 16.21 42.85
N ARG A 808 -25.85 16.37 43.66
CA ARG A 808 -26.04 17.07 44.96
C ARG A 808 -26.49 18.50 44.69
N LEU A 809 -25.94 19.14 43.64
CA LEU A 809 -26.26 20.53 43.37
C LEU A 809 -27.73 20.69 42.98
N ASN A 810 -28.23 19.81 42.09
CA ASN A 810 -29.64 19.94 41.73
C ASN A 810 -30.55 19.54 42.88
N GLU A 811 -30.11 18.61 43.73
CA GLU A 811 -30.92 18.28 44.90
C GLU A 811 -31.12 19.51 45.78
N VAL A 812 -30.02 20.20 46.10
CA VAL A 812 -30.14 21.37 46.97
C VAL A 812 -30.88 22.50 46.27
N PHE A 813 -30.63 22.67 44.97
CA PHE A 813 -31.32 23.72 44.22
C PHE A 813 -32.83 23.48 44.18
N ALA A 814 -33.25 22.23 43.95
CA ALA A 814 -34.66 21.89 43.95
C ALA A 814 -35.27 22.12 45.33
N ALA A 815 -34.55 21.75 46.39
CA ALA A 815 -35.05 22.01 47.73
C ALA A 815 -35.25 23.51 47.96
N LEU A 816 -34.27 24.30 47.53
CA LEU A 816 -34.36 25.79 47.69
C LEU A 816 -35.64 26.30 47.02
N LEU A 817 -35.76 26.11 45.71
CA LEU A 817 -36.93 26.65 44.96
C LEU A 817 -38.22 26.12 45.59
N ALA A 818 -38.29 24.80 45.82
CA ALA A 818 -39.48 24.20 46.45
C ALA A 818 -39.85 25.02 47.69
N ALA A 819 -38.85 25.34 48.52
CA ALA A 819 -39.09 26.15 49.71
C ALA A 819 -39.55 27.55 49.34
N ARG A 820 -38.93 28.16 48.33
CA ARG A 820 -39.33 29.49 47.88
C ARG A 820 -40.73 29.48 47.28
N HIS A 821 -41.17 28.33 46.75
CA HIS A 821 -42.41 28.27 46.00
C HIS A 821 -43.65 28.55 46.85
N GLU A 822 -43.56 28.34 48.18
CA GLU A 822 -44.73 28.49 49.06
C GLU A 822 -44.38 29.39 50.23
N GLY A 823 -44.50 30.71 50.02
CA GLY A 823 -44.46 31.68 51.11
C GLY A 823 -43.22 31.64 51.98
N ALA A 824 -42.05 31.53 51.37
CA ALA A 824 -40.79 31.51 52.13
C ALA A 824 -39.71 32.17 51.31
N THR A 825 -39.13 33.25 51.85
CA THR A 825 -38.05 33.94 51.18
C THR A 825 -36.72 33.21 51.41
N ILE A 826 -35.70 33.67 50.70
CA ILE A 826 -34.38 33.03 50.76
C ILE A 826 -33.45 33.72 51.75
N ALA A 827 -33.64 35.00 52.05
CA ALA A 827 -32.71 35.75 52.88
C ALA A 827 -32.56 35.13 54.26
N ASP A 828 -33.62 34.54 54.80
CA ASP A 828 -33.57 33.91 56.11
C ASP A 828 -33.08 32.47 56.06
N LEU A 829 -32.80 31.94 54.87
CA LEU A 829 -32.33 30.57 54.73
C LEU A 829 -30.83 30.44 54.63
N LEU A 830 -30.12 31.53 54.32
CA LEU A 830 -28.66 31.46 54.18
C LEU A 830 -27.94 31.02 55.46
N PRO A 831 -28.22 31.59 56.65
CA PRO A 831 -27.41 31.24 57.83
C PRO A 831 -27.44 29.76 58.20
N ASP A 832 -28.64 29.24 58.46
CA ASP A 832 -28.75 27.84 58.94
C ASP A 832 -28.31 26.86 57.84
N LEU A 833 -28.73 27.09 56.59
CA LEU A 833 -28.44 26.12 55.53
C LEU A 833 -26.93 26.03 55.27
N PHE A 834 -26.24 27.16 55.22
CA PHE A 834 -24.81 27.18 54.91
C PHE A 834 -23.99 26.75 56.14
N ALA A 835 -24.28 25.54 56.59
CA ALA A 835 -23.61 24.94 57.74
C ALA A 835 -23.93 23.45 57.74
N ASN A 836 -23.15 22.70 58.52
CA ASN A 836 -23.35 21.25 58.66
C ASN A 836 -24.55 20.99 59.57
N ASP A 837 -25.73 21.31 59.05
CA ASP A 837 -26.97 21.19 59.80
C ASP A 837 -27.92 20.15 59.22
N ILE A 838 -28.24 20.24 57.93
CA ILE A 838 -29.21 19.32 57.34
C ILE A 838 -28.70 17.89 57.40
N GLN A 839 -27.43 17.69 57.08
CA GLN A 839 -26.84 16.35 57.14
C GLN A 839 -26.47 15.92 58.55
N SER A 840 -26.60 16.81 59.53
CA SER A 840 -26.30 16.50 60.92
C SER A 840 -27.53 16.52 61.81
N ILE A 841 -28.28 17.62 61.80
CA ILE A 841 -29.48 17.77 62.63
C ILE A 841 -30.61 18.18 61.69
N ALA A 842 -31.37 17.21 61.21
CA ALA A 842 -32.47 17.45 60.27
C ALA A 842 -33.78 17.76 60.99
N ASN A 843 -33.80 17.77 62.32
CA ASN A 843 -35.01 18.00 63.10
C ASN A 843 -35.02 19.40 63.73
N SER A 844 -34.45 20.38 63.04
CA SER A 844 -34.46 21.75 63.55
C SER A 844 -35.87 22.32 63.56
N ALA A 845 -36.69 21.96 62.58
CA ALA A 845 -38.09 22.40 62.48
C ALA A 845 -38.21 23.91 62.38
N ALA A 846 -37.14 24.56 61.92
CA ALA A 846 -37.15 26.03 61.73
C ALA A 846 -36.93 26.35 60.25
N MET A 847 -37.09 25.36 59.38
CA MET A 847 -36.87 25.56 57.92
C MET A 847 -38.05 24.94 57.15
N PRO A 848 -38.42 25.48 55.96
CA PRO A 848 -39.56 24.96 55.19
C PRO A 848 -39.47 23.45 54.97
N ALA A 849 -40.59 22.89 54.54
CA ALA A 849 -40.73 21.44 54.42
C ALA A 849 -39.77 20.80 53.42
N PRO A 850 -39.63 21.32 52.17
CA PRO A 850 -38.79 20.67 51.16
C PRO A 850 -37.41 20.24 51.69
N LEU A 851 -36.59 21.22 52.11
CA LEU A 851 -35.21 20.91 52.57
C LEU A 851 -35.28 19.81 53.64
N ARG A 852 -36.17 19.97 54.63
CA ARG A 852 -36.33 18.94 55.69
C ARG A 852 -36.52 17.57 55.04
N ARG A 853 -37.47 17.47 54.09
CA ARG A 853 -37.74 16.20 53.43
C ARG A 853 -36.48 15.66 52.73
N LEU A 854 -35.73 16.54 52.08
CA LEU A 854 -34.49 16.12 51.45
C LEU A 854 -33.50 15.60 52.48
N ALA A 855 -33.38 16.30 53.62
CA ALA A 855 -32.47 15.85 54.67
C ALA A 855 -32.92 14.51 55.26
N THR A 856 -34.22 14.32 55.45
CA THR A 856 -34.72 13.05 55.98
C THR A 856 -34.49 11.91 55.00
N MET A 857 -34.71 12.16 53.71
CA MET A 857 -34.40 11.17 52.69
C MET A 857 -32.91 10.82 52.69
N LEU A 858 -32.06 11.84 52.86
CA LEU A 858 -30.63 11.62 52.93
C LEU A 858 -30.23 10.81 54.16
N ARG A 859 -30.91 11.04 55.29
CA ARG A 859 -30.57 10.35 56.53
C ARG A 859 -31.02 8.89 56.49
N GLU A 860 -32.30 8.65 56.17
CA GLU A 860 -32.80 7.29 56.09
C GLU A 860 -32.10 6.51 54.99
N THR A 861 -32.08 7.06 53.78
CA THR A 861 -31.35 6.45 52.67
C THR A 861 -29.94 7.05 52.60
N SER A 862 -29.14 6.67 53.60
CA SER A 862 -27.80 7.26 53.73
C SER A 862 -26.90 6.84 52.57
N ASP A 863 -26.82 5.53 52.30
CA ASP A 863 -25.97 4.94 51.27
C ASP A 863 -24.60 5.62 51.17
N ALA A 864 -24.03 6.00 52.32
CA ALA A 864 -22.76 6.70 52.34
C ALA A 864 -22.15 6.53 53.73
N GLY A 865 -20.84 6.25 53.77
CA GLY A 865 -20.17 6.02 55.03
C GLY A 865 -19.08 7.00 55.39
N GLY A 866 -18.38 7.54 54.38
CA GLY A 866 -17.25 8.39 54.66
C GLY A 866 -17.58 9.75 55.22
N SER A 867 -18.18 10.62 54.40
CA SER A 867 -18.49 12.01 54.86
C SER A 867 -19.68 12.62 54.09
N ALA A 868 -20.38 11.86 53.26
CA ALA A 868 -21.55 12.42 52.58
C ALA A 868 -22.76 12.47 53.52
N GLN A 869 -22.95 11.43 54.34
CA GLN A 869 -24.08 11.43 55.26
C GLN A 869 -23.91 12.49 56.34
N SER A 870 -22.69 12.67 56.85
CA SER A 870 -22.49 13.59 57.97
C SER A 870 -22.55 15.05 57.53
N TYR A 871 -21.97 15.37 56.37
CA TYR A 871 -21.89 16.76 55.91
C TYR A 871 -22.55 16.89 54.55
N LEU A 872 -23.19 18.04 54.32
CA LEU A 872 -24.04 18.24 53.15
C LEU A 872 -23.27 18.78 51.96
N MET A 873 -22.64 19.94 52.10
CA MET A 873 -22.04 20.64 50.98
C MET A 873 -20.53 20.40 50.93
N ASN A 874 -19.87 21.06 49.99
CA ASN A 874 -18.42 20.99 49.82
C ASN A 874 -17.92 22.37 49.44
N ALA A 875 -16.61 22.48 49.23
CA ALA A 875 -16.02 23.77 48.87
C ALA A 875 -16.53 24.24 47.51
N THR A 876 -16.48 23.37 46.50
CA THR A 876 -16.91 23.75 45.17
C THR A 876 -18.44 23.87 45.09
N ILE A 877 -19.16 23.01 45.80
CA ILE A 877 -20.62 23.01 45.72
C ILE A 877 -21.18 24.32 46.23
N ALA A 878 -20.66 24.82 47.35
CA ALA A 878 -21.19 26.06 47.93
C ALA A 878 -21.00 27.23 46.98
N ARG A 879 -19.80 27.38 46.42
CA ARG A 879 -19.55 28.52 45.53
C ARG A 879 -20.33 28.39 44.24
N LYS A 880 -20.46 27.18 43.69
CA LYS A 880 -21.24 27.00 42.47
C LYS A 880 -22.71 27.31 42.71
N LEU A 881 -23.25 26.86 43.86
CA LEU A 881 -24.65 27.14 44.17
C LEU A 881 -24.88 28.63 44.40
N LEU A 882 -23.93 29.31 45.06
CA LEU A 882 -24.02 30.75 45.23
C LEU A 882 -23.97 31.47 43.88
N ASN A 883 -23.11 30.99 42.98
CA ASN A 883 -23.06 31.56 41.63
C ASN A 883 -24.39 31.39 40.91
N ARG A 884 -25.00 30.21 41.03
CA ARG A 884 -26.30 29.98 40.42
C ARG A 884 -27.36 30.92 40.99
N LEU A 885 -27.37 31.08 42.32
CA LEU A 885 -28.35 31.97 42.95
C LEU A 885 -28.15 33.41 42.50
N GLU A 886 -26.90 33.85 42.40
CA GLU A 886 -26.64 35.22 41.97
C GLU A 886 -27.01 35.43 40.52
N ASN A 887 -26.67 34.49 39.65
CA ASN A 887 -26.97 34.61 38.22
C ASN A 887 -28.47 34.58 37.96
N GLY A 888 -29.19 33.73 38.69
CA GLY A 888 -30.63 33.64 38.50
C GLY A 888 -31.41 34.81 39.04
N GLY A 889 -30.78 35.70 39.79
CA GLY A 889 -31.47 36.83 40.38
C GLY A 889 -32.23 36.52 41.65
N TYR A 890 -32.11 35.31 42.18
CA TYR A 890 -32.82 34.95 43.40
C TYR A 890 -32.34 35.78 44.59
N ILE A 891 -31.03 36.00 44.69
CA ILE A 891 -30.44 36.69 45.83
C ILE A 891 -29.58 37.84 45.32
N THR A 892 -29.24 38.75 46.23
CA THR A 892 -28.35 39.85 45.94
C THR A 892 -26.90 39.40 46.10
N LEU A 893 -25.97 40.34 46.08
CA LEU A 893 -24.55 40.03 46.22
C LEU A 893 -24.02 40.18 47.64
N HIS A 894 -24.75 40.92 48.48
CA HIS A 894 -24.30 41.14 49.89
C HIS A 894 -24.56 39.88 50.72
N ASP A 895 -25.44 38.99 50.25
CA ASP A 895 -25.81 37.79 51.05
C ASP A 895 -24.76 36.68 50.89
N ARG A 896 -23.80 36.84 49.98
CA ARG A 896 -22.83 35.80 49.73
C ARG A 896 -21.84 35.70 50.89
N ARG A 897 -21.58 34.46 51.32
CA ARG A 897 -20.59 34.22 52.37
C ARG A 897 -20.01 32.82 52.18
N ALA A 898 -18.86 32.59 52.80
CA ALA A 898 -18.14 31.33 52.65
C ALA A 898 -18.78 30.27 53.53
N LEU A 899 -18.11 29.12 53.66
CA LEU A 899 -18.60 27.99 54.42
C LEU A 899 -17.92 27.93 55.78
N THR A 900 -18.72 27.77 56.84
CA THR A 900 -18.18 27.70 58.19
C THR A 900 -17.72 26.30 58.59
N VAL A 901 -18.07 25.31 57.77
CA VAL A 901 -17.72 23.90 58.09
C VAL A 901 -16.92 23.30 56.93
N GLU A 902 -15.78 22.67 57.23
CA GLU A 902 -14.97 22.03 56.20
C GLU A 902 -15.10 20.52 56.31
N PRO A 903 -15.72 19.85 55.34
CA PRO A 903 -15.83 18.39 55.38
C PRO A 903 -14.46 17.75 55.23
N PRO A 904 -14.28 16.52 55.73
CA PRO A 904 -12.97 15.87 55.63
C PRO A 904 -12.65 15.41 54.22
N GLU A 905 -11.51 14.73 54.07
CA GLU A 905 -11.06 14.33 52.73
C GLU A 905 -12.03 13.39 52.03
N PRO A 906 -12.56 12.35 52.67
CA PRO A 906 -13.43 11.40 51.95
C PRO A 906 -14.89 11.84 51.92
N PHE A 907 -15.16 12.91 51.17
CA PHE A 907 -16.53 13.37 51.01
C PHE A 907 -17.39 12.33 50.29
N PHE A 908 -16.83 11.72 49.25
CA PHE A 908 -17.48 10.62 48.54
C PHE A 908 -16.60 9.39 48.63
N THR A 909 -17.18 8.27 49.08
CA THR A 909 -16.43 7.04 49.19
C THR A 909 -16.03 6.52 47.82
N GLU A 910 -14.87 5.86 47.76
CA GLU A 910 -14.38 5.33 46.50
C GLU A 910 -15.32 4.27 45.94
N ALA A 911 -15.87 3.43 46.81
CA ALA A 911 -16.83 2.42 46.37
C ALA A 911 -18.09 3.06 45.81
N GLN A 912 -18.42 4.28 46.26
CA GLN A 912 -19.58 4.97 45.72
C GLN A 912 -19.33 5.46 44.30
N ILE A 913 -18.15 6.04 44.05
CA ILE A 913 -17.83 6.52 42.72
C ILE A 913 -17.49 5.39 41.76
N GLU A 914 -17.12 4.21 42.28
CA GLU A 914 -16.88 3.06 41.41
C GLU A 914 -18.13 2.67 40.64
N ARG A 915 -19.29 2.67 41.32
CA ARG A 915 -20.53 2.30 40.65
C ARG A 915 -20.87 3.28 39.53
N GLU A 916 -20.67 4.57 39.78
CA GLU A 916 -20.90 5.57 38.73
C GLU A 916 -19.92 5.39 37.58
N ALA A 917 -18.67 5.01 37.89
CA ALA A 917 -17.70 4.75 36.84
C ALA A 917 -18.13 3.59 35.96
N ILE A 918 -18.60 2.51 36.59
CA ILE A 918 -19.10 1.34 35.80
C ILE A 918 -20.28 1.81 34.95
N LYS A 919 -21.25 2.50 35.56
CA LYS A 919 -22.44 2.98 34.83
C LYS A 919 -21.99 3.76 33.60
N VAL A 920 -21.10 4.74 33.79
CA VAL A 920 -20.65 5.58 32.67
C VAL A 920 -19.98 4.72 31.60
N ARG A 921 -19.11 3.79 32.01
CA ARG A 921 -18.41 2.96 31.05
C ARG A 921 -19.37 2.06 30.27
N ASP A 922 -20.44 1.60 30.92
CA ASP A 922 -21.43 0.77 30.24
C ASP A 922 -22.45 1.60 29.46
N GLY A 923 -22.54 2.90 29.73
CA GLY A 923 -23.36 3.76 28.88
C GLY A 923 -22.83 3.81 27.46
N ILE A 924 -21.53 3.98 27.31
CA ILE A 924 -20.86 3.82 26.04
C ILE A 924 -20.61 2.33 25.82
N LEU A 925 -20.23 1.95 24.60
CA LEU A 925 -19.92 0.58 24.22
C LEU A 925 -21.20 -0.26 24.20
N GLY A 926 -22.32 0.33 24.62
CA GLY A 926 -23.61 -0.32 24.53
C GLY A 926 -24.38 0.19 23.34
N MET A 927 -23.86 1.25 22.71
CA MET A 927 -24.44 1.82 21.51
C MET A 927 -23.68 1.44 20.25
N LEU A 928 -22.72 0.52 20.36
CA LEU A 928 -21.88 0.13 19.23
C LEU A 928 -22.39 -1.19 18.65
N HIS A 929 -22.58 -1.20 17.33
CA HIS A 929 -23.13 -2.38 16.67
C HIS A 929 -22.17 -3.57 16.76
N LEU A 930 -20.87 -3.31 16.56
CA LEU A 930 -19.88 -4.38 16.63
C LEU A 930 -19.40 -4.67 18.04
N GLN A 931 -19.80 -3.84 19.02
CA GLN A 931 -19.39 -4.01 20.42
C GLN A 931 -17.87 -4.04 20.55
N ARG A 932 -17.19 -3.20 19.77
CA ARG A 932 -15.74 -3.10 19.80
C ARG A 932 -15.35 -1.64 19.61
N MET A 933 -14.56 -1.12 20.55
CA MET A 933 -14.10 0.26 20.46
C MET A 933 -12.86 0.33 19.60
N PRO A 934 -12.83 1.21 18.59
CA PRO A 934 -11.60 1.36 17.80
C PRO A 934 -10.53 2.11 18.59
N THR A 935 -9.29 1.95 18.14
CA THR A 935 -8.15 2.64 18.74
C THR A 935 -7.66 3.72 17.79
N GLU A 936 -6.69 4.50 18.27
CA GLU A 936 -6.21 5.66 17.53
C GLU A 936 -5.61 5.27 16.18
N PHE A 937 -5.02 4.07 16.09
CA PHE A 937 -4.36 3.67 14.87
C PHE A 937 -5.35 3.54 13.71
N ASP A 938 -6.53 2.98 13.97
CA ASP A 938 -7.51 2.80 12.91
C ASP A 938 -7.97 4.13 12.35
N VAL A 939 -8.30 5.08 13.23
CA VAL A 939 -8.79 6.37 12.76
C VAL A 939 -7.69 7.14 12.04
N ALA A 940 -6.45 7.05 12.55
CA ALA A 940 -5.34 7.71 11.87
C ALA A 940 -5.11 7.13 10.48
N LEU A 941 -5.15 5.79 10.38
CA LEU A 941 -4.96 5.14 9.07
C LEU A 941 -6.06 5.53 8.10
N ALA A 942 -7.31 5.53 8.57
CA ALA A 942 -8.42 5.90 7.70
C ALA A 942 -8.31 7.35 7.24
N THR A 943 -7.93 8.25 8.16
CA THR A 943 -7.77 9.66 7.78
C THR A 943 -6.65 9.83 6.76
N VAL A 944 -5.52 9.15 6.96
CA VAL A 944 -4.41 9.28 6.04
C VAL A 944 -4.76 8.72 4.67
N PHE A 945 -5.50 7.61 4.63
CA PHE A 945 -5.93 7.06 3.34
C PHE A 945 -6.97 7.96 2.67
N TYR A 946 -7.80 8.65 3.46
CA TYR A 946 -8.78 9.56 2.88
C TYR A 946 -8.13 10.83 2.35
N LEU A 947 -6.98 11.23 2.92
CA LEU A 947 -6.33 12.46 2.51
C LEU A 947 -5.92 12.47 1.04
N ALA A 948 -5.82 11.31 0.40
CA ALA A 948 -5.30 11.20 -0.96
C ALA A 948 -6.40 10.91 -1.98
N ASP A 949 -7.63 11.32 -1.70
CA ASP A 949 -8.73 11.06 -2.63
C ASP A 949 -8.62 11.95 -3.87
N ARG A 950 -8.35 13.23 -3.68
CA ARG A 950 -8.19 14.22 -4.74
C ARG A 950 -9.42 14.37 -5.62
N ASN A 951 -10.59 13.89 -5.16
CA ASN A 951 -11.82 14.02 -5.93
C ASN A 951 -13.02 14.35 -5.06
N VAL A 952 -12.80 14.65 -3.78
CA VAL A 952 -13.88 14.96 -2.85
C VAL A 952 -13.59 16.28 -2.16
N THR A 953 -14.66 16.94 -1.72
CA THR A 953 -14.56 18.20 -0.99
C THR A 953 -15.92 18.52 -0.38
N GLY A 954 -15.89 19.20 0.76
CA GLY A 954 -17.12 19.61 1.42
C GLY A 954 -17.99 18.47 1.91
N GLU A 955 -17.33 17.48 2.52
CA GLU A 955 -18.06 16.29 3.04
C GLU A 955 -17.41 15.84 4.35
N THR A 956 -18.18 15.15 5.20
CA THR A 956 -17.69 14.65 6.48
C THR A 956 -17.46 13.15 6.39
N PHE A 957 -16.25 12.73 6.73
CA PHE A 957 -15.89 11.31 6.73
C PHE A 957 -16.14 10.70 8.10
N HIS A 958 -16.24 9.38 8.13
CA HIS A 958 -16.44 8.62 9.36
C HIS A 958 -15.45 7.47 9.38
N PRO A 959 -14.30 7.65 10.03
CA PRO A 959 -13.25 6.62 9.96
C PRO A 959 -13.64 5.31 10.61
N SER A 960 -14.30 5.35 11.78
CA SER A 960 -14.74 4.14 12.45
C SER A 960 -15.93 4.50 13.32
N GLY A 961 -17.14 4.24 12.81
CA GLY A 961 -18.33 4.51 13.58
C GLY A 961 -19.55 3.72 13.16
N GLY A 962 -20.17 3.04 14.12
CA GLY A 962 -21.42 2.34 13.90
C GLY A 962 -22.37 2.53 15.06
N LEU A 963 -22.29 3.69 15.70
CA LEU A 963 -22.99 3.91 16.96
C LEU A 963 -24.50 4.04 16.73
N ARG A 964 -25.22 3.97 17.85
CA ARG A 964 -26.67 3.81 17.85
C ARG A 964 -27.42 5.00 18.43
N PHE A 965 -26.73 6.13 18.69
CA PHE A 965 -27.41 7.25 19.34
C PHE A 965 -28.51 7.85 18.47
N GLU A 966 -28.49 7.58 17.16
CA GLU A 966 -29.48 8.11 16.21
C GLU A 966 -29.50 9.62 16.35
N ARG A 967 -30.65 10.26 16.58
CA ARG A 967 -30.72 11.69 16.78
C ARG A 967 -32.07 12.09 17.37
N THR A 968 -32.04 12.79 18.51
CA THR A 968 -33.28 13.28 19.10
C THR A 968 -33.77 14.56 18.45
N VAL A 969 -32.92 15.22 17.66
CA VAL A 969 -33.26 16.47 16.98
C VAL A 969 -33.04 16.28 15.48
N THR A 970 -34.03 16.67 14.69
CA THR A 970 -33.94 16.64 13.24
C THR A 970 -34.62 17.87 12.68
N GLU A 971 -34.23 18.26 11.47
CA GLU A 971 -34.77 19.45 10.85
C GLU A 971 -36.27 19.29 10.60
N GLY A 972 -37.03 20.35 10.87
CA GLY A 972 -38.46 20.36 10.64
C GLY A 972 -38.90 21.64 9.98
N GLU A 973 -40.18 21.68 9.63
CA GLU A 973 -40.80 22.83 8.98
C GLU A 973 -42.09 23.18 9.69
N LEU A 974 -42.74 24.24 9.22
CA LEU A 974 -43.98 24.72 9.83
C LEU A 974 -44.91 25.22 8.73
N PHE A 975 -46.20 24.93 8.88
CA PHE A 975 -47.20 25.35 7.91
C PHE A 975 -48.09 26.50 8.39
N GLY A 976 -48.18 26.72 9.70
CA GLY A 976 -48.98 27.80 10.22
C GLY A 976 -50.17 27.34 11.05
N LYS A 977 -51.23 28.13 11.07
CA LYS A 977 -52.46 27.83 11.81
C LYS A 977 -52.14 27.52 13.28
N PRO A 978 -51.80 28.54 14.08
CA PRO A 978 -51.43 28.27 15.48
C PRO A 978 -52.59 27.68 16.26
N GLY A 979 -52.25 26.80 17.21
CA GLY A 979 -53.28 26.14 18.00
C GLY A 979 -53.99 27.14 18.90
N GLN A 980 -55.32 27.09 18.90
CA GLN A 980 -56.10 27.99 19.75
C GLN A 980 -55.96 27.64 21.22
N GLN A 981 -55.81 26.35 21.54
CA GLN A 981 -55.68 25.94 22.94
C GLN A 981 -54.41 26.51 23.56
N ARG A 982 -53.30 26.51 22.80
CA ARG A 982 -52.03 27.04 23.27
C ARG A 982 -51.84 28.51 22.93
N LEU A 983 -52.93 29.27 22.81
CA LEU A 983 -52.88 30.69 22.47
C LEU A 983 -53.28 31.58 23.64
N GLU A 984 -54.45 31.33 24.23
CA GLU A 984 -54.94 32.18 25.32
C GLU A 984 -54.20 31.96 26.63
N ARG A 985 -53.38 30.92 26.74
CA ARG A 985 -52.67 30.65 28.00
C ARG A 985 -51.59 31.68 28.30
N LEU A 986 -51.18 32.47 27.30
CA LEU A 986 -50.15 33.48 27.50
C LEU A 986 -50.72 34.86 27.82
N LYS A 987 -52.03 35.00 27.94
CA LYS A 987 -52.63 36.28 28.26
C LYS A 987 -52.23 36.70 29.68
N GLY A 988 -51.93 37.98 29.85
CA GLY A 988 -51.50 38.49 31.13
C GLY A 988 -50.17 37.96 31.60
N SER A 989 -49.18 37.92 30.71
CA SER A 989 -47.84 37.41 31.03
C SER A 989 -46.81 38.49 30.68
N VAL A 990 -45.54 38.10 30.83
CA VAL A 990 -44.42 39.01 30.51
C VAL A 990 -43.50 38.31 29.50
N VAL A 991 -43.12 39.01 28.44
CA VAL A 991 -42.28 38.48 27.38
C VAL A 991 -41.08 39.40 27.19
N TYR A 992 -39.89 38.81 27.08
CA TYR A 992 -38.65 39.54 26.89
C TYR A 992 -38.15 39.34 25.46
N LEU A 993 -37.86 40.45 24.78
CA LEU A 993 -37.30 40.41 23.44
C LEU A 993 -36.13 41.39 23.33
N ILE A 994 -35.14 41.01 22.53
CA ILE A 994 -33.97 41.84 22.28
C ILE A 994 -33.87 42.09 20.77
N GLY A 995 -33.01 43.03 20.41
CA GLY A 995 -32.74 43.29 19.01
C GLY A 995 -33.12 44.67 18.53
N GLU A 996 -32.43 45.16 17.52
CA GLU A 996 -32.78 46.41 16.85
C GLU A 996 -32.68 46.38 15.34
N HIS A 997 -31.96 45.42 14.75
CA HIS A 997 -31.71 45.44 13.31
C HIS A 997 -32.98 45.16 12.51
N LEU A 998 -33.90 44.36 13.03
CA LEU A 998 -35.15 44.05 12.34
C LEU A 998 -36.25 44.95 12.89
N ARG A 999 -36.22 46.22 12.44
CA ARG A 999 -37.10 47.24 13.01
C ARG A 999 -38.57 46.90 12.79
N GLN A 1000 -38.95 46.72 11.52
CA GLN A 1000 -40.37 46.44 11.19
C GLN A 1000 -40.82 45.15 11.86
N HIS A 1001 -39.97 44.11 11.83
CA HIS A 1001 -40.32 42.81 12.46
C HIS A 1001 -40.69 43.05 13.92
N LEU A 1002 -39.88 43.81 14.64
CA LEU A 1002 -40.13 44.03 16.09
C LEU A 1002 -41.37 44.91 16.30
N VAL A 1003 -41.53 45.97 15.50
CA VAL A 1003 -42.67 46.90 15.73
C VAL A 1003 -43.98 46.14 15.52
N LEU A 1004 -44.03 45.29 14.48
CA LEU A 1004 -45.23 44.45 14.24
C LEU A 1004 -45.37 43.45 15.38
N LEU A 1005 -44.26 42.82 15.77
CA LEU A 1005 -44.28 41.86 16.90
C LEU A 1005 -44.99 42.51 18.08
N ALA A 1006 -44.55 43.73 18.45
CA ALA A 1006 -45.19 44.42 19.58
C ALA A 1006 -46.67 44.65 19.32
N ARG A 1007 -47.02 45.03 18.09
CA ARG A 1007 -48.43 45.25 17.75
C ARG A 1007 -49.25 43.98 17.92
N THR A 1008 -48.73 42.85 17.42
CA THR A 1008 -49.46 41.59 17.54
C THR A 1008 -49.52 41.13 18.99
N PHE A 1009 -48.43 41.33 19.73
CA PHE A 1009 -48.39 40.87 21.15
C PHE A 1009 -49.40 41.64 21.98
N LEU A 1010 -49.65 42.91 21.63
CA LEU A 1010 -50.57 43.75 22.44
C LEU A 1010 -52.01 43.59 21.95
N ASP A 1011 -52.22 43.44 20.64
CA ASP A 1011 -53.60 43.38 20.15
C ASP A 1011 -54.22 42.00 20.37
N GLU A 1012 -53.65 40.97 19.74
CA GLU A 1012 -54.24 39.64 19.80
C GLU A 1012 -53.74 38.83 20.99
N ILE A 1013 -52.43 38.82 21.22
CA ILE A 1013 -51.87 38.08 22.35
C ILE A 1013 -52.34 38.69 23.67
N HIS A 1014 -52.55 40.01 23.70
CA HIS A 1014 -52.99 40.72 24.90
C HIS A 1014 -52.00 40.52 26.05
N VAL A 1015 -50.71 40.61 25.73
CA VAL A 1015 -49.67 40.41 26.74
C VAL A 1015 -49.72 41.56 27.75
N ALA A 1016 -49.41 41.24 29.01
CA ALA A 1016 -49.44 42.25 30.06
C ALA A 1016 -48.24 43.18 30.00
N ARG A 1017 -47.07 42.61 29.66
CA ARG A 1017 -45.82 43.41 29.67
C ARG A 1017 -44.89 42.99 28.54
N VAL A 1018 -44.35 43.97 27.79
CA VAL A 1018 -43.39 43.72 26.71
C VAL A 1018 -42.12 44.49 27.02
N VAL A 1019 -40.98 43.81 26.93
CA VAL A 1019 -39.68 44.39 27.25
C VAL A 1019 -38.80 44.30 26.01
N LEU A 1020 -38.22 45.43 25.62
CA LEU A 1020 -37.38 45.52 24.43
C LEU A 1020 -35.99 45.98 24.85
N LEU A 1021 -34.96 45.32 24.31
CA LEU A 1021 -33.57 45.64 24.61
C LEU A 1021 -32.91 46.21 23.37
N THR A 1022 -32.21 47.34 23.55
CA THR A 1022 -31.52 48.03 22.47
C THR A 1022 -30.08 48.31 22.90
N GLU A 1023 -29.14 48.12 21.98
CA GLU A 1023 -27.72 48.23 22.27
C GLU A 1023 -27.12 49.58 21.89
N THR A 1024 -27.94 50.53 21.45
CA THR A 1024 -27.45 51.88 21.16
C THR A 1024 -28.59 52.87 21.32
N THR A 1025 -28.23 54.15 21.42
CA THR A 1025 -29.18 55.21 21.73
C THR A 1025 -29.92 55.72 20.50
N GLN A 1026 -29.25 55.81 19.35
CA GLN A 1026 -29.92 56.28 18.14
C GLN A 1026 -31.03 55.32 17.73
N ALA A 1027 -30.75 54.02 17.73
CA ALA A 1027 -31.79 53.05 17.45
C ALA A 1027 -32.85 53.04 18.54
N ALA A 1028 -32.46 53.35 19.78
CA ALA A 1028 -33.45 53.45 20.85
C ALA A 1028 -34.45 54.56 20.56
N THR A 1029 -33.96 55.74 20.15
CA THR A 1029 -34.85 56.84 19.81
C THR A 1029 -35.70 56.53 18.59
N ASP A 1030 -35.09 55.88 17.58
CA ASP A 1030 -35.85 55.52 16.39
C ASP A 1030 -36.97 54.54 16.72
N LEU A 1031 -36.69 53.54 17.54
CA LEU A 1031 -37.72 52.58 17.93
C LEU A 1031 -38.76 53.21 18.83
N ALA A 1032 -38.37 54.16 19.69
CA ALA A 1032 -39.36 54.88 20.47
C ALA A 1032 -40.30 55.68 19.58
N ALA A 1033 -39.75 56.35 18.56
CA ALA A 1033 -40.60 57.06 17.62
C ALA A 1033 -41.52 56.11 16.87
N GLU A 1034 -41.01 54.94 16.48
CA GLU A 1034 -41.82 53.97 15.75
C GLU A 1034 -42.95 53.42 16.63
N LEU A 1035 -42.67 53.15 17.90
CA LEU A 1035 -43.62 52.48 18.78
C LEU A 1035 -44.35 53.45 19.70
N SER A 1036 -44.24 54.76 19.47
CA SER A 1036 -45.01 55.73 20.24
C SER A 1036 -46.52 55.52 20.15
N ASP A 1037 -46.99 54.65 19.26
CA ASP A 1037 -48.42 54.34 19.22
C ASP A 1037 -48.88 53.66 20.51
N TYR A 1038 -47.96 52.97 21.20
CA TYR A 1038 -48.26 52.33 22.48
C TYR A 1038 -47.71 53.12 23.67
N GLU A 1039 -47.33 54.37 23.45
CA GLU A 1039 -46.78 55.18 24.54
C GLU A 1039 -47.80 55.41 25.63
N ALA A 1040 -49.07 55.63 25.26
CA ALA A 1040 -50.11 55.84 26.27
C ALA A 1040 -50.28 54.60 27.14
N ALA A 1041 -50.25 53.41 26.54
CA ALA A 1041 -50.30 52.19 27.32
C ALA A 1041 -49.06 52.03 28.20
N GLY A 1042 -47.90 52.40 27.69
CA GLY A 1042 -46.67 52.27 28.43
C GLY A 1042 -46.11 50.88 28.50
N ARG A 1043 -46.66 49.93 27.73
CA ARG A 1043 -46.17 48.56 27.77
C ARG A 1043 -44.74 48.46 27.26
N PHE A 1044 -44.47 49.03 26.10
CA PHE A 1044 -43.14 48.92 25.50
C PHE A 1044 -42.12 49.70 26.33
N VAL A 1045 -40.95 49.11 26.52
CA VAL A 1045 -39.85 49.74 27.24
C VAL A 1045 -38.58 49.56 26.43
N VAL A 1046 -37.88 50.66 26.18
CA VAL A 1046 -36.62 50.66 25.44
C VAL A 1046 -35.54 51.22 26.35
N ILE A 1047 -34.42 50.51 26.45
CA ILE A 1047 -33.32 50.92 27.30
C ILE A 1047 -32.03 50.92 26.49
N PRO A 1048 -31.17 51.92 26.67
CA PRO A 1048 -29.88 51.97 25.92
C PRO A 1048 -28.80 51.10 26.55
N THR A 1049 -28.86 49.81 26.20
CA THR A 1049 -27.85 48.86 26.71
C THR A 1049 -26.58 48.96 25.89
N CYS A 1050 -25.67 48.00 26.06
CA CYS A 1050 -24.40 47.98 25.34
C CYS A 1050 -23.99 46.52 25.16
N GLY A 1051 -22.72 46.30 24.83
CA GLY A 1051 -22.21 44.96 24.60
C GLY A 1051 -22.30 44.06 25.80
N ASP A 1052 -22.40 44.62 27.01
CA ASP A 1052 -22.58 43.83 28.23
C ASP A 1052 -24.03 43.37 28.28
N ILE A 1053 -24.34 42.35 27.47
CA ILE A 1053 -25.71 41.88 27.35
C ILE A 1053 -26.18 41.22 28.65
N GLU A 1054 -25.24 40.59 29.37
CA GLU A 1054 -25.57 39.97 30.68
C GLU A 1054 -26.11 41.05 31.61
N GLY A 1055 -25.36 42.14 31.78
CA GLY A 1055 -25.80 43.25 32.64
C GLY A 1055 -27.15 43.78 32.18
N GLY A 1056 -27.32 43.96 30.87
CA GLY A 1056 -28.58 44.52 30.33
C GLY A 1056 -29.78 43.67 30.71
N ILE A 1057 -29.70 42.36 30.50
CA ILE A 1057 -30.85 41.44 30.82
C ILE A 1057 -31.03 41.42 32.35
N ASP A 1058 -29.92 41.49 33.10
CA ASP A 1058 -30.02 41.52 34.59
C ASP A 1058 -30.82 42.75 35.00
N ARG A 1059 -30.53 43.90 34.40
CA ARG A 1059 -31.30 45.14 34.70
C ARG A 1059 -32.74 44.92 34.21
N ALA A 1060 -32.90 44.36 33.01
CA ALA A 1060 -34.24 44.12 32.44
C ALA A 1060 -35.08 43.33 33.45
N MET A 1061 -34.49 42.31 34.08
CA MET A 1061 -35.27 41.45 35.01
C MET A 1061 -35.38 42.15 36.37
N ALA A 1062 -34.40 42.99 36.71
CA ALA A 1062 -34.48 43.73 37.97
C ALA A 1062 -35.53 44.83 37.90
N GLU A 1063 -35.85 45.31 36.70
CA GLU A 1063 -36.88 46.32 36.55
C GLU A 1063 -38.23 45.81 37.04
N TYR A 1064 -38.66 44.66 36.54
CA TYR A 1064 -39.86 43.99 37.04
C TYR A 1064 -39.90 42.58 36.47
N GLY A 1065 -40.47 41.66 37.24
CA GLY A 1065 -40.68 40.31 36.79
C GLY A 1065 -39.39 39.56 36.52
N ARG A 1066 -39.51 38.48 35.76
CA ARG A 1066 -38.40 37.65 35.36
C ARG A 1066 -38.62 37.22 33.92
N PRO A 1067 -37.54 36.87 33.19
CA PRO A 1067 -37.69 36.51 31.78
C PRO A 1067 -38.62 35.31 31.60
N GLY A 1068 -39.45 35.40 30.57
CA GLY A 1068 -40.34 34.32 30.20
C GLY A 1068 -40.03 33.79 28.82
N PRO A 1069 -40.90 34.08 27.85
CA PRO A 1069 -40.62 33.69 26.46
C PRO A 1069 -39.47 34.50 25.87
N VAL A 1070 -38.24 34.15 26.25
CA VAL A 1070 -37.06 34.95 25.80
C VAL A 1070 -36.99 34.94 24.26
N ILE A 1071 -37.01 36.12 23.65
CA ILE A 1071 -36.94 36.25 22.16
C ILE A 1071 -35.50 36.60 21.78
N SER A 1072 -34.76 35.64 21.21
CA SER A 1072 -33.34 35.88 20.84
C SER A 1072 -33.26 36.54 19.46
N THR A 1073 -32.48 37.62 19.33
CA THR A 1073 -32.33 38.30 18.06
C THR A 1073 -31.02 39.07 18.03
N PRO A 1074 -30.16 38.83 17.04
CA PRO A 1074 -28.89 39.56 16.99
C PRO A 1074 -29.11 41.07 16.89
N PHE A 1075 -28.31 41.81 17.66
CA PHE A 1075 -28.41 43.26 17.64
C PHE A 1075 -28.02 43.83 16.29
N ARG A 1076 -26.99 43.24 15.68
CA ARG A 1076 -26.57 43.66 14.32
C ARG A 1076 -26.62 42.43 13.41
N PRO A 1077 -26.89 42.57 12.10
CA PRO A 1077 -26.88 41.42 11.17
C PRO A 1077 -25.45 40.89 10.99
N LEU A 1078 -25.31 39.70 10.39
CA LEU A 1078 -23.96 39.09 10.22
C LEU A 1078 -23.03 40.12 9.58
N PRO A 1079 -21.76 40.25 10.03
CA PRO A 1079 -20.86 41.27 9.51
C PRO A 1079 -20.73 41.26 7.98
N ASP A 1080 -20.26 40.14 7.40
CA ASP A 1080 -20.03 40.12 5.93
C ASP A 1080 -19.54 41.51 5.52
N ARG A 1081 -18.62 42.09 6.29
CA ARG A 1081 -18.16 43.45 6.04
C ARG A 1081 -17.45 43.55 4.70
N ALA A 1082 -16.59 42.58 4.39
CA ALA A 1082 -15.88 42.60 3.11
C ALA A 1082 -16.73 42.02 1.98
N LEU A 1083 -17.81 41.30 2.31
CA LEU A 1083 -18.73 40.74 1.32
C LEU A 1083 -18.00 39.83 0.32
N SER A 1084 -17.10 39.01 0.85
CA SER A 1084 -16.34 38.09 0.00
C SER A 1084 -15.74 36.99 0.86
N ALA A 1085 -16.03 35.73 0.52
CA ALA A 1085 -15.33 34.60 1.11
C ALA A 1085 -14.11 34.18 0.30
N ARG A 1086 -13.93 34.76 -0.89
CA ARG A 1086 -12.77 34.51 -1.75
C ARG A 1086 -12.76 35.57 -2.83
N ASN A 1087 -11.59 35.75 -3.45
CA ASN A 1087 -11.43 36.76 -4.48
C ASN A 1087 -10.22 36.37 -5.34
N GLY A 1088 -9.81 37.29 -6.21
CA GLY A 1088 -8.67 37.06 -7.07
C GLY A 1088 -7.47 37.94 -6.76
N ASP A 1089 -7.69 39.00 -5.97
CA ASP A 1089 -6.63 39.89 -5.56
C ASP A 1089 -6.30 39.82 -4.08
N TRP A 1090 -7.18 39.23 -3.26
CA TRP A 1090 -6.93 39.01 -1.84
C TRP A 1090 -6.73 40.34 -1.10
N SER A 1091 -7.64 41.29 -1.35
CA SER A 1091 -7.58 42.59 -0.69
C SER A 1091 -8.94 42.98 -0.13
N SER A 1092 -10.01 42.46 -0.72
CA SER A 1092 -11.36 42.80 -0.28
C SER A 1092 -12.13 41.55 0.12
N VAL A 1093 -11.49 40.68 0.91
CA VAL A 1093 -12.07 39.43 1.34
C VAL A 1093 -12.25 39.47 2.86
N LEU A 1094 -13.21 38.69 3.35
CA LEU A 1094 -13.47 38.61 4.79
C LEU A 1094 -12.23 38.14 5.53
N THR A 1095 -11.67 38.99 6.39
CA THR A 1095 -10.42 38.71 7.08
C THR A 1095 -10.69 38.07 8.43
N THR A 1096 -9.61 37.80 9.17
CA THR A 1096 -9.72 37.13 10.45
C THR A 1096 -10.49 37.96 11.47
N ALA A 1097 -10.26 39.28 11.48
CA ALA A 1097 -10.96 40.14 12.44
C ALA A 1097 -12.46 40.12 12.21
N GLU A 1098 -12.90 40.20 10.94
CA GLU A 1098 -14.32 40.17 10.66
C GLU A 1098 -14.93 38.81 11.00
N PHE A 1099 -14.19 37.72 10.77
CA PHE A 1099 -14.70 36.41 11.16
C PHE A 1099 -14.82 36.28 12.67
N GLU A 1100 -13.85 36.82 13.42
CA GLU A 1100 -13.94 36.82 14.87
C GLU A 1100 -15.14 37.63 15.33
N GLU A 1101 -15.38 38.77 14.70
CA GLU A 1101 -16.57 39.56 15.02
C GLU A 1101 -17.85 38.79 14.74
N LEU A 1102 -17.89 38.09 13.60
CA LEU A 1102 -19.06 37.30 13.24
C LEU A 1102 -19.31 36.19 14.26
N VAL A 1103 -18.24 35.50 14.68
CA VAL A 1103 -18.38 34.44 15.67
C VAL A 1103 -18.84 35.02 17.01
N GLU A 1104 -18.29 36.18 17.39
CA GLU A 1104 -18.63 36.76 18.68
C GLU A 1104 -20.04 37.34 18.71
N GLN A 1105 -20.58 37.73 17.55
CA GLN A 1105 -21.88 38.38 17.52
C GLN A 1105 -23.02 37.44 17.10
N GLN A 1106 -22.73 36.38 16.34
CA GLN A 1106 -23.75 35.49 15.83
C GLN A 1106 -23.76 34.12 16.48
N ILE A 1107 -22.76 33.81 17.31
CA ILE A 1107 -22.70 32.50 17.97
C ILE A 1107 -22.56 32.69 19.47
N THR A 1108 -21.52 33.43 19.89
CA THR A 1108 -21.28 33.64 21.31
C THR A 1108 -22.38 34.47 21.94
N HIS A 1109 -22.94 35.42 21.19
CA HIS A 1109 -24.05 36.23 21.71
C HIS A 1109 -25.25 35.35 22.05
N HIS A 1110 -25.59 34.41 21.17
CA HIS A 1110 -26.69 33.50 21.44
C HIS A 1110 -26.43 32.66 22.67
N PHE A 1111 -25.20 32.17 22.81
CA PHE A 1111 -24.84 31.39 24.01
C PHE A 1111 -25.01 32.23 25.27
N ARG A 1112 -24.54 33.48 25.23
CA ARG A 1112 -24.64 34.34 26.40
C ARG A 1112 -26.10 34.56 26.80
N VAL A 1113 -26.93 34.90 25.81
CA VAL A 1113 -28.37 35.17 26.09
C VAL A 1113 -29.03 33.88 26.63
N ALA A 1114 -28.78 32.75 25.97
CA ALA A 1114 -29.44 31.49 26.35
C ALA A 1114 -29.02 31.06 27.76
N ARG A 1115 -27.71 31.14 28.03
CA ARG A 1115 -27.20 30.77 29.38
C ARG A 1115 -27.99 31.56 30.43
N LYS A 1116 -28.10 32.88 30.25
CA LYS A 1116 -28.88 33.72 31.19
C LYS A 1116 -30.34 33.25 31.23
N ALA A 1117 -30.91 32.99 30.05
CA ALA A 1117 -32.32 32.52 29.97
C ALA A 1117 -32.44 31.20 30.75
N GLY A 1118 -31.48 30.30 30.58
CA GLY A 1118 -31.50 29.02 31.33
C GLY A 1118 -31.39 29.26 32.83
N LEU A 1119 -30.57 30.22 33.24
CA LEU A 1119 -30.38 30.52 34.69
C LEU A 1119 -31.75 30.86 35.30
N ILE A 1120 -32.58 31.59 34.57
CA ILE A 1120 -33.95 31.91 35.07
C ILE A 1120 -34.88 30.76 34.67
N GLU A 1121 -35.30 29.94 35.64
CA GLU A 1121 -36.17 28.78 35.34
C GLU A 1121 -37.46 29.27 34.70
N GLY A 1122 -37.90 28.62 33.62
CA GLY A 1122 -39.14 29.02 32.93
C GLY A 1122 -38.89 30.07 31.86
N ALA A 1123 -37.67 30.61 31.80
CA ALA A 1123 -37.33 31.61 30.76
C ALA A 1123 -37.00 30.88 29.46
N ASN A 1124 -37.95 30.08 28.95
CA ASN A 1124 -37.73 29.36 27.67
C ASN A 1124 -37.13 30.31 26.64
N VAL A 1125 -35.96 29.97 26.10
CA VAL A 1125 -35.28 30.85 25.10
C VAL A 1125 -35.44 30.25 23.71
N THR A 1126 -35.89 31.05 22.74
CA THR A 1126 -36.05 30.56 21.34
C THR A 1126 -35.06 31.31 20.44
N LEU A 1127 -33.93 30.68 20.12
CA LEU A 1127 -32.92 31.32 19.23
C LEU A 1127 -33.48 31.39 17.81
N VAL A 1128 -33.21 32.49 17.10
CA VAL A 1128 -33.74 32.67 15.71
C VAL A 1128 -32.59 33.10 14.79
N THR A 1129 -32.66 32.74 13.51
CA THR A 1129 -31.64 33.18 12.52
C THR A 1129 -32.26 34.21 11.59
N PRO A 1130 -32.33 35.52 11.95
CA PRO A 1130 -33.00 36.52 11.12
C PRO A 1130 -32.51 36.57 9.67
N PRO A 1131 -31.19 36.69 9.38
CA PRO A 1131 -30.72 36.83 8.00
C PRO A 1131 -31.21 35.70 7.08
N THR A 1132 -32.15 36.00 6.18
CA THR A 1132 -32.65 34.98 5.21
C THR A 1132 -31.77 35.05 3.95
N SER A 1133 -30.45 34.96 4.11
CA SER A 1133 -29.57 35.10 2.92
C SER A 1133 -29.86 33.96 1.95
N ALA A 1134 -29.82 34.25 0.65
CA ALA A 1134 -30.15 33.26 -0.40
C ALA A 1134 -28.94 33.03 -1.31
N ARG A 1135 -28.99 31.99 -2.14
CA ARG A 1135 -27.86 31.67 -3.06
C ARG A 1135 -27.64 32.87 -3.98
N SER A 1136 -28.68 33.66 -4.23
CA SER A 1136 -28.54 34.88 -5.05
C SER A 1136 -27.46 35.77 -4.44
N THR A 1137 -27.42 35.84 -3.10
CA THR A 1137 -26.37 36.62 -2.41
C THR A 1137 -25.12 35.75 -2.27
N SER A 1138 -24.11 35.99 -3.13
CA SER A 1138 -22.87 35.17 -3.10
C SER A 1138 -22.13 35.36 -1.78
N GLU A 1139 -21.40 34.34 -1.33
CA GLU A 1139 -20.64 34.42 -0.05
C GLU A 1139 -21.59 34.86 1.07
N GLU A 1140 -22.91 34.68 0.88
CA GLU A 1140 -23.89 35.04 1.93
C GLU A 1140 -24.81 33.84 2.18
N PHE A 1141 -25.25 33.12 1.13
CA PHE A 1141 -26.10 31.93 1.39
C PHE A 1141 -25.45 30.93 2.34
N ALA A 1142 -24.29 30.40 1.95
CA ALA A 1142 -23.64 29.44 2.86
C ALA A 1142 -23.39 30.11 4.23
N LEU A 1143 -23.13 31.43 4.22
CA LEU A 1143 -22.97 32.15 5.51
C LEU A 1143 -24.22 31.91 6.34
N ALA A 1144 -25.40 32.09 5.74
CA ALA A 1144 -26.66 31.81 6.46
C ALA A 1144 -26.69 30.32 6.86
N ASN A 1145 -26.22 29.45 5.96
CA ASN A 1145 -26.26 27.99 6.24
C ASN A 1145 -25.45 27.69 7.51
N PHE A 1146 -24.21 28.19 7.60
CA PHE A 1146 -23.31 27.95 8.75
C PHE A 1146 -23.96 28.48 10.03
N VAL A 1147 -24.49 29.70 10.00
CA VAL A 1147 -25.05 30.24 11.26
C VAL A 1147 -26.17 29.29 11.71
N LYS A 1148 -27.05 28.91 10.79
CA LYS A 1148 -28.13 27.94 11.12
C LYS A 1148 -27.52 26.70 11.77
N THR A 1149 -26.57 26.05 11.10
CA THR A 1149 -26.00 24.78 11.62
C THR A 1149 -25.45 24.98 13.03
N THR A 1150 -24.75 26.10 13.26
CA THR A 1150 -24.12 26.34 14.58
C THR A 1150 -25.21 26.52 15.65
N LEU A 1151 -26.27 27.29 15.34
CA LEU A 1151 -27.38 27.43 16.32
C LEU A 1151 -28.02 26.06 16.56
N HIS A 1152 -28.12 25.23 15.52
CA HIS A 1152 -28.66 23.85 15.67
C HIS A 1152 -27.81 23.10 16.70
N ALA A 1153 -26.49 23.09 16.50
CA ALA A 1153 -25.59 22.41 17.45
C ALA A 1153 -25.84 22.95 18.86
N LEU A 1154 -25.92 24.28 19.01
CA LEU A 1154 -26.09 24.91 20.35
C LEU A 1154 -27.37 24.38 21.00
N THR A 1155 -28.51 24.42 20.29
CA THR A 1155 -29.79 24.02 20.91
C THR A 1155 -29.78 22.50 21.18
N ALA A 1156 -29.14 21.72 20.32
CA ALA A 1156 -29.17 20.24 20.47
C ALA A 1156 -28.65 19.84 21.85
N THR A 1157 -27.41 20.23 22.19
CA THR A 1157 -26.82 19.83 23.49
C THR A 1157 -27.58 20.49 24.64
N ALA A 1158 -27.86 21.79 24.52
CA ALA A 1158 -28.57 22.52 25.60
C ALA A 1158 -29.88 21.79 25.92
N GLY A 1159 -30.61 21.37 24.89
CA GLY A 1159 -31.91 20.69 25.09
C GLY A 1159 -31.77 19.48 26.00
N ALA A 1160 -30.63 18.79 25.96
CA ALA A 1160 -30.48 17.57 26.74
C ALA A 1160 -30.40 17.88 28.23
N GLU A 1161 -29.76 18.99 28.60
CA GLU A 1161 -29.50 19.35 29.98
C GLU A 1161 -30.72 19.97 30.66
N SER A 1162 -31.75 20.34 29.89
CA SER A 1162 -32.86 21.12 30.42
C SER A 1162 -33.96 20.25 31.01
N GLU A 1163 -34.05 18.99 30.59
CA GLU A 1163 -35.12 18.13 31.09
C GLU A 1163 -34.71 17.45 32.39
N ARG A 1164 -33.51 16.86 32.42
CA ARG A 1164 -33.05 16.19 33.64
C ARG A 1164 -32.88 17.19 34.79
N THR A 1165 -32.28 18.34 34.51
CA THR A 1165 -32.13 19.36 35.53
C THR A 1165 -33.49 19.91 35.94
N VAL A 1166 -33.58 20.25 37.24
CA VAL A 1166 -34.87 20.76 37.81
C VAL A 1166 -35.43 21.86 36.91
N PRO A 1167 -34.75 23.01 36.70
CA PRO A 1167 -35.34 24.08 35.88
C PRO A 1167 -35.72 23.56 34.51
N HIS A 1168 -36.86 24.05 33.99
CA HIS A 1168 -37.41 23.60 32.73
C HIS A 1168 -37.33 24.76 31.74
N VAL A 1169 -36.33 24.72 30.87
CA VAL A 1169 -36.12 25.78 29.87
C VAL A 1169 -35.93 25.14 28.50
N PRO A 1170 -37.01 24.73 27.81
CA PRO A 1170 -36.89 24.18 26.44
C PRO A 1170 -36.22 25.20 25.51
N VAL A 1171 -35.14 24.77 24.83
CA VAL A 1171 -34.42 25.67 23.88
C VAL A 1171 -34.82 25.28 22.45
N ASN A 1172 -35.37 26.23 21.68
CA ASN A 1172 -35.82 25.93 20.29
C ASN A 1172 -35.05 26.82 19.32
N GLN A 1173 -34.72 26.31 18.13
CA GLN A 1173 -34.04 27.14 17.15
C GLN A 1173 -34.91 27.22 15.90
N VAL A 1174 -35.32 28.43 15.53
CA VAL A 1174 -36.15 28.62 14.30
C VAL A 1174 -35.34 29.43 13.29
N ASP A 1175 -35.23 28.93 12.05
CA ASP A 1175 -34.45 29.64 10.99
C ASP A 1175 -35.37 29.91 9.80
N LEU A 1176 -35.22 31.08 9.15
CA LEU A 1176 -36.09 31.45 8.00
C LEU A 1176 -35.27 31.37 6.71
N THR A 1177 -33.94 31.47 6.81
CA THR A 1177 -33.08 31.39 5.63
C THR A 1177 -33.05 29.94 5.17
N ARG A 1178 -34.10 29.56 4.45
CA ARG A 1178 -34.25 28.18 4.01
C ARG A 1178 -33.13 27.79 3.06
N ARG A 1179 -32.73 26.52 3.13
CA ARG A 1179 -31.69 25.99 2.26
C ARG A 1179 -32.27 25.61 0.91
N ALA A 1180 -32.94 26.56 0.25
CA ALA A 1180 -33.59 26.34 -1.04
C ALA A 1180 -32.95 27.19 -2.12
N ARG A 1181 -31.61 27.27 -2.11
CA ARG A 1181 -30.83 28.00 -3.11
C ARG A 1181 -31.29 29.46 -3.10
N SER A 1182 -31.87 29.97 -4.18
CA SER A 1182 -32.33 31.35 -4.19
C SER A 1182 -33.47 31.58 -3.21
N GLU A 1183 -34.19 30.52 -2.85
CA GLU A 1183 -35.31 30.57 -1.90
C GLU A 1183 -36.35 31.54 -2.47
N GLU A 1184 -36.75 32.58 -1.74
CA GLU A 1184 -37.68 33.54 -2.32
C GLU A 1184 -36.94 34.45 -3.30
N PRO A 1185 -37.60 34.85 -4.39
CA PRO A 1185 -36.97 35.76 -5.35
C PRO A 1185 -37.03 37.20 -4.85
N ARG A 1186 -36.42 38.10 -5.62
CA ARG A 1186 -36.37 39.52 -5.27
C ARG A 1186 -37.67 40.18 -5.72
N THR A 1187 -38.70 40.01 -4.89
CA THR A 1187 -40.01 40.58 -5.16
C THR A 1187 -40.24 41.79 -4.26
N PRO A 1188 -40.28 43.01 -4.80
CA PRO A 1188 -40.52 44.19 -3.96
C PRO A 1188 -41.97 44.24 -3.50
N SER A 1189 -42.16 44.53 -2.22
CA SER A 1189 -43.46 44.61 -1.54
C SER A 1189 -44.20 43.28 -1.49
N GLU A 1190 -43.60 42.19 -1.97
CA GLU A 1190 -44.20 40.86 -1.90
C GLU A 1190 -43.45 39.94 -0.95
N GLU A 1191 -42.81 40.50 0.08
CA GLU A 1191 -42.21 39.71 1.15
C GLU A 1191 -43.00 39.78 2.44
N GLU A 1192 -44.14 40.48 2.44
CA GLU A 1192 -44.98 40.54 3.62
C GLU A 1192 -45.53 39.17 3.99
N GLU A 1193 -45.72 38.29 3.00
CA GLU A 1193 -46.11 36.92 3.30
C GLU A 1193 -45.02 36.18 4.07
N GLU A 1194 -43.76 36.37 3.66
CA GLU A 1194 -42.63 35.72 4.35
C GLU A 1194 -42.55 36.29 5.77
N LEU A 1195 -42.77 37.60 5.93
CA LEU A 1195 -42.75 38.22 7.28
C LEU A 1195 -43.87 37.60 8.11
N GLN A 1196 -45.08 37.52 7.55
CA GLN A 1196 -46.20 36.91 8.27
C GLN A 1196 -45.89 35.47 8.67
N ARG A 1197 -45.17 34.76 7.81
CA ARG A 1197 -44.74 33.38 8.17
C ARG A 1197 -43.85 33.49 9.42
N PHE A 1198 -42.96 34.48 9.44
CA PHE A 1198 -42.05 34.67 10.60
C PHE A 1198 -42.87 34.97 11.86
N VAL A 1199 -43.80 35.93 11.76
CA VAL A 1199 -44.60 36.32 12.96
C VAL A 1199 -45.32 35.06 13.46
N ASN A 1200 -45.76 34.19 12.54
CA ASN A 1200 -46.38 32.94 12.96
C ASN A 1200 -45.37 32.04 13.66
N ALA A 1201 -44.17 31.91 13.10
CA ALA A 1201 -43.17 31.06 13.71
C ALA A 1201 -42.79 31.53 15.11
N VAL A 1202 -42.66 32.84 15.30
CA VAL A 1202 -42.25 33.34 16.61
C VAL A 1202 -43.40 33.23 17.61
N LEU A 1203 -44.66 33.44 17.18
CA LEU A 1203 -45.74 33.27 18.14
C LEU A 1203 -45.93 31.81 18.51
N LEU A 1204 -45.60 30.89 17.60
CA LEU A 1204 -45.56 29.48 17.93
C LEU A 1204 -44.26 29.18 18.67
N THR A 1205 -44.17 27.92 19.13
CA THR A 1205 -43.01 27.51 19.96
C THR A 1205 -43.00 28.40 21.20
N SER A 1206 -41.83 28.80 21.68
CA SER A 1206 -41.68 29.68 22.82
C SER A 1206 -42.52 29.20 24.00
N ALA A 1207 -43.48 30.03 24.43
CA ALA A 1207 -44.40 29.66 25.49
C ALA A 1207 -45.83 29.58 24.95
N PRO A 1208 -46.66 28.67 25.48
CA PRO A 1208 -48.06 28.52 25.06
C PRO A 1208 -48.87 29.79 25.22
N LEU B 13 59.72 -13.05 -26.65
CA LEU B 13 59.87 -13.66 -25.29
C LEU B 13 59.20 -12.76 -24.25
N ILE B 14 59.87 -11.69 -23.83
CA ILE B 14 59.32 -10.79 -22.76
C ILE B 14 59.32 -9.35 -23.25
N THR B 15 58.14 -8.72 -23.32
CA THR B 15 58.04 -7.32 -23.72
C THR B 15 58.90 -6.43 -22.84
N GLY B 16 58.83 -6.66 -21.52
CA GLY B 16 59.64 -5.87 -20.57
C GLY B 16 61.03 -6.45 -20.42
N GLY B 17 61.84 -6.38 -21.50
CA GLY B 17 63.22 -6.89 -21.45
C GLY B 17 64.20 -5.80 -21.04
N ALA B 18 63.73 -4.55 -20.90
CA ALA B 18 64.62 -3.43 -20.54
C ALA B 18 64.37 -3.02 -19.09
N GLY B 19 65.31 -3.36 -18.20
CA GLY B 19 65.18 -2.97 -16.77
C GLY B 19 63.82 -3.33 -16.21
N ASN B 20 63.34 -4.54 -16.50
CA ASN B 20 61.99 -4.98 -16.02
C ASN B 20 62.10 -6.38 -15.42
N ILE B 21 61.00 -6.91 -14.90
CA ILE B 21 60.99 -8.29 -14.33
C ILE B 21 61.49 -9.25 -15.41
N GLY B 22 61.00 -9.09 -16.65
CA GLY B 22 61.45 -9.94 -17.77
C GLY B 22 62.95 -9.78 -17.99
N GLU B 23 63.45 -8.54 -17.89
CA GLU B 23 64.91 -8.31 -18.04
C GLU B 23 65.64 -9.19 -17.02
N VAL B 24 65.06 -9.37 -15.83
CA VAL B 24 65.66 -10.26 -14.81
C VAL B 24 65.50 -11.71 -15.27
N ILE B 25 64.33 -12.05 -15.83
CA ILE B 25 64.04 -13.46 -16.25
C ILE B 25 64.98 -13.84 -17.40
N THR B 26 65.63 -12.86 -18.03
CA THR B 26 66.58 -13.15 -19.13
C THR B 26 67.68 -14.09 -18.61
N ARG B 27 67.93 -14.06 -17.31
CA ARG B 27 68.95 -14.97 -16.71
C ARG B 27 68.47 -16.43 -16.82
N ARG B 28 67.19 -16.63 -17.15
CA ARG B 28 66.65 -18.01 -17.32
C ARG B 28 66.55 -18.33 -18.82
N PHE B 29 65.80 -19.37 -19.19
CA PHE B 29 65.60 -19.71 -20.58
C PHE B 29 66.90 -20.08 -21.29
N LEU B 30 68.04 -20.09 -20.60
CA LEU B 30 69.32 -20.43 -21.22
C LEU B 30 69.81 -21.82 -20.88
N ALA B 31 69.34 -22.41 -19.76
CA ALA B 31 69.73 -23.77 -19.42
C ALA B 31 69.22 -24.76 -20.47
N GLU B 32 67.98 -24.57 -20.91
CA GLU B 32 67.38 -25.43 -21.94
C GLU B 32 67.19 -24.68 -23.25
N GLY B 33 67.96 -23.62 -23.48
CA GLY B 33 67.85 -22.83 -24.69
C GLY B 33 68.70 -21.58 -24.67
N ALA B 34 68.12 -20.45 -25.07
CA ALA B 34 68.84 -19.19 -25.08
C ALA B 34 67.85 -18.04 -24.92
N THR B 35 68.28 -17.00 -24.20
CA THR B 35 67.45 -15.81 -24.02
C THR B 35 67.66 -14.86 -25.19
N VAL B 36 66.58 -14.56 -25.92
CA VAL B 36 66.64 -13.76 -27.13
C VAL B 36 65.57 -12.67 -27.05
N VAL B 37 65.53 -11.85 -28.11
CA VAL B 37 64.59 -10.75 -28.33
C VAL B 37 64.29 -10.02 -27.01
N ILE B 38 65.34 -9.58 -26.33
CA ILE B 38 65.19 -8.78 -25.12
C ILE B 38 64.85 -7.35 -25.53
N THR B 39 63.57 -7.00 -25.47
CA THR B 39 63.11 -5.70 -25.94
C THR B 39 63.73 -4.57 -25.11
N GLY B 40 64.17 -3.52 -25.79
CA GLY B 40 64.81 -2.40 -25.15
C GLY B 40 63.83 -1.29 -24.78
N ARG B 41 64.39 -0.18 -24.32
CA ARG B 41 63.59 0.95 -23.86
C ARG B 41 63.12 1.79 -25.05
N ASN B 42 62.23 2.75 -24.74
CA ASN B 42 61.73 3.66 -25.77
C ASN B 42 62.84 4.57 -26.29
N ALA B 43 63.71 5.04 -25.40
CA ALA B 43 64.79 5.94 -25.83
C ALA B 43 65.74 5.24 -26.80
N GLU B 44 66.12 4.01 -26.49
CA GLU B 44 66.99 3.18 -27.31
C GLU B 44 68.37 3.79 -27.54
N LYS B 45 68.73 4.82 -26.78
CA LYS B 45 70.05 5.43 -26.90
C LYS B 45 71.05 4.82 -25.92
N LEU B 46 70.75 4.90 -24.63
CA LEU B 46 71.58 4.26 -23.61
C LEU B 46 71.20 2.81 -23.36
N ALA B 47 70.13 2.32 -24.01
CA ALA B 47 69.71 0.93 -23.82
C ALA B 47 70.62 -0.06 -24.53
N VAL B 48 71.34 0.39 -25.58
CA VAL B 48 72.22 -0.51 -26.31
C VAL B 48 73.33 -1.04 -25.40
N TYR B 49 73.94 -0.16 -24.61
CA TYR B 49 74.95 -0.57 -23.65
C TYR B 49 74.36 -0.95 -22.29
N ARG B 50 73.07 -0.76 -22.09
CA ARG B 50 72.43 -1.11 -20.82
C ARG B 50 72.22 -2.61 -20.72
N ARG B 51 72.71 -3.20 -19.62
CA ARG B 51 72.54 -4.61 -19.32
C ARG B 51 73.23 -5.51 -20.33
N ARG B 52 73.94 -4.92 -21.29
CA ARG B 52 74.68 -5.73 -22.26
C ARG B 52 75.83 -6.46 -21.58
N LEU B 53 76.59 -5.76 -20.74
CA LEU B 53 77.66 -6.41 -19.98
C LEU B 53 77.10 -7.43 -19.01
N ILE B 54 75.97 -7.12 -18.37
CA ILE B 54 75.34 -8.07 -17.46
C ILE B 54 74.90 -9.32 -18.21
N ASP B 55 74.28 -9.14 -19.38
CA ASP B 55 73.85 -10.29 -20.18
C ASP B 55 75.02 -11.11 -20.67
N GLU B 56 76.14 -10.45 -21.04
CA GLU B 56 77.31 -11.18 -21.50
C GLU B 56 77.92 -12.05 -20.42
N GLU B 57 77.68 -11.75 -19.15
CA GLU B 57 78.23 -12.55 -18.06
C GLU B 57 77.57 -13.91 -18.02
N ARG B 58 78.38 -14.97 -17.95
CA ARG B 58 77.93 -16.35 -17.87
C ARG B 58 77.02 -16.75 -19.04
N VAL B 59 77.10 -16.02 -20.14
CA VAL B 59 76.29 -16.32 -21.32
C VAL B 59 77.06 -15.93 -22.58
N ALA B 60 77.33 -16.91 -23.43
CA ALA B 60 78.01 -16.63 -24.69
C ALA B 60 77.07 -15.89 -25.64
N PRO B 61 77.62 -15.21 -26.65
CA PRO B 61 76.76 -14.48 -27.60
C PRO B 61 75.77 -15.40 -28.30
N GLU B 62 76.27 -16.40 -29.01
CA GLU B 62 75.46 -17.42 -29.69
C GLU B 62 74.40 -16.69 -30.54
N ARG B 63 73.13 -17.09 -30.46
CA ARG B 63 72.06 -16.40 -31.17
C ARG B 63 71.23 -15.52 -30.24
N VAL B 64 71.75 -15.20 -29.05
CA VAL B 64 71.01 -14.37 -28.10
C VAL B 64 70.79 -13.00 -28.71
N VAL B 65 69.53 -12.60 -28.83
CA VAL B 65 69.15 -11.34 -29.46
C VAL B 65 68.85 -10.35 -28.34
N ALA B 66 69.81 -9.48 -28.03
CA ALA B 66 69.62 -8.39 -27.08
C ALA B 66 69.30 -7.06 -27.77
N LEU B 67 68.68 -7.11 -28.94
CA LEU B 67 68.40 -5.89 -29.68
C LEU B 67 67.39 -5.02 -28.92
N ARG B 68 67.66 -3.72 -28.90
CA ARG B 68 66.82 -2.77 -28.18
C ARG B 68 65.62 -2.38 -29.06
N MET B 69 64.66 -3.30 -29.14
CA MET B 69 63.44 -3.04 -29.88
C MET B 69 62.65 -1.93 -29.20
N ASP B 70 62.07 -1.05 -30.02
CA ASP B 70 61.31 0.09 -29.51
C ASP B 70 59.91 -0.39 -29.11
N GLY B 71 59.64 -0.36 -27.80
CA GLY B 71 58.32 -0.69 -27.31
C GLY B 71 57.35 0.45 -27.49
N SER B 72 57.02 0.75 -28.75
CA SER B 72 56.17 1.89 -29.05
C SER B 72 54.76 1.69 -28.53
N ASP B 73 54.18 2.74 -27.96
CA ASP B 73 52.78 2.66 -27.45
C ASP B 73 51.83 2.60 -28.66
N ILE B 74 52.05 3.46 -29.66
CA ILE B 74 51.20 3.48 -30.84
C ILE B 74 51.69 2.44 -31.84
N ALA B 75 50.87 2.13 -32.84
CA ALA B 75 51.08 1.01 -33.74
C ALA B 75 51.92 1.37 -34.96
N GLN B 76 52.84 2.33 -34.84
CA GLN B 76 53.67 2.69 -35.99
C GLN B 76 54.61 1.56 -36.39
N VAL B 77 55.03 0.73 -35.42
CA VAL B 77 55.86 -0.44 -35.71
C VAL B 77 55.05 -1.73 -35.67
N ARG B 78 53.72 -1.64 -35.56
CA ARG B 78 52.91 -2.84 -35.51
C ARG B 78 53.06 -3.69 -36.77
N ALA B 79 53.03 -3.05 -37.93
CA ALA B 79 53.29 -3.76 -39.18
C ALA B 79 54.72 -4.26 -39.23
N GLY B 80 55.68 -3.45 -38.79
CA GLY B 80 57.07 -3.84 -38.72
C GLY B 80 57.29 -5.05 -37.83
N VAL B 81 58.06 -6.02 -38.30
CA VAL B 81 58.23 -7.26 -37.55
C VAL B 81 59.20 -7.05 -36.39
N ALA B 82 60.45 -6.71 -36.70
CA ALA B 82 61.52 -6.61 -35.72
C ALA B 82 61.61 -7.89 -34.89
N GLN B 83 61.96 -8.97 -35.58
CA GLN B 83 61.98 -10.33 -35.03
C GLN B 83 60.57 -10.79 -34.69
N ILE B 84 59.67 -10.69 -35.66
CA ILE B 84 58.30 -11.19 -35.51
C ILE B 84 57.97 -12.18 -36.62
N VAL B 85 57.97 -11.72 -37.86
CA VAL B 85 57.58 -12.53 -39.02
C VAL B 85 58.68 -12.57 -40.08
N HIS B 86 59.22 -11.41 -40.44
CA HIS B 86 60.21 -11.33 -41.51
C HIS B 86 61.15 -10.17 -41.26
N GLY B 87 62.32 -10.23 -41.90
CA GLY B 87 63.27 -9.15 -41.79
C GLY B 87 64.21 -9.27 -40.60
N GLY B 88 63.89 -8.56 -39.53
CA GLY B 88 64.70 -8.58 -38.33
C GLY B 88 65.84 -7.59 -38.38
N THR B 89 66.65 -7.63 -37.31
CA THR B 89 67.79 -6.71 -37.21
C THR B 89 68.92 -7.15 -38.12
N ASP B 90 69.47 -8.34 -37.89
CA ASP B 90 70.59 -8.84 -38.68
C ASP B 90 70.46 -10.30 -39.09
N VAL B 91 69.53 -11.07 -38.51
CA VAL B 91 69.43 -12.50 -38.77
C VAL B 91 67.98 -12.83 -39.10
N PRO B 92 67.75 -13.94 -39.82
CA PRO B 92 66.39 -14.24 -40.29
C PRO B 92 65.49 -14.89 -39.24
N ILE B 93 65.84 -14.75 -37.97
CA ILE B 93 65.07 -15.35 -36.87
C ILE B 93 63.62 -14.89 -36.85
N PRO B 94 63.22 -13.72 -37.38
CA PRO B 94 61.78 -13.45 -37.49
C PRO B 94 61.04 -14.48 -38.33
N LEU B 95 61.68 -15.08 -39.32
CA LEU B 95 61.02 -16.12 -40.12
C LEU B 95 60.64 -17.31 -39.25
N HIS B 96 61.38 -17.47 -38.15
CA HIS B 96 61.06 -18.54 -37.18
C HIS B 96 59.99 -18.00 -36.23
N ARG B 97 59.17 -18.88 -35.68
CA ARG B 97 58.08 -18.50 -34.79
C ARG B 97 58.48 -18.78 -33.35
N ILE B 98 58.43 -17.76 -32.50
CA ILE B 98 58.74 -17.92 -31.09
C ILE B 98 57.50 -18.41 -30.35
N ASP B 99 57.68 -19.47 -29.55
CA ASP B 99 56.56 -20.15 -28.92
C ASP B 99 55.91 -19.37 -27.78
N ILE B 100 56.53 -18.30 -27.30
CA ILE B 100 56.02 -17.58 -26.14
C ILE B 100 56.00 -16.09 -26.43
N LEU B 101 55.15 -15.37 -25.69
CA LEU B 101 55.06 -13.92 -25.76
C LEU B 101 54.46 -13.40 -24.48
N VAL B 102 55.01 -12.30 -23.96
CA VAL B 102 54.61 -11.74 -22.67
C VAL B 102 54.05 -10.35 -22.92
N ASN B 103 52.91 -10.06 -22.30
CA ASN B 103 52.21 -8.79 -22.47
C ASN B 103 52.43 -7.85 -21.29
N ASN B 104 53.63 -7.87 -20.71
CA ASN B 104 53.94 -6.97 -19.60
C ASN B 104 54.18 -5.57 -20.12
N ALA B 105 53.74 -4.57 -19.34
CA ALA B 105 53.85 -3.17 -19.70
C ALA B 105 54.96 -2.44 -18.95
N GLY B 106 55.00 -2.57 -17.64
CA GLY B 106 56.05 -1.95 -16.85
C GLY B 106 56.03 -0.43 -16.84
N SER B 107 54.87 0.18 -16.67
CA SER B 107 54.73 1.63 -16.58
C SER B 107 53.85 1.95 -15.38
N ALA B 108 54.45 2.47 -14.31
CA ALA B 108 53.69 2.77 -13.10
C ALA B 108 52.74 3.95 -13.32
N GLY B 109 53.20 4.97 -14.03
CA GLY B 109 52.38 6.14 -14.28
C GLY B 109 52.33 7.09 -13.11
N PRO B 110 51.52 8.15 -13.22
CA PRO B 110 51.43 9.12 -12.14
C PRO B 110 50.77 8.53 -10.90
N ARG B 111 51.12 9.10 -9.74
CA ARG B 111 50.59 8.68 -8.44
C ARG B 111 49.97 9.91 -7.79
N ARG B 112 48.66 10.05 -8.01
CA ARG B 112 47.95 11.21 -7.44
C ARG B 112 46.48 10.84 -7.20
N ARG B 113 45.72 11.78 -6.67
CA ARG B 113 44.31 11.59 -6.38
C ARG B 113 43.47 11.78 -7.64
N LEU B 114 42.15 11.77 -7.47
CA LEU B 114 41.23 11.92 -8.59
C LEU B 114 40.87 13.40 -8.88
N VAL B 115 41.59 14.35 -8.32
CA VAL B 115 41.28 15.76 -8.53
C VAL B 115 42.33 16.39 -9.42
N ASP B 116 43.56 15.88 -9.35
CA ASP B 116 44.70 16.51 -10.02
C ASP B 116 45.54 15.47 -10.76
N ILE B 117 44.86 14.60 -11.50
CA ILE B 117 45.61 13.62 -12.36
C ILE B 117 46.06 14.39 -13.61
N PRO B 118 47.31 14.23 -14.08
CA PRO B 118 47.82 15.01 -15.22
C PRO B 118 47.15 14.63 -16.52
N LEU B 119 45.99 15.22 -16.82
CA LEU B 119 45.23 14.84 -18.04
C LEU B 119 45.94 15.35 -19.29
N GLU B 120 46.48 16.57 -19.27
CA GLU B 120 47.15 17.17 -20.40
C GLU B 120 48.63 17.35 -20.10
N PRO B 121 49.48 17.45 -21.14
CA PRO B 121 50.92 17.64 -20.88
C PRO B 121 51.24 18.92 -20.13
N SER B 122 50.40 19.94 -20.23
CA SER B 122 50.64 21.17 -19.47
C SER B 122 50.39 20.98 -17.98
N GLU B 123 49.59 19.99 -17.60
CA GLU B 123 49.27 19.74 -16.19
C GLU B 123 50.29 18.84 -15.49
N VAL B 124 51.30 18.33 -16.22
CA VAL B 124 52.24 17.40 -15.61
C VAL B 124 53.12 18.12 -14.60
N GLN B 125 53.61 17.35 -13.64
CA GLN B 125 54.54 17.80 -12.62
C GLN B 125 55.76 16.90 -12.63
N PRO B 126 56.89 17.36 -12.12
CA PRO B 126 58.11 16.53 -12.10
C PRO B 126 57.88 15.19 -11.40
N PRO B 127 57.10 15.12 -10.29
CA PRO B 127 56.78 13.83 -9.67
C PRO B 127 55.97 12.96 -10.64
N ASP B 128 55.29 13.60 -11.61
CA ASP B 128 54.47 12.84 -12.60
C ASP B 128 55.38 12.43 -13.76
N SER B 129 55.08 11.28 -14.40
CA SER B 129 55.87 10.86 -15.56
C SER B 129 55.19 11.25 -16.87
N GLU B 130 54.00 10.72 -17.12
CA GLU B 130 53.28 10.93 -18.37
C GLU B 130 51.91 11.55 -18.10
N THR B 131 51.12 11.66 -19.16
CA THR B 131 49.78 12.24 -19.08
C THR B 131 48.74 11.12 -18.94
N LEU B 132 47.48 11.52 -18.76
CA LEU B 132 46.42 10.55 -18.52
C LEU B 132 46.22 9.63 -19.72
N ALA B 133 46.12 10.20 -20.92
CA ALA B 133 46.00 9.39 -22.12
C ALA B 133 47.21 8.50 -22.31
N GLN B 134 48.40 9.07 -22.09
CA GLN B 134 49.64 8.25 -22.18
C GLN B 134 49.58 7.15 -21.13
N ALA B 135 49.18 7.49 -19.90
CA ALA B 135 49.16 6.51 -18.83
C ALA B 135 48.24 5.34 -19.17
N VAL B 136 47.05 5.63 -19.69
CA VAL B 136 46.13 4.56 -20.10
C VAL B 136 46.74 3.75 -21.25
N GLY B 137 47.37 4.44 -22.20
CA GLY B 137 48.00 3.75 -23.31
C GLY B 137 49.07 2.78 -22.85
N ASN B 138 49.97 3.26 -21.97
CA ASN B 138 51.12 2.47 -21.53
C ASN B 138 50.72 1.17 -20.86
N LEU B 139 49.45 0.95 -20.58
CA LEU B 139 48.99 -0.28 -19.95
C LEU B 139 47.94 -1.05 -20.74
N VAL B 140 47.17 -0.39 -21.62
CA VAL B 140 46.15 -1.05 -22.41
C VAL B 140 46.53 -1.10 -23.89
N GLY B 141 47.01 0.02 -24.44
CA GLY B 141 47.24 0.10 -25.87
C GLY B 141 48.36 -0.81 -26.34
N ILE B 142 49.47 -0.86 -25.59
CA ILE B 142 50.56 -1.75 -25.96
C ILE B 142 50.10 -3.20 -25.91
N THR B 143 49.36 -3.55 -24.86
CA THR B 143 48.80 -4.90 -24.74
C THR B 143 47.99 -5.25 -25.98
N TRP B 144 47.05 -4.39 -26.35
CA TRP B 144 46.14 -4.71 -27.44
C TRP B 144 46.85 -4.74 -28.79
N ASN B 145 47.73 -3.76 -29.05
CA ASN B 145 48.39 -3.72 -30.35
C ASN B 145 49.42 -4.84 -30.49
N LEU B 146 50.12 -5.18 -29.41
CA LEU B 146 51.04 -6.31 -29.46
C LEU B 146 50.28 -7.63 -29.61
N THR B 147 49.07 -7.72 -29.05
CA THR B 147 48.24 -8.89 -29.30
C THR B 147 47.88 -9.00 -30.77
N ARG B 148 47.50 -7.87 -31.38
CA ARG B 148 47.15 -7.90 -32.81
C ARG B 148 48.35 -8.17 -33.70
N ALA B 149 49.53 -7.68 -33.31
CA ALA B 149 50.71 -7.79 -34.16
C ALA B 149 51.13 -9.25 -34.32
N ALA B 150 51.42 -9.64 -35.55
CA ALA B 150 51.83 -11.01 -35.88
C ALA B 150 50.81 -12.03 -35.38
N ALA B 151 49.53 -11.70 -35.53
CA ALA B 151 48.48 -12.61 -35.11
C ALA B 151 48.50 -13.94 -35.86
N PRO B 152 48.62 -13.99 -37.19
CA PRO B 152 48.67 -15.30 -37.86
C PRO B 152 49.95 -16.08 -37.62
N HIS B 153 50.97 -15.45 -37.01
CA HIS B 153 52.24 -16.11 -36.78
C HIS B 153 52.18 -16.89 -35.45
N MET B 154 53.37 -17.28 -34.95
CA MET B 154 53.57 -18.10 -33.76
C MET B 154 53.13 -19.53 -34.00
N PRO B 155 53.72 -20.50 -33.31
CA PRO B 155 53.38 -21.91 -33.57
C PRO B 155 51.92 -22.21 -33.24
N SER B 156 51.42 -23.28 -33.86
CA SER B 156 50.03 -23.68 -33.67
C SER B 156 49.72 -24.06 -32.24
N GLY B 157 50.74 -24.43 -31.46
CA GLY B 157 50.54 -24.78 -30.06
C GLY B 157 51.39 -23.93 -29.13
N SER B 158 51.50 -22.65 -29.44
CA SER B 158 52.34 -21.73 -28.67
C SER B 158 51.62 -21.35 -27.38
N SER B 159 52.18 -20.39 -26.65
CA SER B 159 51.62 -19.94 -25.39
C SER B 159 51.66 -18.43 -25.31
N VAL B 160 50.66 -17.85 -24.66
CA VAL B 160 50.57 -16.41 -24.43
C VAL B 160 50.51 -16.19 -22.92
N ILE B 161 51.40 -15.36 -22.41
CA ILE B 161 51.53 -15.10 -20.98
C ILE B 161 51.27 -13.63 -20.70
N ASN B 162 50.42 -13.36 -19.72
CA ASN B 162 50.17 -11.99 -19.27
C ASN B 162 50.75 -11.81 -17.88
N ILE B 163 50.89 -10.53 -17.49
CA ILE B 163 51.42 -10.18 -16.14
C ILE B 163 50.64 -8.94 -15.65
N SER B 164 49.95 -9.05 -14.52
CA SER B 164 49.16 -7.95 -13.97
C SER B 164 49.39 -7.90 -12.46
N THR B 165 49.10 -6.74 -11.88
CA THR B 165 49.27 -6.55 -10.45
C THR B 165 48.14 -7.25 -9.69
N ILE B 166 48.48 -7.83 -8.53
CA ILE B 166 47.48 -8.46 -7.68
C ILE B 166 46.59 -7.44 -6.99
N PHE B 167 46.88 -6.15 -7.13
CA PHE B 167 46.03 -5.09 -6.63
C PHE B 167 44.89 -4.74 -7.58
N SER B 168 44.76 -5.48 -8.68
CA SER B 168 43.67 -5.27 -9.63
C SER B 168 42.31 -5.57 -9.02
N ARG B 169 42.25 -6.24 -7.86
CA ARG B 169 41.02 -6.46 -7.14
C ARG B 169 40.99 -5.81 -5.76
N THR B 170 42.15 -5.45 -5.21
CA THR B 170 42.25 -4.85 -3.89
C THR B 170 42.34 -3.33 -3.99
N ASP B 171 41.80 -2.65 -2.99
CA ASP B 171 41.81 -1.18 -2.98
C ASP B 171 43.24 -0.65 -2.89
N TYR B 172 43.44 0.52 -3.49
CA TYR B 172 44.81 1.05 -3.68
C TYR B 172 44.72 2.57 -3.73
N TYR B 173 45.00 3.22 -2.61
CA TYR B 173 44.84 4.67 -2.50
C TYR B 173 45.75 5.40 -3.50
N GLY B 174 45.16 6.37 -4.19
CA GLY B 174 45.93 7.27 -5.04
C GLY B 174 46.65 6.61 -6.19
N ARG B 175 46.09 5.53 -6.74
CA ARG B 175 46.70 4.87 -7.89
C ARG B 175 45.66 4.53 -8.95
N ILE B 176 44.66 5.39 -9.13
CA ILE B 176 43.64 5.16 -10.16
C ILE B 176 44.29 5.10 -11.54
N ALA B 177 45.25 5.99 -11.79
CA ALA B 177 45.96 5.95 -13.07
C ALA B 177 46.74 4.66 -13.25
N TYR B 178 46.97 3.91 -12.17
CA TYR B 178 47.62 2.61 -12.26
C TYR B 178 46.58 1.49 -12.47
N VAL B 179 45.57 1.44 -11.60
CA VAL B 179 44.71 0.26 -11.56
C VAL B 179 43.63 0.32 -12.63
N ALA B 180 43.13 1.52 -12.94
CA ALA B 180 42.09 1.67 -13.95
C ALA B 180 42.49 1.07 -15.31
N PRO B 181 43.71 1.27 -15.83
CA PRO B 181 44.12 0.50 -17.01
C PRO B 181 44.60 -0.89 -16.63
N LYS B 182 45.04 -1.08 -15.38
CA LYS B 182 45.46 -2.40 -14.92
C LYS B 182 44.28 -3.32 -14.62
N ALA B 183 43.07 -2.78 -14.50
CA ALA B 183 41.87 -3.58 -14.41
C ALA B 183 41.28 -3.88 -15.79
N ALA B 184 42.11 -3.85 -16.83
CA ALA B 184 41.62 -4.00 -18.19
C ALA B 184 42.33 -5.12 -18.94
N LEU B 185 43.59 -5.41 -18.58
CA LEU B 185 44.28 -6.52 -19.23
C LEU B 185 43.64 -7.85 -18.89
N ASN B 186 43.22 -8.04 -17.63
CA ASN B 186 42.53 -9.26 -17.26
C ASN B 186 41.22 -9.41 -18.02
N ALA B 187 40.46 -8.32 -18.14
CA ALA B 187 39.22 -8.36 -18.91
C ALA B 187 39.47 -8.66 -20.37
N LEU B 188 40.50 -8.04 -20.95
CA LEU B 188 40.80 -8.27 -22.35
C LEU B 188 41.24 -9.71 -22.59
N SER B 189 42.03 -10.27 -21.67
CA SER B 189 42.40 -11.68 -21.77
C SER B 189 41.19 -12.59 -21.67
N ASP B 190 40.26 -12.26 -20.76
CA ASP B 190 39.03 -13.03 -20.63
C ASP B 190 38.25 -13.00 -21.94
N GLY B 191 38.07 -11.82 -22.52
CA GLY B 191 37.33 -11.69 -23.76
C GLY B 191 38.05 -12.26 -24.97
N LEU B 192 39.37 -12.35 -24.93
CA LEU B 192 40.14 -12.84 -26.06
C LEU B 192 40.40 -14.34 -26.02
N ALA B 193 40.30 -14.97 -24.84
CA ALA B 193 40.52 -16.41 -24.76
C ALA B 193 39.53 -17.17 -25.63
N ARG B 194 38.25 -16.79 -25.54
CA ARG B 194 37.21 -17.49 -26.28
C ARG B 194 37.42 -17.36 -27.80
N GLU B 195 37.76 -16.16 -28.26
CA GLU B 195 37.91 -15.89 -29.68
C GLU B 195 39.30 -16.23 -30.22
N LEU B 196 40.24 -16.60 -29.35
CA LEU B 196 41.57 -17.00 -29.79
C LEU B 196 41.85 -18.48 -29.67
N GLY B 197 41.23 -19.14 -28.68
CA GLY B 197 41.49 -20.58 -28.45
C GLY B 197 41.24 -21.42 -29.68
N VAL B 198 40.39 -20.93 -30.60
CA VAL B 198 40.06 -21.69 -31.84
C VAL B 198 41.35 -22.21 -32.48
N ARG B 199 42.27 -21.30 -32.84
CA ARG B 199 43.51 -21.71 -33.51
C ARG B 199 44.38 -22.58 -32.63
N GLY B 200 44.12 -22.62 -31.32
CA GLY B 200 44.90 -23.45 -30.41
C GLY B 200 45.97 -22.68 -29.67
N ILE B 201 45.64 -21.50 -29.17
CA ILE B 201 46.56 -20.68 -28.39
C ILE B 201 45.95 -20.46 -27.01
N ARG B 202 46.75 -20.69 -25.98
CA ARG B 202 46.32 -20.47 -24.61
C ARG B 202 46.79 -19.10 -24.13
N VAL B 203 46.11 -18.60 -23.10
CA VAL B 203 46.43 -17.30 -22.49
C VAL B 203 46.64 -17.55 -21.00
N ASN B 204 47.89 -17.79 -20.60
CA ASN B 204 48.23 -18.02 -19.20
C ASN B 204 48.31 -16.67 -18.51
N THR B 205 47.29 -16.34 -17.72
CA THR B 205 47.16 -15.02 -17.11
C THR B 205 47.72 -15.11 -15.69
N ILE B 206 49.03 -14.91 -15.58
CA ILE B 206 49.77 -15.11 -14.33
C ILE B 206 50.06 -13.75 -13.71
N TYR B 207 49.80 -13.60 -12.42
CA TYR B 207 50.08 -12.35 -11.71
C TYR B 207 51.17 -12.55 -10.66
N PRO B 208 52.42 -12.12 -10.95
CA PRO B 208 53.47 -12.12 -9.93
C PRO B 208 53.07 -11.12 -8.85
N GLY B 209 53.34 -11.43 -7.59
CA GLY B 209 53.00 -10.61 -6.46
C GLY B 209 54.07 -9.57 -6.16
N PRO B 210 53.86 -8.69 -5.16
CA PRO B 210 54.89 -7.71 -4.77
C PRO B 210 56.11 -8.43 -4.17
N ILE B 211 57.32 -7.97 -4.52
CA ILE B 211 58.56 -8.59 -3.98
C ILE B 211 58.94 -7.91 -2.67
N GLU B 212 59.34 -8.68 -1.66
CA GLU B 212 59.69 -8.10 -0.34
C GLU B 212 61.04 -7.38 -0.44
N SER B 213 61.06 -6.07 -0.12
CA SER B 213 62.30 -5.30 -0.15
C SER B 213 62.07 -4.02 0.64
N GLU B 214 63.10 -3.18 0.69
CA GLU B 214 62.97 -1.90 1.38
C GLU B 214 62.18 -0.89 0.56
N ARG B 215 62.16 -1.06 -0.78
CA ARG B 215 61.44 -0.12 -1.63
C ARG B 215 59.95 -0.14 -1.34
N ILE B 216 59.36 -1.35 -1.25
CA ILE B 216 57.94 -1.44 -0.95
C ILE B 216 57.66 -0.95 0.47
N TYR B 217 58.61 -1.16 1.40
CA TYR B 217 58.43 -0.65 2.75
C TYR B 217 58.33 0.87 2.75
N THR B 218 59.27 1.55 2.10
CA THR B 218 59.23 3.01 2.01
C THR B 218 57.99 3.48 1.28
N MET B 219 57.60 2.75 0.22
CA MET B 219 56.34 3.03 -0.47
C MET B 219 55.18 3.02 0.50
N PHE B 220 55.14 2.03 1.40
CA PHE B 220 54.02 1.92 2.31
C PHE B 220 54.05 2.97 3.42
N GLN B 221 55.25 3.39 3.82
CA GLN B 221 55.35 4.50 4.82
C GLN B 221 54.80 5.77 4.16
N ALA B 222 55.19 6.03 2.91
CA ALA B 222 54.64 7.18 2.20
C ALA B 222 53.14 7.03 2.01
N MET B 223 52.69 5.80 1.76
CA MET B 223 51.28 5.50 1.53
C MET B 223 50.43 5.87 2.74
N ASP B 224 50.82 5.37 3.91
CA ASP B 224 50.04 5.63 5.11
C ASP B 224 50.29 7.02 5.70
N ALA B 225 51.39 7.68 5.31
CA ALA B 225 51.49 9.10 5.59
C ALA B 225 50.52 9.90 4.74
N LEU B 226 50.33 9.49 3.48
CA LEU B 226 49.40 10.19 2.60
C LEU B 226 47.96 10.01 3.06
N LYS B 227 47.59 8.78 3.41
CA LYS B 227 46.18 8.50 3.82
C LYS B 227 45.87 9.15 5.16
N GLY B 228 46.87 9.32 6.03
CA GLY B 228 46.65 9.89 7.34
C GLY B 228 46.23 8.89 8.39
N GLN B 229 47.03 7.85 8.58
CA GLN B 229 46.77 6.79 9.54
C GLN B 229 48.04 6.49 10.32
N PRO B 230 47.92 5.88 11.50
CA PRO B 230 49.10 5.52 12.27
C PRO B 230 50.00 4.55 11.52
N GLU B 231 51.28 4.61 11.84
CA GLU B 231 52.28 3.85 11.09
C GLU B 231 52.03 2.36 11.17
N GLY B 232 52.19 1.68 10.03
CA GLY B 232 51.96 0.25 9.96
C GLY B 232 50.53 -0.17 9.71
N ASP B 233 49.62 0.78 9.46
CA ASP B 233 48.22 0.43 9.25
C ASP B 233 48.04 -0.38 7.96
N THR B 234 48.60 0.10 6.85
CA THR B 234 48.51 -0.63 5.60
C THR B 234 49.33 -1.92 5.67
N ALA B 235 50.48 -1.88 6.33
CA ALA B 235 51.29 -3.09 6.48
C ALA B 235 50.53 -4.15 7.26
N SER B 236 49.87 -3.75 8.35
CA SER B 236 49.06 -4.70 9.11
C SER B 236 47.88 -5.21 8.28
N GLY B 237 47.22 -4.31 7.54
CA GLY B 237 46.09 -4.73 6.73
C GLY B 237 46.45 -5.71 5.64
N PHE B 238 47.64 -5.58 5.06
CA PHE B 238 48.08 -6.50 4.02
C PHE B 238 48.85 -7.70 4.56
N LEU B 239 49.25 -7.68 5.83
CA LEU B 239 49.85 -8.86 6.43
C LEU B 239 48.81 -9.78 7.05
N ARG B 240 47.75 -9.22 7.63
CA ARG B 240 46.68 -10.05 8.17
C ARG B 240 45.89 -10.72 7.05
N MET B 241 45.87 -10.09 5.87
CA MET B 241 45.19 -10.70 4.70
C MET B 241 45.85 -12.04 4.38
N MET B 242 47.13 -12.21 4.73
CA MET B 242 47.87 -13.46 4.42
C MET B 242 47.34 -14.61 5.28
N ARG B 243 47.08 -15.76 4.66
CA ARG B 243 46.65 -16.94 5.40
C ARG B 243 47.71 -18.02 5.50
N LEU B 244 48.67 -18.06 4.58
CA LEU B 244 49.73 -19.05 4.60
C LEU B 244 51.01 -18.44 5.19
N SER B 245 51.86 -19.31 5.72
CA SER B 245 53.13 -18.92 6.31
C SER B 245 54.26 -19.58 5.56
N ARG B 246 55.30 -18.80 5.25
CA ARG B 246 56.39 -19.28 4.43
C ARG B 246 57.36 -20.13 5.24
N ILE B 247 58.08 -21.00 4.53
CA ILE B 247 59.06 -21.88 5.15
C ILE B 247 60.49 -21.46 4.81
N ASP B 248 60.67 -20.22 4.37
CA ASP B 248 62.02 -19.74 4.06
C ASP B 248 62.85 -19.63 5.34
N GLN B 249 64.05 -20.20 5.30
CA GLN B 249 64.94 -20.26 6.47
C GLN B 249 64.20 -20.84 7.67
N ASN B 250 63.50 -21.95 7.41
CA ASN B 250 62.59 -22.59 8.37
C ASN B 250 61.80 -21.57 9.18
N GLY B 251 61.83 -21.68 10.51
CA GLY B 251 61.11 -20.76 11.36
C GLY B 251 59.63 -21.08 11.46
N GLU B 252 58.92 -20.23 12.18
CA GLU B 252 57.49 -20.40 12.40
C GLU B 252 56.77 -19.10 12.07
N VAL B 253 55.61 -19.22 11.41
CA VAL B 253 54.72 -18.13 11.02
C VAL B 253 55.51 -16.89 10.59
N VAL B 254 56.46 -17.08 9.68
CA VAL B 254 57.24 -15.96 9.18
C VAL B 254 56.35 -14.97 8.42
N LYS B 255 55.48 -15.49 7.56
CA LYS B 255 54.53 -14.68 6.77
C LYS B 255 55.24 -13.58 5.99
N ARG B 256 56.33 -13.95 5.33
CA ARG B 256 57.04 -13.01 4.47
C ARG B 256 56.28 -12.81 3.16
N PHE B 257 56.48 -11.64 2.56
CA PHE B 257 55.81 -11.31 1.31
C PHE B 257 56.40 -12.14 0.16
N PRO B 258 55.65 -12.28 -0.94
CA PRO B 258 56.14 -13.12 -2.05
C PRO B 258 57.48 -12.64 -2.59
N SER B 259 58.29 -13.61 -3.03
CA SER B 259 59.65 -13.42 -3.52
C SER B 259 59.71 -13.57 -5.03
N PRO B 260 60.68 -12.93 -5.69
CA PRO B 260 60.78 -13.06 -7.16
C PRO B 260 61.34 -14.40 -7.61
N VAL B 261 62.00 -15.16 -6.73
CA VAL B 261 62.47 -16.49 -7.09
C VAL B 261 61.28 -17.38 -7.42
N ASP B 262 60.23 -17.33 -6.59
CA ASP B 262 59.02 -18.08 -6.90
C ASP B 262 58.35 -17.58 -8.17
N VAL B 263 58.46 -16.28 -8.45
CA VAL B 263 57.90 -15.73 -9.68
C VAL B 263 58.60 -16.35 -10.89
N ALA B 264 59.94 -16.40 -10.86
CA ALA B 264 60.67 -17.03 -11.95
C ALA B 264 60.35 -18.51 -12.05
N ASN B 265 60.22 -19.18 -10.90
CA ASN B 265 59.92 -20.61 -10.89
C ASN B 265 58.57 -20.91 -11.52
N THR B 266 57.56 -20.10 -11.21
CA THR B 266 56.23 -20.30 -11.79
C THR B 266 56.11 -19.74 -13.20
N ALA B 267 57.05 -18.90 -13.64
CA ALA B 267 57.00 -18.36 -14.98
C ALA B 267 57.73 -19.23 -16.00
N VAL B 268 58.82 -19.87 -15.60
CA VAL B 268 59.62 -20.65 -16.56
C VAL B 268 58.83 -21.84 -17.10
N LEU B 269 57.88 -22.35 -16.33
CA LEU B 269 57.13 -23.53 -16.74
C LEU B 269 56.29 -23.29 -17.99
N LEU B 270 55.98 -22.03 -18.30
CA LEU B 270 55.16 -21.74 -19.48
C LEU B 270 55.86 -22.17 -20.76
N ALA B 271 57.19 -22.14 -20.79
CA ALA B 271 57.94 -22.59 -21.95
C ALA B 271 57.96 -24.11 -22.09
N SER B 272 57.70 -24.83 -21.01
CA SER B 272 57.71 -26.29 -21.05
C SER B 272 56.38 -26.82 -21.60
N ASP B 273 56.40 -28.09 -22.01
CA ASP B 273 55.22 -28.71 -22.60
C ASP B 273 54.10 -28.93 -21.60
N GLU B 274 54.39 -28.86 -20.29
CA GLU B 274 53.36 -29.09 -19.28
C GLU B 274 52.29 -28.01 -19.28
N SER B 275 52.57 -26.83 -19.84
CA SER B 275 51.62 -25.73 -19.82
C SER B 275 50.50 -25.89 -20.85
N ALA B 276 50.54 -26.94 -21.68
CA ALA B 276 49.57 -27.08 -22.76
C ALA B 276 48.14 -27.23 -22.24
N ALA B 277 47.97 -27.72 -21.02
CA ALA B 277 46.63 -27.94 -20.49
C ALA B 277 45.96 -26.64 -20.06
N PHE B 278 46.73 -25.69 -19.54
CA PHE B 278 46.15 -24.48 -18.98
C PHE B 278 45.65 -23.55 -20.08
N THR B 279 44.51 -22.90 -19.82
CA THR B 279 43.94 -21.93 -20.74
C THR B 279 43.00 -21.03 -19.95
N GLY B 280 43.25 -19.72 -19.99
CA GLY B 280 42.47 -18.81 -19.17
C GLY B 280 42.65 -19.01 -17.68
N HIS B 281 43.80 -19.55 -17.27
CA HIS B 281 44.02 -19.94 -15.89
C HIS B 281 44.49 -18.75 -15.07
N ALA B 282 43.64 -18.29 -14.14
CA ALA B 282 44.09 -17.33 -13.15
C ALA B 282 45.17 -17.98 -12.29
N PHE B 283 46.36 -17.39 -12.31
CA PHE B 283 47.55 -18.02 -11.73
C PHE B 283 48.26 -17.05 -10.81
N GLU B 284 47.49 -16.42 -9.92
CA GLU B 284 48.03 -15.44 -8.99
C GLU B 284 49.12 -16.03 -8.11
N VAL B 285 50.37 -15.61 -8.34
CA VAL B 285 51.51 -16.14 -7.59
C VAL B 285 51.51 -15.71 -6.14
N THR B 286 50.68 -14.73 -5.78
CA THR B 286 50.49 -14.44 -4.36
C THR B 286 49.96 -15.70 -3.68
N HIS B 287 50.60 -16.07 -2.56
CA HIS B 287 50.38 -17.37 -1.94
C HIS B 287 49.53 -17.22 -0.69
N GLY B 288 48.38 -17.90 -0.67
CA GLY B 288 47.48 -17.88 0.46
C GLY B 288 46.82 -16.54 0.71
N MET B 289 46.00 -16.08 -0.22
CA MET B 289 45.31 -14.81 -0.10
C MET B 289 43.83 -15.07 -0.32
N GLU B 290 42.98 -14.32 0.39
CA GLU B 290 41.54 -14.42 0.24
C GLU B 290 40.99 -13.05 -0.11
N VAL B 291 40.63 -12.86 -1.38
CA VAL B 291 39.92 -11.66 -1.81
C VAL B 291 38.77 -12.12 -2.71
N PRO B 292 37.62 -11.45 -2.70
CA PRO B 292 36.58 -11.80 -3.66
C PRO B 292 36.92 -11.28 -5.06
N THR B 293 37.68 -12.08 -5.81
CA THR B 293 38.21 -11.72 -7.13
C THR B 293 37.19 -10.97 -7.98
N GLU B 294 35.94 -11.45 -7.97
CA GLU B 294 34.85 -10.77 -8.65
C GLU B 294 33.82 -10.33 -7.62
N SER B 295 33.33 -9.10 -7.74
CA SER B 295 32.27 -8.58 -6.90
C SER B 295 31.02 -8.40 -7.74
N ARG B 296 29.92 -9.03 -7.33
CA ARG B 296 28.70 -9.00 -8.11
C ARG B 296 27.53 -9.33 -7.21
N THR B 297 26.33 -9.00 -7.68
CA THR B 297 25.10 -9.36 -6.98
C THR B 297 23.97 -9.39 -8.01
N THR B 298 23.58 -10.58 -8.44
CA THR B 298 22.44 -10.72 -9.33
C THR B 298 21.17 -10.30 -8.59
N PHE B 299 20.30 -9.56 -9.28
CA PHE B 299 19.10 -9.03 -8.65
C PHE B 299 18.09 -10.14 -8.44
N VAL B 300 17.88 -10.51 -7.18
CA VAL B 300 16.88 -11.52 -6.85
C VAL B 300 15.47 -10.97 -7.05
N SER B 301 15.23 -9.75 -6.60
CA SER B 301 13.89 -9.17 -6.59
C SER B 301 13.79 -8.04 -7.62
N ARG B 302 12.62 -7.40 -7.66
CA ARG B 302 12.35 -6.25 -8.49
C ARG B 302 12.10 -5.05 -7.58
N PRO B 303 12.93 -4.00 -7.64
CA PRO B 303 12.84 -2.94 -6.63
C PRO B 303 11.53 -2.17 -6.69
N GLY B 304 11.06 -1.76 -5.52
CA GLY B 304 9.90 -0.90 -5.41
C GLY B 304 10.27 0.56 -5.51
N LEU B 305 9.80 1.25 -6.55
CA LEU B 305 10.31 2.64 -6.81
C LEU B 305 9.45 3.75 -6.18
N ARG B 306 8.37 3.42 -5.46
CA ARG B 306 7.52 4.47 -4.92
C ARG B 306 7.97 4.95 -3.55
N SER B 307 9.26 4.83 -3.23
CA SER B 307 9.82 5.36 -2.00
C SER B 307 11.17 6.01 -2.27
N VAL B 308 11.26 6.78 -3.34
CA VAL B 308 12.58 7.39 -3.71
C VAL B 308 12.66 8.82 -3.17
N ASP B 309 11.76 9.70 -3.62
CA ASP B 309 11.75 11.09 -3.18
C ASP B 309 13.08 11.78 -3.52
N ALA B 310 13.33 11.89 -4.83
CA ALA B 310 14.52 12.55 -5.34
C ALA B 310 14.30 14.03 -5.64
N THR B 311 13.29 14.64 -5.02
CA THR B 311 12.96 16.04 -5.31
C THR B 311 14.02 16.97 -4.74
N GLY B 312 14.14 18.15 -5.36
CA GLY B 312 15.08 19.15 -4.91
C GLY B 312 16.53 18.84 -5.22
N LYS B 313 16.79 17.94 -6.17
CA LYS B 313 18.14 17.55 -6.52
C LYS B 313 18.30 17.56 -8.02
N VAL B 314 19.53 17.83 -8.48
CA VAL B 314 19.85 17.92 -9.90
C VAL B 314 20.63 16.68 -10.29
N ILE B 315 20.21 16.06 -11.40
CA ILE B 315 20.86 14.80 -11.88
C ILE B 315 21.42 15.04 -13.29
N LEU B 316 22.74 15.20 -13.39
CA LEU B 316 23.41 15.42 -14.66
C LEU B 316 23.63 14.08 -15.34
N ILE B 317 22.81 13.79 -16.35
CA ILE B 317 22.86 12.50 -17.05
C ILE B 317 23.89 12.64 -18.18
N CYS B 318 25.14 12.30 -17.87
CA CYS B 318 26.23 12.45 -18.82
C CYS B 318 26.19 11.34 -19.87
N ALA B 319 25.38 11.51 -20.91
CA ALA B 319 25.25 10.53 -21.99
C ALA B 319 26.13 10.94 -23.16
N GLY B 320 26.88 10.00 -23.70
CA GLY B 320 27.75 10.30 -24.82
C GLY B 320 27.05 10.36 -26.16
N ASP B 321 26.59 9.21 -26.65
CA ASP B 321 25.91 9.17 -27.98
C ASP B 321 24.61 8.38 -27.86
N GLN B 322 24.56 7.41 -26.94
CA GLN B 322 23.32 6.63 -26.72
C GLN B 322 22.32 7.49 -25.94
N VAL B 323 21.66 8.43 -26.63
CA VAL B 323 20.64 9.30 -25.96
C VAL B 323 19.27 8.64 -26.11
N ASP B 324 19.18 7.59 -26.93
CA ASP B 324 17.88 6.90 -27.15
C ASP B 324 17.34 6.42 -25.81
N ASP B 325 18.15 5.66 -25.06
CA ASP B 325 17.74 5.21 -23.70
C ASP B 325 17.82 6.40 -22.74
N ALA B 326 18.75 7.32 -23.00
CA ALA B 326 18.95 8.48 -22.09
C ALA B 326 17.62 9.25 -21.95
N VAL B 327 17.05 9.70 -23.08
CA VAL B 327 15.79 10.50 -23.01
C VAL B 327 14.79 9.78 -22.09
N ALA B 328 14.61 8.47 -22.31
CA ALA B 328 13.68 7.68 -21.46
C ALA B 328 14.20 7.67 -20.01
N LEU B 329 15.50 7.46 -19.84
CA LEU B 329 16.11 7.44 -18.48
C LEU B 329 15.89 8.81 -17.83
N ALA B 330 16.10 9.89 -18.60
CA ALA B 330 15.87 11.25 -18.07
C ALA B 330 14.41 11.38 -17.63
N ASP B 331 13.47 10.91 -18.47
CA ASP B 331 12.03 11.03 -18.16
C ASP B 331 11.72 10.23 -16.88
N THR B 332 12.25 9.00 -16.79
CA THR B 332 12.06 8.16 -15.59
C THR B 332 12.58 8.95 -14.38
N LEU B 333 13.76 9.54 -14.51
CA LEU B 333 14.34 10.34 -13.39
C LEU B 333 13.39 11.51 -13.11
N ARG B 334 12.85 12.13 -14.16
CA ARG B 334 11.86 13.22 -13.99
C ARG B 334 10.69 12.69 -13.18
N SER B 335 10.26 11.45 -13.46
CA SER B 335 9.11 10.84 -12.74
C SER B 335 9.38 10.85 -11.24
N CYS B 336 10.65 10.83 -10.84
CA CYS B 336 11.01 10.89 -9.40
C CYS B 336 10.81 12.33 -8.90
N ARG B 337 10.24 13.20 -9.74
CA ARG B 337 9.99 14.61 -9.36
C ARG B 337 11.35 15.29 -9.13
N ALA B 338 12.32 15.06 -10.02
CA ALA B 338 13.63 15.66 -9.91
C ALA B 338 13.99 16.41 -11.18
N THR B 339 14.64 17.55 -11.02
CA THR B 339 15.14 18.29 -12.17
C THR B 339 16.38 17.61 -12.74
N VAL B 340 16.50 17.60 -14.06
CA VAL B 340 17.59 16.92 -14.74
C VAL B 340 18.27 17.86 -15.72
N VAL B 341 19.52 17.55 -16.03
CA VAL B 341 20.32 18.29 -17.00
C VAL B 341 21.02 17.24 -17.86
N ILE B 342 20.51 17.02 -19.07
CA ILE B 342 21.04 15.99 -19.96
C ILE B 342 22.22 16.55 -20.72
N GLY B 343 23.38 15.91 -20.56
CA GLY B 343 24.62 16.34 -21.19
C GLY B 343 24.98 15.40 -22.34
N PHE B 344 25.56 15.96 -23.40
CA PHE B 344 25.80 15.24 -24.63
C PHE B 344 27.26 15.33 -25.03
N ARG B 345 27.80 14.26 -25.61
CA ARG B 345 29.22 14.25 -26.05
C ARG B 345 29.29 14.63 -27.54
N ASP B 346 28.49 14.00 -28.40
CA ASP B 346 28.50 14.32 -29.82
C ASP B 346 27.70 15.61 -30.09
N PRO B 347 28.13 16.39 -31.08
CA PRO B 347 27.45 17.67 -31.34
C PRO B 347 26.10 17.51 -32.03
N ARG B 348 26.00 16.64 -33.04
CA ARG B 348 24.76 16.54 -33.79
C ARG B 348 23.67 15.79 -33.02
N ALA B 349 24.04 15.01 -32.00
CA ALA B 349 23.03 14.34 -31.19
C ALA B 349 22.18 15.35 -30.42
N LEU B 350 22.72 16.53 -30.14
CA LEU B 350 21.98 17.55 -29.41
C LEU B 350 20.72 17.97 -30.15
N GLU B 351 20.83 18.21 -31.47
CA GLU B 351 19.68 18.63 -32.25
C GLU B 351 18.61 17.53 -32.32
N LYS B 352 19.04 16.29 -32.56
CA LYS B 352 18.08 15.19 -32.63
C LYS B 352 17.37 14.99 -31.30
N ALA B 353 18.11 15.06 -30.19
CA ALA B 353 17.49 14.91 -28.89
C ALA B 353 16.55 16.06 -28.56
N SER B 354 16.91 17.28 -28.98
CA SER B 354 16.00 18.41 -28.77
C SER B 354 14.71 18.21 -29.55
N VAL B 355 14.81 17.75 -30.79
CA VAL B 355 13.61 17.49 -31.60
C VAL B 355 12.76 16.40 -30.95
N LEU B 356 13.40 15.32 -30.49
CA LEU B 356 12.66 14.21 -29.89
C LEU B 356 12.00 14.64 -28.58
N LEU B 357 12.71 15.41 -27.76
CA LEU B 357 12.20 15.79 -26.45
C LEU B 357 11.14 16.89 -26.54
N ARG B 358 11.18 17.72 -27.60
CA ARG B 358 10.14 18.72 -27.78
C ARG B 358 8.76 18.08 -27.89
N GLU B 359 8.67 16.98 -28.63
CA GLU B 359 7.41 16.25 -28.72
C GLU B 359 7.01 15.73 -27.34
N PRO B 360 5.71 15.61 -27.02
CA PRO B 360 5.28 15.03 -25.73
C PRO B 360 5.77 13.58 -25.58
N ARG B 361 5.43 12.92 -24.47
CA ARG B 361 5.86 11.52 -24.21
C ARG B 361 7.30 11.52 -23.67
N HIS B 362 7.94 12.69 -23.66
CA HIS B 362 9.33 12.80 -23.15
C HIS B 362 9.41 14.04 -22.25
N ALA B 363 8.69 15.11 -22.63
CA ALA B 363 8.65 16.32 -21.82
C ALA B 363 7.28 16.55 -21.21
N LEU B 364 6.46 15.50 -21.13
CA LEU B 364 5.07 15.62 -20.70
C LEU B 364 4.95 16.15 -19.28
N ALA B 365 5.42 15.38 -18.30
CA ALA B 365 5.30 15.74 -16.89
C ALA B 365 6.08 14.73 -16.07
N ALA B 366 6.15 15.00 -14.76
CA ALA B 366 6.79 14.10 -13.81
C ALA B 366 5.75 13.10 -13.29
N ASP B 367 5.31 12.24 -14.19
CA ASP B 367 4.25 11.29 -13.88
C ASP B 367 4.77 10.22 -12.92
N MET B 368 4.25 10.21 -11.70
CA MET B 368 4.58 9.21 -10.70
C MET B 368 3.30 8.72 -10.03
N TYR B 369 3.33 7.47 -9.56
CA TYR B 369 2.15 6.82 -8.98
C TYR B 369 1.04 6.80 -10.01
N GLY B 370 -0.07 7.47 -9.71
CA GLY B 370 -1.14 7.64 -10.68
C GLY B 370 -1.46 9.11 -10.91
N ARG B 371 -0.44 9.96 -10.95
CA ARG B 371 -0.66 11.40 -10.98
C ARG B 371 0.53 12.12 -11.62
N PRO B 372 0.31 13.30 -12.25
CA PRO B 372 1.39 14.03 -12.87
C PRO B 372 1.99 15.11 -11.96
N THR B 373 3.09 15.70 -12.40
CA THR B 373 3.78 16.76 -11.67
C THR B 373 4.58 17.57 -12.67
N MET B 374 4.54 18.90 -12.51
CA MET B 374 5.27 19.77 -13.44
C MET B 374 6.78 19.58 -13.31
N THR B 375 7.29 19.64 -12.08
CA THR B 375 8.73 19.51 -11.78
C THR B 375 9.48 20.52 -12.63
N ALA B 376 10.52 20.12 -13.36
CA ALA B 376 11.27 21.03 -14.23
C ALA B 376 11.52 20.37 -15.57
N GLU B 377 11.57 21.19 -16.60
CA GLU B 377 11.82 20.69 -17.95
C GLU B 377 13.27 20.23 -18.09
N ALA B 378 13.46 19.21 -18.93
CA ALA B 378 14.79 18.66 -19.15
C ALA B 378 15.64 19.63 -19.96
N ARG B 379 16.76 20.06 -19.41
CA ARG B 379 17.68 20.96 -20.09
C ARG B 379 18.53 20.19 -21.09
N LEU B 380 19.36 20.92 -21.84
CA LEU B 380 20.19 20.31 -22.87
C LEU B 380 21.50 21.09 -22.96
N VAL B 381 22.61 20.43 -22.63
CA VAL B 381 23.93 21.03 -22.66
C VAL B 381 24.88 20.11 -23.42
N ARG B 382 25.98 20.68 -23.90
CA ARG B 382 26.98 19.96 -24.67
C ARG B 382 28.25 19.84 -23.83
N LEU B 383 28.73 18.61 -23.66
CA LEU B 383 29.93 18.33 -22.88
C LEU B 383 30.87 17.45 -23.68
N ASP B 384 32.15 17.48 -23.30
CA ASP B 384 33.13 16.62 -23.96
C ASP B 384 34.33 16.39 -23.06
N PRO B 385 34.62 15.14 -22.69
CA PRO B 385 35.81 14.88 -21.86
C PRO B 385 37.13 14.95 -22.61
N LEU B 386 37.10 15.08 -23.94
CA LEU B 386 38.34 15.19 -24.70
C LEU B 386 39.09 16.46 -24.36
N ASP B 387 38.37 17.58 -24.24
CA ASP B 387 39.00 18.86 -23.92
C ASP B 387 38.77 19.19 -22.45
N PRO B 388 39.82 19.27 -21.64
CA PRO B 388 39.60 19.51 -20.20
C PRO B 388 39.06 20.88 -19.89
N ARG B 389 39.66 21.94 -20.43
CA ARG B 389 39.28 23.30 -20.05
C ARG B 389 37.85 23.61 -20.44
N ALA B 390 37.43 23.21 -21.64
CA ALA B 390 36.06 23.46 -22.08
C ALA B 390 35.06 22.73 -21.21
N ALA B 391 35.34 21.46 -20.89
CA ALA B 391 34.42 20.70 -20.04
C ALA B 391 34.33 21.29 -18.63
N ALA B 392 35.47 21.70 -18.07
CA ALA B 392 35.46 22.32 -16.76
C ALA B 392 34.71 23.64 -16.76
N GLN B 393 34.89 24.45 -17.82
CA GLN B 393 34.14 25.70 -17.93
C GLN B 393 32.65 25.43 -18.04
N THR B 394 32.26 24.42 -18.81
CA THR B 394 30.84 24.07 -18.92
C THR B 394 30.29 23.61 -17.57
N LEU B 395 31.05 22.82 -16.83
CA LEU B 395 30.61 22.38 -15.50
C LEU B 395 30.45 23.56 -14.55
N GLU B 396 31.39 24.51 -14.62
CA GLU B 396 31.29 25.73 -13.78
C GLU B 396 30.03 26.50 -14.19
N GLN B 397 29.76 26.58 -15.50
CA GLN B 397 28.58 27.30 -15.97
C GLN B 397 27.31 26.65 -15.46
N ILE B 398 27.26 25.31 -15.44
CA ILE B 398 26.12 24.61 -14.86
C ILE B 398 26.02 24.92 -13.37
N HIS B 399 27.16 24.98 -12.67
CA HIS B 399 27.15 25.36 -11.27
C HIS B 399 26.51 26.73 -11.08
N ALA B 400 26.96 27.71 -11.87
CA ALA B 400 26.39 29.06 -11.78
C ALA B 400 24.90 29.05 -12.11
N GLU B 401 24.48 28.20 -13.05
CA GLU B 401 23.07 28.12 -13.42
C GLU B 401 22.22 27.59 -12.28
N LEU B 402 22.63 26.47 -11.69
CA LEU B 402 21.82 25.77 -10.71
C LEU B 402 22.47 25.68 -9.34
N GLY B 403 23.72 25.22 -9.28
CA GLY B 403 24.37 24.97 -8.01
C GLY B 403 25.25 23.74 -8.04
N ALA B 404 25.36 23.04 -6.91
CA ALA B 404 26.20 21.86 -6.85
C ALA B 404 25.60 20.71 -7.67
N ILE B 405 26.44 19.71 -7.94
CA ILE B 405 26.04 18.53 -8.70
C ILE B 405 26.48 17.31 -7.91
N HIS B 406 25.52 16.46 -7.52
CA HIS B 406 25.80 15.27 -6.74
C HIS B 406 25.44 14.00 -7.48
N HIS B 407 24.21 13.88 -7.99
CA HIS B 407 23.81 12.71 -8.74
C HIS B 407 24.24 12.85 -10.20
N ALA B 408 24.96 11.84 -10.71
CA ALA B 408 25.50 11.92 -12.06
C ALA B 408 25.56 10.51 -12.65
N VAL B 409 24.55 10.16 -13.45
CA VAL B 409 24.60 8.93 -14.24
C VAL B 409 25.61 9.11 -15.36
N VAL B 410 26.50 8.14 -15.52
CA VAL B 410 27.59 8.22 -16.49
C VAL B 410 27.43 7.06 -17.47
N LEU B 411 27.15 7.38 -18.71
CA LEU B 411 27.05 6.43 -19.81
C LEU B 411 28.26 6.52 -20.72
N PRO B 412 28.58 5.45 -21.44
CA PRO B 412 29.71 5.49 -22.37
C PRO B 412 29.45 6.44 -23.52
N GLY B 413 30.54 6.79 -24.21
CA GLY B 413 30.49 7.78 -25.27
C GLY B 413 29.80 7.31 -26.54
N GLN B 414 30.36 6.29 -27.18
CA GLN B 414 29.81 5.80 -28.44
C GLN B 414 28.94 4.57 -28.21
N SER B 415 27.85 4.46 -28.97
CA SER B 415 26.92 3.35 -28.83
C SER B 415 27.31 2.20 -29.76
N ARG B 416 27.21 0.97 -29.25
CA ARG B 416 27.48 -0.22 -30.10
C ARG B 416 28.85 -0.09 -30.77
N HIS B 417 29.91 -0.18 -29.97
CA HIS B 417 31.27 -0.02 -30.52
C HIS B 417 31.55 -1.04 -31.61
N ALA B 418 32.15 -0.56 -32.71
CA ALA B 418 32.64 -1.34 -33.84
C ALA B 418 31.51 -2.02 -34.62
N PRO B 419 31.71 -2.28 -35.91
CA PRO B 419 30.69 -3.02 -36.68
C PRO B 419 30.77 -4.53 -36.51
N SER B 420 31.93 -5.07 -36.14
CA SER B 420 32.12 -6.50 -35.99
C SER B 420 32.70 -6.81 -34.61
N ALA B 421 32.40 -8.01 -34.14
CA ALA B 421 32.87 -8.44 -32.81
C ALA B 421 34.29 -8.97 -32.81
N SER B 422 34.89 -9.18 -33.98
CA SER B 422 36.24 -9.73 -34.05
C SER B 422 37.25 -8.76 -33.42
N LEU B 423 38.25 -9.32 -32.73
CA LEU B 423 39.27 -8.48 -32.06
C LEU B 423 40.67 -8.91 -32.48
N ILE B 424 40.80 -9.58 -33.64
CA ILE B 424 42.10 -10.00 -34.13
C ILE B 424 42.35 -9.36 -35.49
N GLU B 425 41.41 -9.53 -36.42
CA GLU B 425 41.52 -8.97 -37.76
C GLU B 425 40.65 -7.72 -37.83
N VAL B 426 41.20 -6.62 -37.32
CA VAL B 426 40.49 -5.34 -37.28
C VAL B 426 41.49 -4.22 -37.54
N ASP B 427 41.00 -3.15 -38.17
CA ASP B 427 41.82 -1.96 -38.36
C ASP B 427 41.94 -1.19 -37.06
N ASP B 428 43.08 -0.52 -36.90
CA ASP B 428 43.39 0.14 -35.63
C ASP B 428 42.59 1.41 -35.39
N GLN B 429 41.82 1.90 -36.37
CA GLN B 429 41.06 3.12 -36.18
C GLN B 429 40.00 2.95 -35.09
N VAL B 430 39.17 1.91 -35.21
CA VAL B 430 38.12 1.69 -34.23
C VAL B 430 38.69 1.33 -32.87
N VAL B 431 39.80 0.58 -32.85
CA VAL B 431 40.41 0.18 -31.58
C VAL B 431 40.96 1.40 -30.85
N GLU B 432 41.69 2.26 -31.58
CA GLU B 432 42.19 3.50 -30.99
C GLU B 432 41.06 4.48 -30.69
N ARG B 433 39.90 4.30 -31.29
CA ARG B 433 38.71 5.07 -30.91
C ARG B 433 38.17 4.55 -29.57
N PHE B 434 38.18 3.23 -29.37
CA PHE B 434 37.72 2.67 -28.11
C PHE B 434 38.55 3.18 -26.94
N LEU B 435 39.87 3.07 -27.04
CA LEU B 435 40.74 3.76 -26.11
C LEU B 435 40.71 5.27 -26.40
N HIS B 436 41.17 6.04 -25.43
CA HIS B 436 41.36 7.49 -25.58
C HIS B 436 40.01 8.20 -25.71
N GLN B 437 38.91 7.46 -25.78
CA GLN B 437 37.58 8.05 -25.84
C GLN B 437 36.56 7.40 -24.92
N GLU B 438 36.74 6.14 -24.53
CA GLU B 438 35.85 5.47 -23.58
C GLU B 438 36.51 5.23 -22.24
N LEU B 439 37.73 4.69 -22.23
CA LEU B 439 38.50 4.60 -20.99
C LEU B 439 38.95 5.98 -20.55
N VAL B 440 39.76 6.64 -21.37
CA VAL B 440 40.25 7.97 -21.03
C VAL B 440 39.12 8.97 -20.91
N GLY B 441 38.10 8.83 -21.76
CA GLY B 441 36.96 9.74 -21.68
C GLY B 441 36.23 9.65 -20.35
N THR B 442 35.96 8.42 -19.91
CA THR B 442 35.25 8.25 -18.65
C THR B 442 36.13 8.62 -17.46
N ILE B 443 37.43 8.34 -17.53
CA ILE B 443 38.32 8.76 -16.45
C ILE B 443 38.39 10.29 -16.38
N ALA B 444 38.38 10.96 -17.54
CA ALA B 444 38.37 12.41 -17.56
C ALA B 444 37.07 12.97 -16.99
N LEU B 445 35.93 12.36 -17.33
CA LEU B 445 34.67 12.80 -16.76
C LEU B 445 34.65 12.62 -15.25
N ALA B 446 35.18 11.50 -14.77
CA ALA B 446 35.31 11.29 -13.33
C ALA B 446 36.23 12.33 -12.70
N ARG B 447 37.30 12.68 -13.42
CA ARG B 447 38.24 13.71 -12.91
C ARG B 447 37.47 15.03 -12.74
N GLU B 448 36.73 15.44 -13.77
CA GLU B 448 35.98 16.69 -13.69
C GLU B 448 34.95 16.65 -12.56
N LEU B 449 34.29 15.51 -12.40
CA LEU B 449 33.31 15.37 -11.32
C LEU B 449 33.98 15.49 -9.95
N ALA B 450 35.16 14.88 -9.79
CA ALA B 450 35.86 14.95 -8.52
C ALA B 450 36.41 16.35 -8.25
N ARG B 451 36.85 17.04 -9.30
CA ARG B 451 37.25 18.44 -9.16
C ARG B 451 36.06 19.29 -8.69
N PHE B 452 34.90 19.08 -9.29
CA PHE B 452 33.70 19.80 -8.86
C PHE B 452 33.37 19.48 -7.41
N TRP B 453 33.50 18.21 -7.02
CA TRP B 453 33.20 17.81 -5.65
C TRP B 453 34.16 18.45 -4.65
N GLU B 454 35.45 18.50 -4.98
CA GLU B 454 36.46 18.91 -4.01
C GLU B 454 36.71 20.42 -4.02
N GLU B 455 37.14 20.96 -5.15
CA GLU B 455 37.57 22.35 -5.20
C GLU B 455 36.40 23.33 -5.26
N TYR B 456 35.17 22.85 -5.23
CA TYR B 456 33.98 23.68 -5.20
C TYR B 456 33.08 23.25 -4.05
N PRO B 457 32.28 24.16 -3.50
CA PRO B 457 31.44 23.81 -2.36
C PRO B 457 30.42 22.75 -2.71
N SER B 458 30.14 21.88 -1.74
CA SER B 458 29.17 20.79 -1.91
C SER B 458 28.44 20.61 -0.58
N GLY B 459 27.69 19.52 -0.47
CA GLY B 459 26.93 19.20 0.71
C GLY B 459 27.64 18.21 1.62
N SER B 460 26.83 17.54 2.45
CA SER B 460 27.35 16.54 3.37
C SER B 460 26.89 15.12 3.07
N SER B 461 25.86 14.95 2.24
CA SER B 461 25.44 13.61 1.84
C SER B 461 26.43 13.00 0.86
N MET B 462 26.53 11.68 0.88
CA MET B 462 27.43 10.97 -0.01
C MET B 462 27.05 11.21 -1.46
N HIS B 463 28.04 11.08 -2.35
CA HIS B 463 27.89 11.43 -3.75
C HIS B 463 27.73 10.15 -4.57
N ARG B 464 26.71 10.15 -5.42
CA ARG B 464 26.37 8.91 -6.20
C ARG B 464 26.70 9.10 -7.68
N VAL B 465 27.43 8.16 -8.26
CA VAL B 465 27.76 8.15 -9.68
C VAL B 465 27.54 6.76 -10.25
N LEU B 466 26.40 6.55 -10.91
CA LEU B 466 26.16 5.26 -11.55
C LEU B 466 26.95 5.16 -12.86
N PHE B 467 27.17 3.93 -13.30
CA PHE B 467 28.04 3.65 -14.44
C PHE B 467 27.40 2.63 -15.37
N VAL B 468 26.14 2.89 -15.77
CA VAL B 468 25.41 1.98 -16.64
C VAL B 468 26.24 1.64 -17.87
N SER B 469 26.14 0.40 -18.30
CA SER B 469 26.95 -0.13 -19.40
C SER B 469 26.10 -0.29 -20.66
N ASN B 470 26.79 -0.61 -21.76
CA ASN B 470 26.13 -0.72 -23.05
C ASN B 470 25.21 -1.94 -23.10
N PRO B 471 24.11 -1.86 -23.85
CA PRO B 471 23.18 -2.99 -23.92
C PRO B 471 23.69 -4.14 -24.79
N ASP B 472 22.85 -5.15 -24.98
CA ASP B 472 23.24 -6.32 -25.77
C ASP B 472 23.38 -5.97 -27.24
N ASP B 473 24.46 -6.46 -27.86
CA ASP B 473 24.69 -6.28 -29.28
C ASP B 473 24.40 -7.54 -30.10
N GLN B 474 23.73 -8.52 -29.51
CA GLN B 474 23.42 -9.80 -30.15
C GLN B 474 24.68 -10.54 -30.59
N GLN B 475 25.80 -10.27 -29.92
CA GLN B 475 27.08 -10.88 -30.26
C GLN B 475 27.90 -10.98 -28.99
N GLY B 476 29.21 -11.22 -29.15
CA GLY B 476 30.10 -11.16 -28.01
C GLY B 476 30.20 -9.75 -27.48
N ASN B 477 29.73 -9.53 -26.25
CA ASN B 477 29.71 -8.19 -25.66
C ASN B 477 31.03 -7.81 -25.01
N GLN B 478 32.14 -7.91 -25.74
CA GLN B 478 33.42 -7.56 -25.14
C GLN B 478 33.58 -6.06 -24.98
N TYR B 479 32.91 -5.27 -25.82
CA TYR B 479 33.08 -3.82 -25.76
C TYR B 479 32.41 -3.23 -24.53
N SER B 480 31.29 -3.82 -24.11
CA SER B 480 30.74 -3.51 -22.80
C SER B 480 31.51 -4.20 -21.68
N HIS B 481 32.14 -5.33 -21.98
CA HIS B 481 32.87 -6.09 -20.96
C HIS B 481 34.07 -5.30 -20.44
N ILE B 482 34.88 -4.75 -21.36
CA ILE B 482 36.03 -3.96 -20.94
C ILE B 482 35.59 -2.72 -20.19
N LEU B 483 34.49 -2.10 -20.63
CA LEU B 483 33.98 -0.92 -19.94
C LEU B 483 33.60 -1.27 -18.50
N ARG B 484 32.85 -2.36 -18.32
CA ARG B 484 32.44 -2.74 -16.97
C ARG B 484 33.64 -3.06 -16.09
N ALA B 485 34.60 -3.82 -16.63
CA ALA B 485 35.71 -4.26 -15.80
C ALA B 485 36.68 -3.15 -15.49
N ALA B 486 36.85 -2.18 -16.40
CA ALA B 486 37.67 -1.02 -16.11
C ALA B 486 36.95 -0.01 -15.23
N VAL B 487 35.62 -0.05 -15.19
CA VAL B 487 34.88 0.82 -14.29
C VAL B 487 34.86 0.25 -12.87
N GLU B 488 34.84 -1.08 -12.75
CA GLU B 488 34.74 -1.71 -11.41
C GLU B 488 35.84 -1.18 -10.48
N GLN B 489 37.10 -1.43 -10.82
CA GLN B 489 38.18 -1.02 -9.94
C GLN B 489 38.21 0.49 -9.76
N LEU B 490 37.89 1.24 -10.82
CA LEU B 490 37.87 2.69 -10.70
C LEU B 490 36.91 3.15 -9.62
N VAL B 491 35.69 2.61 -9.65
CA VAL B 491 34.65 3.03 -8.66
C VAL B 491 35.02 2.50 -7.28
N ARG B 492 35.68 1.34 -7.20
CA ARG B 492 36.09 0.79 -5.91
C ARG B 492 37.13 1.69 -5.24
N VAL B 493 38.17 2.05 -6.00
CA VAL B 493 39.22 2.96 -5.46
C VAL B 493 38.57 4.30 -5.11
N TRP B 494 37.79 4.86 -6.04
CA TRP B 494 37.15 6.18 -5.80
C TRP B 494 36.36 6.12 -4.49
N ARG B 495 35.70 4.99 -4.23
CA ARG B 495 34.89 4.82 -3.02
C ARG B 495 35.76 4.77 -1.77
N HIS B 496 36.84 3.98 -1.80
CA HIS B 496 37.57 3.74 -0.57
C HIS B 496 38.52 4.89 -0.24
N GLU B 497 39.19 5.44 -1.25
CA GLU B 497 40.20 6.47 -1.04
C GLU B 497 39.61 7.85 -0.75
N SER B 498 38.31 8.04 -0.97
CA SER B 498 37.66 9.31 -0.71
C SER B 498 37.06 9.39 0.68
N GLU B 499 37.24 8.36 1.50
CA GLU B 499 36.77 8.39 2.89
C GLU B 499 37.85 8.93 3.83
N TYR B 500 39.10 8.52 3.63
CA TYR B 500 40.20 9.08 4.42
C TYR B 500 40.36 10.57 4.16
N ASP B 501 40.17 10.99 2.90
CA ASP B 501 40.32 12.39 2.55
C ASP B 501 39.27 13.27 3.21
N SER B 502 38.15 12.70 3.64
CA SER B 502 37.10 13.48 4.28
C SER B 502 37.37 13.76 5.75
N VAL B 503 38.40 13.13 6.34
CA VAL B 503 38.70 13.32 7.75
C VAL B 503 40.14 13.73 8.02
N ASN B 504 41.05 13.46 7.07
CA ASN B 504 42.50 13.75 7.26
C ASN B 504 42.75 15.25 7.43
N PRO B 505 43.77 15.68 8.21
CA PRO B 505 44.08 17.12 8.28
C PRO B 505 44.61 17.71 6.99
N ALA B 506 45.24 16.87 6.16
CA ALA B 506 45.79 17.33 4.86
C ALA B 506 44.68 18.01 4.05
N HIS B 507 43.62 17.26 3.72
CA HIS B 507 42.51 17.81 2.90
C HIS B 507 41.30 18.10 3.78
N GLN B 508 41.28 19.27 4.44
CA GLN B 508 40.12 19.63 5.24
C GLN B 508 39.19 20.58 4.50
N GLN B 509 39.20 20.54 3.16
CA GLN B 509 38.38 21.41 2.33
C GLN B 509 38.59 22.88 2.67
N GLU B 510 39.83 23.24 3.01
CA GLU B 510 40.17 24.60 3.45
C GLU B 510 39.31 25.03 4.62
N GLY B 511 39.06 24.09 5.54
CA GLY B 511 38.22 24.34 6.69
C GLY B 511 36.75 24.05 6.48
N GLN B 512 36.33 23.71 5.26
CA GLN B 512 34.95 23.39 4.98
C GLN B 512 34.68 21.91 5.19
N SER B 513 33.44 21.50 4.95
CA SER B 513 33.01 20.11 5.12
C SER B 513 32.54 19.56 3.78
N SER B 514 32.91 18.30 3.51
CA SER B 514 32.51 17.62 2.28
C SER B 514 32.13 16.19 2.63
N ALA B 515 31.86 15.39 1.59
CA ALA B 515 31.43 14.01 1.76
C ALA B 515 32.17 13.12 0.77
N ALA B 516 32.18 11.83 1.08
CA ALA B 516 32.81 10.83 0.23
C ALA B 516 31.86 10.48 -0.92
N VAL B 517 32.24 9.43 -1.67
CA VAL B 517 31.44 9.03 -2.86
C VAL B 517 31.22 7.52 -2.87
N TRP B 518 30.01 7.07 -3.22
CA TRP B 518 29.67 5.67 -3.33
C TRP B 518 29.12 5.42 -4.72
N ALA B 519 29.80 4.60 -5.51
CA ALA B 519 29.49 4.47 -6.93
C ALA B 519 29.51 2.99 -7.33
N ASN B 520 28.39 2.52 -7.85
CA ASN B 520 28.24 1.17 -8.39
C ASN B 520 28.37 1.22 -9.92
N GLN B 521 28.06 0.10 -10.57
CA GLN B 521 27.91 0.11 -12.02
C GLN B 521 26.92 -0.98 -12.43
N LEU B 522 25.78 -0.58 -12.97
CA LEU B 522 24.81 -1.54 -13.48
C LEU B 522 25.34 -2.23 -14.74
N ILE B 523 24.91 -3.46 -14.94
CA ILE B 523 25.31 -4.28 -16.08
C ILE B 523 24.05 -4.84 -16.72
N ARG B 524 23.82 -4.50 -17.98
CA ARG B 524 22.60 -4.89 -18.67
C ARG B 524 22.84 -5.59 -20.01
N TYR B 525 24.08 -5.96 -20.31
CA TYR B 525 24.38 -6.64 -21.57
C TYR B 525 24.17 -8.15 -21.49
N VAL B 526 23.54 -8.65 -20.43
CA VAL B 526 23.32 -10.08 -20.28
C VAL B 526 21.87 -10.49 -20.50
N ASN B 527 20.91 -9.58 -20.34
CA ASN B 527 19.52 -9.85 -20.68
C ASN B 527 19.26 -9.54 -22.14
N ASN B 528 18.26 -10.21 -22.71
CA ASN B 528 17.91 -10.00 -24.11
C ASN B 528 16.40 -9.85 -24.30
N GLU B 529 15.69 -9.35 -23.31
CA GLU B 529 14.24 -9.20 -23.38
C GLU B 529 13.88 -7.79 -23.85
N MET B 530 12.60 -7.45 -23.77
CA MET B 530 12.11 -6.13 -24.16
C MET B 530 11.83 -5.22 -22.97
N ALA B 531 11.69 -5.77 -21.76
CA ALA B 531 11.46 -4.99 -20.56
C ALA B 531 12.75 -4.74 -19.78
N ASN B 532 13.90 -5.06 -20.37
CA ASN B 532 15.17 -4.86 -19.67
C ASN B 532 15.50 -3.37 -19.51
N LEU B 533 15.09 -2.55 -20.46
CA LEU B 533 15.34 -1.11 -20.35
C LEU B 533 14.60 -0.52 -19.16
N ASP B 534 13.32 -0.87 -19.01
CA ASP B 534 12.57 -0.40 -17.84
C ASP B 534 13.18 -0.94 -16.56
N PHE B 535 13.68 -2.17 -16.59
CA PHE B 535 14.31 -2.77 -15.41
C PHE B 535 15.55 -1.99 -14.98
N THR B 536 16.46 -1.75 -15.94
CA THR B 536 17.74 -1.06 -15.60
C THR B 536 17.45 0.33 -15.05
N CYS B 537 16.61 1.10 -15.75
CA CYS B 537 16.29 2.48 -15.30
C CYS B 537 15.67 2.43 -13.90
N ALA B 538 14.79 1.44 -13.66
CA ALA B 538 14.19 1.27 -12.32
C ALA B 538 15.32 1.12 -11.29
N TRP B 539 16.27 0.22 -11.56
CA TRP B 539 17.40 0.03 -10.66
C TRP B 539 18.23 1.31 -10.54
N VAL B 540 18.42 2.03 -11.66
CA VAL B 540 19.15 3.29 -11.61
C VAL B 540 18.46 4.29 -10.71
N ALA B 541 17.13 4.43 -10.87
CA ALA B 541 16.38 5.38 -10.07
C ALA B 541 16.40 4.99 -8.60
N LYS B 542 16.33 3.69 -8.29
CA LYS B 542 16.35 3.26 -6.91
C LYS B 542 17.72 3.46 -6.27
N LEU B 543 18.79 3.26 -7.05
CA LEU B 543 20.13 3.44 -6.49
C LEU B 543 20.48 4.91 -6.34
N LEU B 544 19.88 5.79 -7.13
CA LEU B 544 20.16 7.22 -6.99
C LEU B 544 19.25 7.89 -5.95
N GLY B 545 17.94 7.81 -6.15
CA GLY B 545 17.02 8.61 -5.35
C GLY B 545 16.79 8.11 -3.94
N SER B 546 17.21 6.89 -3.61
CA SER B 546 16.93 6.32 -2.30
C SER B 546 18.18 6.37 -1.42
N ASP B 547 18.03 5.86 -0.20
CA ASP B 547 19.14 5.76 0.75
C ASP B 547 19.48 4.29 0.92
N ARG B 548 20.67 3.93 0.48
CA ARG B 548 21.11 2.51 0.53
C ARG B 548 22.59 2.46 0.16
N ARG B 549 23.30 1.42 0.62
CA ARG B 549 24.73 1.27 0.35
C ARG B 549 25.01 -0.22 0.18
N ILE B 550 25.15 -0.64 -1.08
CA ILE B 550 25.50 -2.06 -1.38
C ILE B 550 27.02 -2.18 -1.32
N ALA B 551 27.52 -3.22 -0.63
CA ALA B 551 28.95 -3.43 -0.46
C ALA B 551 29.61 -4.06 -1.68
N GLU B 552 28.86 -4.41 -2.71
CA GLU B 552 29.41 -5.01 -3.92
C GLU B 552 29.56 -3.94 -4.99
N ILE B 553 30.61 -4.07 -5.80
CA ILE B 553 30.92 -3.05 -6.80
C ILE B 553 30.00 -3.18 -8.00
N ASN B 554 30.10 -4.31 -8.70
CA ASN B 554 29.30 -4.52 -9.93
C ASN B 554 27.93 -5.09 -9.58
N LEU B 555 26.89 -4.71 -10.35
CA LEU B 555 25.52 -5.26 -10.12
C LEU B 555 25.05 -5.95 -11.40
N TYR B 556 24.70 -7.24 -11.31
CA TYR B 556 24.27 -8.02 -12.51
C TYR B 556 22.75 -8.20 -12.47
N LEU B 557 22.12 -8.28 -13.64
CA LEU B 557 20.67 -8.41 -13.70
C LEU B 557 20.27 -9.73 -14.37
N PRO B 558 19.07 -10.23 -14.09
CA PRO B 558 18.75 -11.64 -14.43
C PRO B 558 18.83 -11.92 -15.92
N GLU B 559 18.78 -13.22 -16.25
CA GLU B 559 18.91 -13.70 -17.61
C GLU B 559 17.56 -13.83 -18.32
N GLU B 560 16.47 -13.42 -17.68
CA GLU B 560 15.15 -13.43 -18.28
C GLU B 560 14.48 -12.07 -18.07
N ILE B 561 13.36 -11.86 -18.77
CA ILE B 561 12.64 -10.59 -18.67
C ILE B 561 12.31 -10.28 -17.21
N VAL B 562 11.68 -11.24 -16.56
CA VAL B 562 11.26 -11.02 -15.15
C VAL B 562 12.26 -11.75 -14.26
N GLY B 563 12.99 -12.71 -14.84
CA GLY B 563 13.99 -13.48 -14.09
C GLY B 563 13.36 -14.29 -12.97
N THR B 564 13.90 -14.20 -11.74
CA THR B 564 13.41 -15.02 -10.61
C THR B 564 11.97 -14.62 -10.25
N ILE B 565 11.67 -13.32 -10.22
CA ILE B 565 10.33 -12.87 -9.77
C ILE B 565 9.60 -12.16 -10.91
N GLY B 566 8.35 -12.52 -11.16
CA GLY B 566 7.56 -11.87 -12.21
C GLY B 566 6.79 -10.66 -11.75
N VAL B 567 7.34 -9.47 -11.97
CA VAL B 567 6.69 -8.21 -11.63
C VAL B 567 6.79 -7.26 -12.82
N HIS B 568 5.70 -6.57 -13.13
CA HIS B 568 5.69 -5.45 -14.05
C HIS B 568 5.20 -4.22 -13.32
N ASN B 569 5.89 -3.09 -13.53
CA ASN B 569 5.63 -1.85 -12.79
C ASN B 569 5.38 -0.70 -13.75
N PRO B 570 4.20 -0.65 -14.38
CA PRO B 570 3.84 0.49 -15.24
C PRO B 570 3.14 1.60 -14.47
N GLY B 571 3.83 2.16 -13.47
CA GLY B 571 3.26 3.19 -12.64
C GLY B 571 2.05 2.71 -11.85
N PHE B 572 2.20 1.57 -11.16
CA PHE B 572 1.08 0.92 -10.50
C PHE B 572 1.24 0.90 -8.99
N GLY B 573 1.61 2.04 -8.40
CA GLY B 573 1.76 2.11 -6.95
C GLY B 573 0.49 1.75 -6.20
N TRP B 574 -0.67 1.97 -6.80
CA TRP B 574 -1.93 1.61 -6.16
C TRP B 574 -2.05 0.09 -6.02
N ALA B 575 -1.77 -0.64 -7.10
CA ALA B 575 -1.83 -2.10 -7.05
C ALA B 575 -0.78 -2.65 -6.08
N GLU B 576 0.34 -1.95 -5.91
CA GLU B 576 1.33 -2.35 -4.93
C GLU B 576 0.86 -2.10 -3.51
N SER B 577 0.12 -1.00 -3.29
CA SER B 577 -0.41 -0.72 -1.97
C SER B 577 -1.59 -1.61 -1.60
N LEU B 578 -2.26 -2.20 -2.59
CA LEU B 578 -3.42 -3.06 -2.34
C LEU B 578 -3.06 -4.53 -2.16
N PHE B 579 -1.78 -4.87 -2.08
CA PHE B 579 -1.37 -6.27 -2.01
C PHE B 579 -1.71 -6.86 -0.65
N GLY B 580 -2.33 -8.04 -0.66
CA GLY B 580 -2.53 -8.80 0.56
C GLY B 580 -3.51 -8.23 1.55
N LEU B 581 -4.42 -7.36 1.11
CA LEU B 581 -5.39 -6.79 2.04
C LEU B 581 -6.43 -7.82 2.46
N HIS B 582 -7.19 -8.34 1.49
CA HIS B 582 -8.20 -9.37 1.73
C HIS B 582 -7.65 -10.69 1.21
N MET B 583 -6.93 -11.41 2.06
CA MET B 583 -6.22 -12.62 1.68
C MET B 583 -7.05 -13.85 2.06
N GLY B 584 -7.31 -14.71 1.08
CA GLY B 584 -8.03 -15.94 1.33
C GLY B 584 -9.47 -15.78 1.75
N LYS B 585 -10.21 -14.88 1.10
CA LYS B 585 -11.63 -14.67 1.38
C LYS B 585 -12.39 -14.74 0.06
N VAL B 586 -13.20 -15.80 -0.06
CA VAL B 586 -14.02 -15.99 -1.29
C VAL B 586 -14.99 -14.82 -1.42
N ALA B 587 -15.13 -14.29 -2.63
CA ALA B 587 -16.02 -13.17 -2.88
C ALA B 587 -16.92 -13.49 -4.08
N LEU B 588 -18.18 -13.09 -3.99
CA LEU B 588 -19.14 -13.28 -5.06
C LEU B 588 -19.58 -11.92 -5.59
N ILE B 589 -19.48 -11.73 -6.90
CA ILE B 589 -19.80 -10.47 -7.56
C ILE B 589 -20.90 -10.72 -8.57
N THR B 590 -21.92 -9.88 -8.56
CA THR B 590 -23.06 -9.98 -9.46
C THR B 590 -22.94 -8.90 -10.53
N GLY B 591 -22.96 -9.30 -11.79
CA GLY B 591 -22.86 -8.35 -12.88
C GLY B 591 -21.47 -7.77 -13.07
N GLY B 592 -20.43 -8.45 -12.60
CA GLY B 592 -19.08 -7.94 -12.71
C GLY B 592 -18.40 -8.22 -14.03
N SER B 593 -19.11 -7.99 -15.13
CA SER B 593 -18.57 -8.13 -16.47
C SER B 593 -18.46 -6.81 -17.21
N ALA B 594 -18.96 -5.72 -16.65
CA ALA B 594 -18.89 -4.42 -17.29
C ALA B 594 -19.11 -3.36 -16.23
N GLY B 595 -18.23 -2.36 -16.21
CA GLY B 595 -18.44 -1.20 -15.37
C GLY B 595 -17.73 -1.21 -14.03
N ILE B 596 -18.42 -0.72 -12.99
CA ILE B 596 -17.80 -0.65 -11.63
C ILE B 596 -17.61 -2.07 -11.10
N GLY B 597 -18.54 -3.00 -11.39
CA GLY B 597 -18.43 -4.33 -10.85
C GLY B 597 -17.17 -5.05 -11.31
N GLY B 598 -16.85 -4.96 -12.60
CA GLY B 598 -15.62 -5.54 -13.10
C GLY B 598 -14.39 -4.94 -12.46
N GLN B 599 -14.39 -3.62 -12.25
CA GLN B 599 -13.24 -2.98 -11.62
C GLN B 599 -13.09 -3.41 -10.17
N ILE B 600 -14.19 -3.51 -9.44
CA ILE B 600 -14.12 -3.96 -8.05
C ILE B 600 -13.60 -5.39 -7.99
N GLY B 601 -14.10 -6.26 -8.87
CA GLY B 601 -13.62 -7.63 -8.89
C GLY B 601 -12.15 -7.72 -9.24
N ARG B 602 -11.70 -6.92 -10.21
CA ARG B 602 -10.30 -6.91 -10.61
C ARG B 602 -9.40 -6.44 -9.47
N LEU B 603 -9.78 -5.35 -8.80
CA LEU B 603 -8.97 -4.85 -7.70
C LEU B 603 -8.99 -5.80 -6.51
N LEU B 604 -10.10 -6.52 -6.31
CA LEU B 604 -10.15 -7.50 -5.23
C LEU B 604 -9.27 -8.71 -5.54
N ALA B 605 -9.27 -9.17 -6.79
CA ALA B 605 -8.39 -10.27 -7.18
C ALA B 605 -6.92 -9.84 -7.06
N LEU B 606 -6.61 -8.60 -7.43
CA LEU B 606 -5.27 -8.08 -7.20
C LEU B 606 -4.95 -8.01 -5.71
N SER B 607 -5.97 -7.76 -4.88
CA SER B 607 -5.76 -7.71 -3.44
C SER B 607 -5.33 -9.06 -2.89
N GLY B 608 -5.96 -10.13 -3.36
CA GLY B 608 -5.60 -11.47 -2.91
C GLY B 608 -6.78 -12.38 -2.66
N ALA B 609 -7.98 -11.81 -2.67
CA ALA B 609 -9.19 -12.57 -2.38
C ALA B 609 -9.51 -13.51 -3.54
N HIS B 610 -10.52 -14.37 -3.27
CA HIS B 610 -11.04 -15.25 -4.35
C HIS B 610 -12.33 -14.60 -4.84
N VAL B 611 -12.52 -14.51 -6.15
CA VAL B 611 -13.66 -13.81 -6.73
C VAL B 611 -14.40 -14.77 -7.66
N MET B 612 -15.71 -14.56 -7.76
CA MET B 612 -16.58 -15.39 -8.59
C MET B 612 -17.41 -14.43 -9.44
N LEU B 613 -17.00 -14.25 -10.70
CA LEU B 613 -17.62 -13.27 -11.58
C LEU B 613 -18.85 -13.88 -12.24
N ALA B 614 -20.01 -13.25 -12.03
CA ALA B 614 -21.27 -13.73 -12.60
C ALA B 614 -21.97 -12.58 -13.31
N ALA B 615 -22.41 -12.84 -14.53
CA ALA B 615 -23.14 -11.85 -15.32
C ALA B 615 -24.05 -12.59 -16.30
N ARG B 616 -24.52 -11.89 -17.33
CA ARG B 616 -25.47 -12.43 -18.28
C ARG B 616 -24.83 -12.94 -19.57
N ASN B 617 -23.73 -12.34 -20.02
CA ASN B 617 -23.04 -12.75 -21.22
C ASN B 617 -21.78 -13.54 -20.87
N ALA B 618 -21.27 -14.28 -21.87
CA ALA B 618 -20.16 -15.19 -21.66
C ALA B 618 -18.84 -14.67 -22.19
N ASP B 619 -18.83 -14.10 -23.41
CA ASP B 619 -17.58 -13.66 -24.01
C ASP B 619 -16.94 -12.52 -23.22
N GLN B 620 -17.74 -11.55 -22.78
CA GLN B 620 -17.22 -10.45 -21.99
C GLN B 620 -16.61 -10.95 -20.69
N LEU B 621 -17.29 -11.88 -20.02
CA LEU B 621 -16.79 -12.44 -18.78
C LEU B 621 -15.49 -13.20 -19.02
N GLU B 622 -15.41 -13.97 -20.11
CA GLU B 622 -14.19 -14.69 -20.44
C GLU B 622 -13.02 -13.72 -20.66
N GLN B 623 -13.25 -12.65 -21.42
CA GLN B 623 -12.20 -11.68 -21.69
C GLN B 623 -11.73 -10.98 -20.41
N MET B 624 -12.68 -10.55 -19.57
CA MET B 624 -12.27 -9.88 -18.34
C MET B 624 -11.60 -10.84 -17.36
N ARG B 625 -12.02 -12.10 -17.31
CA ARG B 625 -11.27 -13.07 -16.51
C ARG B 625 -9.86 -13.26 -17.05
N ALA B 626 -9.69 -13.29 -18.38
CA ALA B 626 -8.35 -13.40 -18.94
C ALA B 626 -7.48 -12.23 -18.49
N SER B 627 -8.01 -11.01 -18.58
CA SER B 627 -7.24 -9.83 -18.18
C SER B 627 -6.91 -9.86 -16.69
N ILE B 628 -7.89 -10.20 -15.85
CA ILE B 628 -7.69 -10.18 -14.41
C ILE B 628 -6.70 -11.28 -13.99
N VAL B 629 -6.81 -12.46 -14.61
CA VAL B 629 -5.89 -13.54 -14.24
C VAL B 629 -4.48 -13.21 -14.71
N ARG B 630 -4.34 -12.54 -15.85
CA ARG B 630 -3.02 -12.06 -16.25
C ARG B 630 -2.47 -11.05 -15.24
N GLU B 631 -3.31 -10.12 -14.80
CA GLU B 631 -2.88 -9.12 -13.83
C GLU B 631 -2.44 -9.75 -12.52
N VAL B 632 -3.19 -10.74 -12.04
CA VAL B 632 -2.86 -11.36 -10.77
C VAL B 632 -1.67 -12.31 -10.92
N ARG B 633 -1.48 -12.90 -12.10
CA ARG B 633 -0.28 -13.69 -12.36
C ARG B 633 0.97 -12.81 -12.32
N ASP B 634 0.87 -11.60 -12.89
CA ASP B 634 1.95 -10.63 -12.75
C ASP B 634 2.09 -10.11 -11.33
N ALA B 635 1.14 -10.40 -10.44
CA ALA B 635 1.18 -9.93 -9.06
C ALA B 635 1.87 -10.91 -8.13
N SER B 636 2.42 -12.01 -8.64
CA SER B 636 3.24 -12.95 -7.86
C SER B 636 2.42 -13.65 -6.78
N TYR B 637 1.26 -14.17 -7.14
CA TYR B 637 0.47 -15.00 -6.26
C TYR B 637 0.54 -16.46 -6.70
N PRO B 638 0.35 -17.41 -5.78
CA PRO B 638 0.36 -18.83 -6.17
C PRO B 638 -0.86 -19.19 -7.01
N ASP B 639 -1.02 -18.51 -8.14
CA ASP B 639 -2.21 -18.70 -8.96
C ASP B 639 -2.16 -20.03 -9.70
N ALA B 640 -3.31 -20.70 -9.74
CA ALA B 640 -3.53 -21.88 -10.58
C ALA B 640 -4.79 -21.72 -11.40
N GLU B 641 -5.11 -20.46 -11.74
CA GLU B 641 -6.35 -20.10 -12.42
C GLU B 641 -7.57 -20.49 -11.59
N SER B 642 -7.38 -20.59 -10.27
CA SER B 642 -8.46 -20.91 -9.34
C SER B 642 -8.98 -19.70 -8.58
N ARG B 643 -8.29 -18.56 -8.65
CA ARG B 643 -8.72 -17.36 -7.96
C ARG B 643 -9.94 -16.71 -8.61
N VAL B 644 -10.35 -17.17 -9.80
CA VAL B 644 -11.39 -16.53 -10.58
C VAL B 644 -12.32 -17.59 -11.15
N ALA B 645 -13.54 -17.16 -11.50
CA ALA B 645 -14.53 -18.07 -12.06
C ALA B 645 -15.60 -17.28 -12.80
N ILE B 646 -16.40 -18.01 -13.61
CA ILE B 646 -17.45 -17.46 -14.44
C ILE B 646 -18.74 -18.25 -14.25
N PHE B 647 -19.87 -17.60 -14.56
CA PHE B 647 -21.18 -18.26 -14.56
C PHE B 647 -22.00 -17.71 -15.72
N PRO B 648 -21.95 -18.37 -16.91
CA PRO B 648 -22.65 -17.87 -18.09
C PRO B 648 -24.17 -17.88 -17.91
N GLY B 649 -24.84 -16.80 -18.31
CA GLY B 649 -26.28 -16.72 -18.25
C GLY B 649 -26.84 -16.55 -16.86
N SER B 650 -26.05 -16.05 -15.91
CA SER B 650 -26.50 -15.87 -14.55
C SER B 650 -27.41 -14.63 -14.46
N ASP B 651 -28.52 -14.70 -15.18
CA ASP B 651 -29.51 -13.64 -15.13
C ASP B 651 -29.99 -13.47 -13.69
N VAL B 652 -30.17 -12.21 -13.28
CA VAL B 652 -30.44 -11.91 -11.88
C VAL B 652 -31.92 -11.62 -11.62
N SER B 653 -32.74 -11.52 -12.67
CA SER B 653 -34.15 -11.21 -12.50
C SER B 653 -35.00 -12.40 -12.10
N ASP B 654 -34.44 -13.62 -12.11
CA ASP B 654 -35.15 -14.81 -11.64
C ASP B 654 -34.58 -15.22 -10.29
N ILE B 655 -35.45 -15.41 -9.32
CA ILE B 655 -35.02 -15.65 -7.95
C ILE B 655 -34.67 -17.11 -7.72
N ASP B 656 -35.48 -18.03 -8.24
CA ASP B 656 -35.30 -19.45 -7.97
C ASP B 656 -33.99 -19.99 -8.53
N GLY B 657 -33.39 -19.31 -9.50
CA GLY B 657 -32.15 -19.77 -10.09
C GLY B 657 -30.88 -19.37 -9.36
N LEU B 658 -31.02 -18.60 -8.27
CA LEU B 658 -29.84 -18.11 -7.53
C LEU B 658 -29.25 -19.24 -6.68
N GLU B 659 -30.09 -20.19 -6.24
CA GLU B 659 -29.62 -21.27 -5.39
C GLU B 659 -28.58 -22.13 -6.09
N ARG B 660 -28.75 -22.34 -7.40
CA ARG B 660 -27.74 -23.08 -8.16
C ARG B 660 -26.42 -22.33 -8.16
N LEU B 661 -26.46 -21.01 -8.32
CA LEU B 661 -25.23 -20.21 -8.27
C LEU B 661 -24.56 -20.32 -6.90
N VAL B 662 -25.35 -20.26 -5.83
CA VAL B 662 -24.78 -20.36 -4.49
C VAL B 662 -24.16 -21.73 -4.28
N ASN B 663 -24.85 -22.79 -4.72
CA ASN B 663 -24.31 -24.14 -4.57
C ASN B 663 -23.02 -24.31 -5.37
N HIS B 664 -22.99 -23.78 -6.60
CA HIS B 664 -21.77 -23.84 -7.39
C HIS B 664 -20.62 -23.11 -6.71
N THR B 665 -20.91 -21.95 -6.12
CA THR B 665 -19.88 -21.20 -5.42
C THR B 665 -19.33 -21.98 -4.23
N VAL B 666 -20.23 -22.49 -3.37
CA VAL B 666 -19.79 -23.22 -2.19
C VAL B 666 -19.19 -24.58 -2.55
N ARG B 667 -19.40 -25.05 -3.77
CA ARG B 667 -18.75 -26.28 -4.20
C ARG B 667 -17.34 -26.03 -4.73
N VAL B 668 -17.18 -25.04 -5.61
CA VAL B 668 -15.86 -24.78 -6.18
C VAL B 668 -14.92 -24.16 -5.13
N PHE B 669 -15.44 -23.28 -4.28
CA PHE B 669 -14.60 -22.58 -3.31
C PHE B 669 -14.78 -23.05 -1.88
N GLY B 670 -16.02 -23.25 -1.43
CA GLY B 670 -16.26 -23.77 -0.10
C GLY B 670 -17.22 -22.97 0.74
N LYS B 671 -17.22 -21.65 0.58
CA LYS B 671 -18.03 -20.78 1.41
C LYS B 671 -18.23 -19.46 0.67
N VAL B 672 -18.74 -18.46 1.38
CA VAL B 672 -18.81 -17.09 0.89
C VAL B 672 -18.48 -16.16 2.05
N ASP B 673 -17.58 -15.21 1.81
CA ASP B 673 -17.20 -14.22 2.81
C ASP B 673 -17.52 -12.79 2.39
N TYR B 674 -17.28 -12.44 1.13
CA TYR B 674 -17.59 -11.12 0.61
C TYR B 674 -18.73 -11.26 -0.41
N LEU B 675 -19.83 -10.55 -0.16
CA LEU B 675 -20.97 -10.57 -1.06
C LEU B 675 -21.19 -9.14 -1.56
N ILE B 676 -21.06 -8.93 -2.86
CA ILE B 676 -21.20 -7.62 -3.47
C ILE B 676 -22.46 -7.65 -4.33
N ASN B 677 -23.48 -6.89 -3.92
CA ASN B 677 -24.75 -6.83 -4.61
C ASN B 677 -24.68 -5.70 -5.63
N ASN B 678 -24.09 -5.98 -6.80
CA ASN B 678 -23.85 -4.97 -7.82
C ASN B 678 -24.62 -5.28 -9.11
N ALA B 679 -25.64 -6.13 -9.05
CA ALA B 679 -26.50 -6.32 -10.21
C ALA B 679 -27.28 -5.04 -10.48
N GLY B 680 -27.32 -4.58 -11.73
CA GLY B 680 -27.96 -3.27 -11.99
C GLY B 680 -28.92 -3.27 -13.17
N ILE B 681 -30.03 -2.53 -13.05
CA ILE B 681 -31.03 -2.41 -14.16
C ILE B 681 -31.48 -0.95 -14.23
N ALA B 682 -31.12 -0.23 -15.31
CA ALA B 682 -31.48 1.19 -15.44
C ALA B 682 -33.00 1.35 -15.43
N GLY B 683 -33.73 0.38 -15.99
CA GLY B 683 -35.19 0.48 -16.08
C GLY B 683 -35.62 0.88 -17.48
N ALA B 684 -36.94 0.97 -17.72
CA ALA B 684 -37.44 1.31 -19.07
C ALA B 684 -37.16 2.77 -19.39
N GLU B 685 -36.71 3.55 -18.39
CA GLU B 685 -36.32 4.94 -18.61
C GLU B 685 -37.47 5.77 -19.20
N GLU B 686 -38.60 5.77 -18.49
CA GLU B 686 -39.66 6.72 -18.78
C GLU B 686 -40.18 7.32 -17.48
N MET B 687 -41.19 8.19 -17.60
CA MET B 687 -41.80 8.81 -16.40
C MET B 687 -42.69 7.78 -15.70
N VAL B 688 -43.00 8.01 -14.43
CA VAL B 688 -43.85 7.10 -13.66
C VAL B 688 -45.15 6.83 -14.40
N ILE B 689 -45.78 7.89 -14.90
CA ILE B 689 -47.12 7.85 -15.49
C ILE B 689 -47.14 7.09 -16.81
N ASP B 690 -45.98 6.61 -17.26
CA ASP B 690 -45.86 5.88 -18.52
C ASP B 690 -45.54 4.41 -18.35
N MET B 691 -45.03 4.01 -17.18
CA MET B 691 -44.46 2.70 -17.00
C MET B 691 -45.53 1.60 -16.99
N PRO B 692 -45.21 0.43 -17.53
CA PRO B 692 -46.05 -0.75 -17.27
C PRO B 692 -45.59 -1.47 -16.00
N VAL B 693 -46.53 -2.20 -15.39
CA VAL B 693 -46.26 -2.84 -14.11
C VAL B 693 -45.15 -3.88 -14.24
N ASP B 694 -45.11 -4.59 -15.37
CA ASP B 694 -44.15 -5.67 -15.53
C ASP B 694 -42.72 -5.15 -15.52
N ALA B 695 -42.47 -4.00 -16.17
CA ALA B 695 -41.13 -3.43 -16.16
C ALA B 695 -40.71 -3.02 -14.75
N TRP B 696 -41.65 -2.44 -13.99
CA TRP B 696 -41.35 -2.07 -12.61
C TRP B 696 -41.02 -3.29 -11.76
N ARG B 697 -41.80 -4.37 -11.91
CA ARG B 697 -41.53 -5.58 -11.15
C ARG B 697 -40.19 -6.18 -11.53
N HIS B 698 -39.87 -6.20 -12.83
CA HIS B 698 -38.58 -6.70 -13.28
C HIS B 698 -37.44 -5.88 -12.70
N THR B 699 -37.56 -4.55 -12.72
CA THR B 699 -36.52 -3.70 -12.17
C THR B 699 -36.31 -3.96 -10.68
N LEU B 700 -37.41 -4.02 -9.93
CA LEU B 700 -37.29 -4.23 -8.48
C LEU B 700 -36.72 -5.61 -8.17
N ARG B 701 -37.11 -6.64 -8.91
CA ARG B 701 -36.62 -7.98 -8.64
C ARG B 701 -35.15 -8.11 -8.99
N ALA B 702 -34.76 -7.64 -10.17
CA ALA B 702 -33.36 -7.72 -10.58
C ALA B 702 -32.46 -6.73 -9.83
N ASN B 703 -33.06 -5.83 -9.04
CA ASN B 703 -32.21 -4.78 -8.39
C ASN B 703 -32.27 -4.84 -6.87
N LEU B 704 -33.45 -5.09 -6.28
CA LEU B 704 -33.58 -5.05 -4.83
C LEU B 704 -33.63 -6.43 -4.20
N ILE B 705 -34.59 -7.27 -4.63
CA ILE B 705 -34.83 -8.55 -3.97
C ILE B 705 -33.63 -9.48 -4.12
N SER B 706 -32.88 -9.35 -5.21
CA SER B 706 -31.73 -10.21 -5.43
C SER B 706 -30.64 -10.03 -4.40
N ASN B 707 -30.68 -8.94 -3.62
CA ASN B 707 -29.71 -8.78 -2.56
C ASN B 707 -30.07 -9.64 -1.36
N TYR B 708 -31.31 -9.53 -0.89
CA TYR B 708 -31.76 -10.32 0.25
C TYR B 708 -31.80 -11.80 -0.08
N ALA B 709 -32.07 -12.17 -1.32
CA ALA B 709 -32.10 -13.59 -1.66
C ALA B 709 -30.75 -14.25 -1.37
N LEU B 710 -29.67 -13.67 -1.90
CA LEU B 710 -28.34 -14.21 -1.66
C LEU B 710 -27.93 -14.05 -0.20
N LEU B 711 -28.29 -12.91 0.41
CA LEU B 711 -27.94 -12.68 1.80
C LEU B 711 -28.55 -13.74 2.71
N ARG B 712 -29.84 -14.04 2.52
CA ARG B 712 -30.50 -15.06 3.31
C ARG B 712 -29.96 -16.44 3.00
N ARG B 713 -29.67 -16.73 1.73
CA ARG B 713 -29.14 -18.04 1.38
C ARG B 713 -27.75 -18.28 1.94
N LEU B 714 -27.01 -17.20 2.27
CA LEU B 714 -25.60 -17.38 2.71
C LEU B 714 -25.42 -17.08 4.21
N ALA B 715 -26.39 -16.43 4.85
CA ALA B 715 -26.21 -16.02 6.25
C ALA B 715 -25.95 -17.18 7.21
N PRO B 716 -26.68 -18.31 7.16
CA PRO B 716 -26.44 -19.35 8.18
C PRO B 716 -25.01 -19.85 8.21
N GLN B 717 -24.38 -20.02 7.05
CA GLN B 717 -22.96 -20.37 7.01
C GLN B 717 -22.08 -19.15 7.29
N MET B 718 -22.57 -17.96 6.97
CA MET B 718 -21.80 -16.74 7.18
C MET B 718 -21.56 -16.48 8.66
N LYS B 719 -22.52 -16.83 9.51
CA LYS B 719 -22.41 -16.55 10.93
C LYS B 719 -21.22 -17.27 11.56
N ALA B 720 -20.99 -18.53 11.16
CA ALA B 720 -19.87 -19.29 11.72
C ALA B 720 -18.52 -18.82 11.21
N ALA B 721 -18.48 -17.95 10.20
CA ALA B 721 -17.20 -17.48 9.65
C ALA B 721 -16.60 -16.41 10.55
N GLY B 722 -17.32 -15.30 10.75
CA GLY B 722 -16.87 -14.22 11.59
C GLY B 722 -16.29 -13.04 10.84
N GLY B 723 -15.87 -13.22 9.59
CA GLY B 723 -15.33 -12.14 8.80
C GLY B 723 -16.25 -11.74 7.67
N ALA B 724 -17.56 -11.86 7.90
CA ALA B 724 -18.54 -11.61 6.86
C ALA B 724 -18.62 -10.13 6.51
N TYR B 725 -18.91 -9.86 5.24
CA TYR B 725 -19.13 -8.50 4.75
C TYR B 725 -20.11 -8.56 3.60
N VAL B 726 -21.11 -7.68 3.64
CA VAL B 726 -22.09 -7.53 2.57
C VAL B 726 -22.05 -6.09 2.08
N LEU B 727 -21.80 -5.93 0.79
CA LEU B 727 -21.75 -4.61 0.17
C LEU B 727 -22.89 -4.48 -0.83
N ASN B 728 -23.70 -3.44 -0.66
CA ASN B 728 -24.85 -3.17 -1.53
C ASN B 728 -24.51 -1.92 -2.34
N VAL B 729 -23.93 -2.12 -3.52
CA VAL B 729 -23.55 -1.01 -4.38
C VAL B 729 -24.81 -0.30 -4.86
N SER B 730 -24.91 0.99 -4.56
CA SER B 730 -26.06 1.82 -4.89
C SER B 730 -25.61 2.95 -5.79
N SER B 731 -26.52 3.89 -6.03
CA SER B 731 -26.23 5.09 -6.81
C SER B 731 -26.54 6.32 -5.96
N TYR B 732 -25.68 7.33 -6.05
CA TYR B 732 -25.86 8.54 -5.26
C TYR B 732 -27.12 9.28 -5.63
N PHE B 733 -27.60 9.13 -6.87
CA PHE B 733 -28.86 9.73 -7.27
C PHE B 733 -30.06 9.04 -6.65
N GLY B 734 -29.87 7.87 -6.03
CA GLY B 734 -30.97 7.25 -5.31
C GLY B 734 -31.41 8.06 -4.10
N GLY B 735 -30.46 8.57 -3.34
CA GLY B 735 -30.78 9.41 -2.21
C GLY B 735 -29.64 9.44 -1.21
N GLU B 736 -29.96 9.98 -0.04
CA GLU B 736 -29.02 10.05 1.08
C GLU B 736 -29.85 10.07 2.36
N LYS B 737 -29.19 9.77 3.47
CA LYS B 737 -29.90 9.69 4.75
C LYS B 737 -30.53 11.03 5.09
N TYR B 738 -31.83 11.00 5.40
CA TYR B 738 -32.67 12.13 5.81
C TYR B 738 -32.94 13.12 4.69
N VAL B 739 -32.47 12.87 3.46
CA VAL B 739 -32.80 13.71 2.30
C VAL B 739 -33.09 12.81 1.11
N ALA B 740 -34.33 12.86 0.61
CA ALA B 740 -34.70 12.07 -0.58
C ALA B 740 -34.48 12.93 -1.83
N ILE B 741 -33.28 12.86 -2.42
CA ILE B 741 -32.96 13.74 -3.60
C ILE B 741 -33.75 13.25 -4.83
N PRO B 742 -34.25 14.15 -5.69
CA PRO B 742 -35.00 13.76 -6.89
C PRO B 742 -34.08 13.25 -8.01
N TYR B 743 -34.69 12.54 -8.95
CA TYR B 743 -33.99 12.01 -10.11
C TYR B 743 -35.02 11.68 -11.18
N PRO B 744 -35.56 12.68 -11.87
CA PRO B 744 -36.73 12.44 -12.73
C PRO B 744 -36.41 11.52 -13.90
N ASN B 745 -37.46 10.85 -14.37
CA ASN B 745 -37.48 9.92 -15.51
C ASN B 745 -36.78 8.59 -15.22
N ARG B 746 -36.28 8.44 -13.99
CA ARG B 746 -35.63 7.17 -13.57
C ARG B 746 -36.16 6.80 -12.19
N SER B 747 -37.48 6.65 -12.06
CA SER B 747 -38.07 6.41 -10.76
C SER B 747 -37.68 5.05 -10.19
N ASP B 748 -37.71 4.01 -11.02
CA ASP B 748 -37.36 2.68 -10.53
C ASP B 748 -35.90 2.63 -10.10
N TYR B 749 -35.03 3.29 -10.85
CA TYR B 749 -33.61 3.32 -10.52
C TYR B 749 -33.30 4.17 -9.28
N ALA B 750 -34.28 4.94 -8.79
CA ALA B 750 -34.13 5.63 -7.53
C ALA B 750 -34.71 4.81 -6.38
N VAL B 751 -35.87 4.20 -6.58
CA VAL B 751 -36.49 3.38 -5.55
C VAL B 751 -35.60 2.18 -5.21
N SER B 752 -35.13 1.48 -6.25
CA SER B 752 -34.34 0.28 -6.05
C SER B 752 -32.93 0.57 -5.57
N LYS B 753 -32.46 1.82 -5.66
CA LYS B 753 -31.17 2.19 -5.09
C LYS B 753 -31.29 2.74 -3.67
N ALA B 754 -32.43 3.35 -3.33
CA ALA B 754 -32.67 3.71 -1.94
C ALA B 754 -32.93 2.47 -1.09
N GLY B 755 -33.61 1.47 -1.65
CA GLY B 755 -33.83 0.24 -0.91
C GLY B 755 -32.55 -0.48 -0.56
N GLN B 756 -31.55 -0.41 -1.43
CA GLN B 756 -30.29 -1.10 -1.23
C GLN B 756 -29.48 -0.54 -0.05
N ARG B 757 -29.79 0.66 0.41
CA ARG B 757 -29.20 1.19 1.63
C ARG B 757 -30.17 1.20 2.81
N ALA B 758 -31.48 1.25 2.53
CA ALA B 758 -32.45 1.05 3.60
C ALA B 758 -32.28 -0.32 4.24
N MET B 759 -32.03 -1.34 3.41
CA MET B 759 -31.78 -2.68 3.95
C MET B 759 -30.57 -2.67 4.87
N VAL B 760 -29.50 -1.99 4.47
CA VAL B 760 -28.29 -1.94 5.28
C VAL B 760 -28.57 -1.25 6.61
N GLU B 761 -29.21 -0.08 6.56
CA GLU B 761 -29.47 0.68 7.78
C GLU B 761 -30.42 -0.07 8.72
N SER B 762 -31.34 -0.86 8.16
CA SER B 762 -32.28 -1.59 8.99
C SER B 762 -31.75 -2.93 9.48
N LEU B 763 -30.70 -3.47 8.85
CA LEU B 763 -30.21 -4.79 9.18
C LEU B 763 -28.87 -4.80 9.89
N ALA B 764 -28.16 -3.66 9.93
CA ALA B 764 -26.85 -3.63 10.58
C ALA B 764 -26.94 -4.00 12.05
N ARG B 765 -27.96 -3.50 12.75
CA ARG B 765 -28.09 -3.77 14.17
C ARG B 765 -28.34 -5.24 14.44
N PHE B 766 -29.15 -5.90 13.60
CA PHE B 766 -29.59 -7.26 13.87
C PHE B 766 -28.65 -8.32 13.33
N LEU B 767 -27.87 -7.99 12.29
CA LEU B 767 -26.93 -8.97 11.68
C LEU B 767 -25.94 -9.46 12.75
N GLY B 768 -25.63 -8.62 13.73
CA GLY B 768 -24.73 -9.01 14.81
C GLY B 768 -23.28 -8.65 14.56
N PRO B 769 -22.36 -8.96 15.50
CA PRO B 769 -20.95 -8.53 15.36
C PRO B 769 -20.17 -9.29 14.28
N GLU B 770 -20.48 -10.58 14.07
CA GLU B 770 -19.71 -11.41 13.11
C GLU B 770 -19.87 -10.88 11.68
N ILE B 771 -21.04 -10.37 11.31
CA ILE B 771 -21.28 -9.95 9.90
C ILE B 771 -21.27 -8.42 9.80
N GLN B 772 -20.67 -7.87 8.75
CA GLN B 772 -20.68 -6.39 8.52
C GLN B 772 -21.55 -6.10 7.30
N ILE B 773 -22.07 -4.86 7.18
CA ILE B 773 -22.98 -4.55 6.09
C ILE B 773 -23.00 -3.05 5.88
N ASN B 774 -22.65 -2.63 4.67
CA ASN B 774 -22.66 -1.18 4.36
C ASN B 774 -23.16 -1.00 2.92
N ALA B 775 -22.98 0.20 2.38
CA ALA B 775 -23.43 0.53 1.03
C ALA B 775 -22.42 1.46 0.39
N ILE B 776 -22.63 1.72 -0.90
CA ILE B 776 -21.75 2.63 -1.68
C ILE B 776 -22.64 3.49 -2.57
N ALA B 777 -22.37 4.78 -2.65
CA ALA B 777 -23.19 5.73 -3.43
C ALA B 777 -22.30 6.61 -4.29
N PRO B 778 -21.86 6.12 -5.48
CA PRO B 778 -21.11 6.95 -6.41
C PRO B 778 -22.07 7.70 -7.33
N GLY B 779 -21.82 8.99 -7.55
CA GLY B 779 -22.67 9.81 -8.40
C GLY B 779 -22.33 9.67 -9.86
N PRO B 780 -22.21 10.80 -10.57
CA PRO B 780 -21.86 10.77 -11.99
C PRO B 780 -20.39 10.40 -12.16
N VAL B 781 -20.14 9.29 -12.84
CA VAL B 781 -18.79 8.76 -13.01
C VAL B 781 -18.54 8.51 -14.50
N GLU B 782 -17.51 9.14 -15.04
CA GLU B 782 -17.05 8.94 -16.41
C GLU B 782 -15.73 9.68 -16.59
N GLY B 783 -14.87 9.12 -17.43
CA GLY B 783 -13.56 9.70 -17.67
C GLY B 783 -13.61 11.05 -18.36
N GLY B 794 -22.11 7.39 -24.23
CA GLY B 794 -23.34 7.41 -25.00
C GLY B 794 -23.71 8.79 -25.50
N LEU B 795 -23.08 9.81 -24.92
CA LEU B 795 -23.26 11.22 -25.28
C LEU B 795 -24.70 11.70 -25.10
N PHE B 796 -25.53 10.92 -24.40
CA PHE B 796 -26.93 11.28 -24.13
C PHE B 796 -27.72 11.50 -25.41
N MET B 797 -27.34 10.81 -26.50
CA MET B 797 -28.09 10.91 -27.74
C MET B 797 -29.47 10.27 -27.60
N ARG B 798 -29.51 9.05 -27.05
CA ARG B 798 -30.80 8.42 -26.75
C ARG B 798 -31.57 9.24 -25.74
N ARG B 799 -30.88 9.80 -24.74
CA ARG B 799 -31.53 10.67 -23.77
C ARG B 799 -32.09 11.92 -24.45
N ALA B 800 -31.36 12.49 -25.41
CA ALA B 800 -31.85 13.66 -26.12
C ALA B 800 -33.11 13.33 -26.92
N ARG B 801 -33.08 12.21 -27.65
CA ARG B 801 -34.27 11.79 -28.39
C ARG B 801 -35.44 11.57 -27.43
N LEU B 802 -35.17 10.96 -26.26
CA LEU B 802 -36.23 10.70 -25.30
C LEU B 802 -36.83 11.99 -24.76
N ILE B 803 -36.00 12.96 -24.38
CA ILE B 803 -36.56 14.19 -23.81
C ILE B 803 -37.35 14.93 -24.87
N LEU B 804 -36.89 14.90 -26.12
CA LEU B 804 -37.67 15.52 -27.19
C LEU B 804 -39.04 14.84 -27.33
N GLU B 805 -39.05 13.50 -27.33
CA GLU B 805 -40.31 12.78 -27.49
C GLU B 805 -41.27 13.05 -26.33
N ASN B 806 -40.75 13.02 -25.10
CA ASN B 806 -41.59 13.35 -23.95
C ASN B 806 -42.14 14.77 -24.06
N LYS B 807 -41.29 15.69 -24.51
CA LYS B 807 -41.79 17.07 -24.75
C LYS B 807 -43.01 16.99 -25.67
N ARG B 808 -42.90 16.22 -26.76
CA ARG B 808 -44.01 16.09 -27.73
C ARG B 808 -45.26 15.58 -27.00
N LEU B 809 -45.15 14.45 -26.30
CA LEU B 809 -46.30 13.87 -25.56
C LEU B 809 -46.89 14.94 -24.64
N ASN B 810 -46.04 15.84 -24.14
CA ASN B 810 -46.50 16.87 -23.20
C ASN B 810 -47.36 17.92 -23.91
N GLU B 811 -46.88 18.49 -25.02
CA GLU B 811 -47.72 19.56 -25.58
C GLU B 811 -48.98 18.96 -26.21
N VAL B 812 -48.89 17.76 -26.79
CA VAL B 812 -50.09 17.17 -27.39
C VAL B 812 -51.13 16.87 -26.30
N PHE B 813 -50.69 16.29 -25.18
CA PHE B 813 -51.59 15.99 -24.08
C PHE B 813 -52.19 17.27 -23.50
N ALA B 814 -51.38 18.31 -23.37
CA ALA B 814 -51.90 19.59 -22.89
C ALA B 814 -52.95 20.15 -23.85
N ALA B 815 -52.69 19.99 -25.16
CA ALA B 815 -53.63 20.50 -26.18
C ALA B 815 -55.01 19.86 -26.00
N LEU B 816 -55.06 18.52 -26.03
CA LEU B 816 -56.36 17.79 -25.92
C LEU B 816 -57.02 18.18 -24.58
N LEU B 817 -56.26 18.13 -23.49
CA LEU B 817 -56.80 18.52 -22.16
C LEU B 817 -57.49 19.88 -22.29
N ALA B 818 -56.77 20.89 -22.77
CA ALA B 818 -57.34 22.22 -22.94
C ALA B 818 -58.56 22.19 -23.84
N ALA B 819 -58.52 21.39 -24.90
CA ALA B 819 -59.67 21.27 -25.78
C ALA B 819 -60.87 20.68 -25.05
N ARG B 820 -60.67 19.55 -24.38
CA ARG B 820 -61.77 18.91 -23.65
C ARG B 820 -62.19 19.70 -22.42
N HIS B 821 -61.40 20.67 -21.97
CA HIS B 821 -61.75 21.44 -20.79
C HIS B 821 -62.97 22.33 -20.99
N GLU B 822 -63.29 22.70 -22.23
CA GLU B 822 -64.39 23.62 -22.52
C GLU B 822 -65.31 23.01 -23.57
N GLY B 823 -66.26 22.20 -23.12
CA GLY B 823 -67.33 21.71 -23.98
C GLY B 823 -66.88 20.93 -25.20
N ALA B 824 -65.92 20.02 -25.03
CA ALA B 824 -65.46 19.19 -26.13
C ALA B 824 -65.23 17.78 -25.64
N THR B 825 -65.25 16.83 -26.58
CA THR B 825 -64.99 15.40 -26.25
C THR B 825 -63.97 14.83 -27.24
N ILE B 826 -63.13 13.90 -26.79
CA ILE B 826 -62.09 13.28 -27.67
C ILE B 826 -62.81 12.47 -28.77
N ALA B 827 -63.96 11.86 -28.43
CA ALA B 827 -64.70 11.04 -29.41
C ALA B 827 -64.61 11.66 -30.81
N ASP B 828 -65.08 12.91 -30.96
CA ASP B 828 -65.09 13.56 -32.30
C ASP B 828 -63.72 14.19 -32.59
N LEU B 829 -62.83 14.22 -31.60
CA LEU B 829 -61.53 14.85 -31.78
C LEU B 829 -60.44 13.86 -32.21
N LEU B 830 -60.65 12.57 -32.00
CA LEU B 830 -59.66 11.55 -32.36
C LEU B 830 -59.55 11.24 -33.85
N PRO B 831 -60.63 11.25 -34.64
CA PRO B 831 -60.48 10.77 -36.04
C PRO B 831 -59.50 11.58 -36.87
N ASP B 832 -59.62 12.90 -36.87
CA ASP B 832 -58.69 13.74 -37.63
C ASP B 832 -57.41 14.03 -36.88
N LEU B 833 -57.30 13.61 -35.62
CA LEU B 833 -56.12 13.90 -34.82
C LEU B 833 -54.90 13.15 -35.33
N PHE B 834 -55.05 11.84 -35.55
CA PHE B 834 -53.93 10.98 -35.93
C PHE B 834 -53.60 11.04 -37.41
N ALA B 835 -54.10 12.04 -38.13
CA ALA B 835 -53.74 12.22 -39.53
C ALA B 835 -52.35 12.81 -39.72
N ASN B 836 -51.70 13.25 -38.64
CA ASN B 836 -50.36 13.84 -38.64
C ASN B 836 -50.16 14.80 -39.82
N ASP B 837 -51.12 15.72 -39.98
CA ASP B 837 -51.10 16.73 -41.02
C ASP B 837 -51.37 18.08 -40.36
N ILE B 838 -50.30 18.76 -39.93
CA ILE B 838 -50.45 20.03 -39.24
C ILE B 838 -50.98 21.11 -40.16
N GLN B 839 -50.61 21.08 -41.44
CA GLN B 839 -51.19 22.02 -42.41
C GLN B 839 -52.70 21.85 -42.49
N SER B 840 -53.17 20.60 -42.58
CA SER B 840 -54.60 20.35 -42.63
C SER B 840 -55.28 20.77 -41.35
N ILE B 841 -54.64 20.52 -40.21
CA ILE B 841 -55.20 20.92 -38.91
C ILE B 841 -55.37 22.42 -38.86
N ALA B 842 -54.36 23.17 -39.29
CA ALA B 842 -54.44 24.63 -39.23
C ALA B 842 -55.44 25.17 -40.24
N ASN B 843 -55.51 24.58 -41.44
CA ASN B 843 -56.36 25.12 -42.49
C ASN B 843 -57.84 24.80 -42.23
N SER B 844 -58.13 23.61 -41.73
CA SER B 844 -59.53 23.19 -41.57
C SER B 844 -60.27 24.08 -40.59
N ALA B 845 -59.65 24.39 -39.45
CA ALA B 845 -60.23 25.24 -38.41
C ALA B 845 -61.56 24.72 -37.88
N ALA B 846 -61.88 23.46 -38.15
CA ALA B 846 -63.09 22.82 -37.64
C ALA B 846 -62.83 22.06 -36.33
N MET B 847 -61.83 22.48 -35.58
CA MET B 847 -61.36 21.78 -34.39
C MET B 847 -61.12 22.80 -33.29
N PRO B 848 -61.07 22.35 -32.03
CA PRO B 848 -60.86 23.30 -30.92
C PRO B 848 -59.55 24.06 -31.06
N ALA B 849 -59.54 25.27 -30.51
CA ALA B 849 -58.41 26.18 -30.68
C ALA B 849 -57.07 25.64 -30.17
N PRO B 850 -56.95 25.04 -28.97
CA PRO B 850 -55.61 24.76 -28.43
C PRO B 850 -54.73 23.94 -29.35
N LEU B 851 -55.27 22.91 -30.00
CA LEU B 851 -54.46 22.15 -30.94
C LEU B 851 -54.08 22.99 -32.15
N ARG B 852 -54.94 23.92 -32.56
CA ARG B 852 -54.60 24.81 -33.66
C ARG B 852 -53.44 25.75 -33.29
N ARG B 853 -53.47 26.31 -32.08
CA ARG B 853 -52.36 27.17 -31.68
C ARG B 853 -51.08 26.36 -31.51
N LEU B 854 -51.19 25.12 -31.02
CA LEU B 854 -50.01 24.26 -30.95
C LEU B 854 -49.44 23.99 -32.33
N ALA B 855 -50.32 23.73 -33.31
CA ALA B 855 -49.85 23.50 -34.68
C ALA B 855 -49.18 24.73 -35.25
N THR B 856 -49.75 25.93 -34.98
CA THR B 856 -49.13 27.15 -35.47
C THR B 856 -47.76 27.38 -34.82
N MET B 857 -47.65 27.11 -33.51
CA MET B 857 -46.38 27.26 -32.83
C MET B 857 -45.35 26.29 -33.37
N LEU B 858 -45.77 25.07 -33.68
CA LEU B 858 -44.86 24.12 -34.32
C LEU B 858 -44.45 24.60 -35.70
N ARG B 859 -45.41 25.20 -36.43
CA ARG B 859 -45.13 25.69 -37.80
C ARG B 859 -44.07 26.81 -37.73
N GLU B 860 -44.14 27.65 -36.70
CA GLU B 860 -43.21 28.77 -36.59
C GLU B 860 -41.86 28.35 -36.00
N THR B 861 -41.88 27.84 -34.76
CA THR B 861 -40.64 27.67 -34.01
C THR B 861 -39.82 26.48 -34.48
N SER B 862 -40.47 25.35 -34.78
CA SER B 862 -39.75 24.10 -34.98
C SER B 862 -38.86 24.17 -36.21
N ASP B 863 -37.81 23.33 -36.20
CA ASP B 863 -36.85 23.29 -37.29
C ASP B 863 -37.49 22.79 -38.58
N ALA B 864 -37.00 23.29 -39.70
CA ALA B 864 -37.53 22.96 -41.02
C ALA B 864 -36.82 21.79 -41.68
N GLY B 865 -35.76 21.27 -41.05
CA GLY B 865 -34.98 20.17 -41.64
C GLY B 865 -35.37 18.83 -41.07
N GLY B 866 -36.62 18.69 -40.59
CA GLY B 866 -37.08 17.43 -40.00
C GLY B 866 -38.51 17.10 -40.42
N SER B 867 -38.87 15.81 -40.41
CA SER B 867 -40.26 15.41 -40.75
C SER B 867 -41.24 16.09 -39.79
N ALA B 868 -40.82 16.26 -38.53
CA ALA B 868 -41.67 16.93 -37.52
C ALA B 868 -42.21 18.25 -38.10
N GLN B 869 -41.45 18.89 -38.99
CA GLN B 869 -41.88 20.21 -39.55
C GLN B 869 -43.19 20.02 -40.32
N SER B 870 -43.45 18.81 -40.82
CA SER B 870 -44.66 18.53 -41.57
C SER B 870 -45.57 17.51 -40.91
N TYR B 871 -45.03 16.59 -40.13
CA TYR B 871 -45.80 15.57 -39.43
C TYR B 871 -45.74 15.81 -37.93
N LEU B 872 -46.64 15.15 -37.20
CA LEU B 872 -46.81 15.41 -35.77
C LEU B 872 -46.43 14.22 -34.90
N MET B 873 -47.00 13.04 -35.14
CA MET B 873 -46.74 11.88 -34.31
C MET B 873 -45.63 11.02 -34.93
N ASN B 874 -45.38 9.86 -34.32
CA ASN B 874 -44.35 8.94 -34.75
C ASN B 874 -44.86 7.56 -34.33
N ALA B 875 -44.14 6.50 -34.70
CA ALA B 875 -44.57 5.15 -34.39
C ALA B 875 -44.61 4.86 -32.90
N THR B 876 -43.97 5.69 -32.08
CA THR B 876 -43.91 5.47 -30.63
C THR B 876 -44.79 6.43 -29.85
N ILE B 877 -44.75 7.73 -30.14
CA ILE B 877 -45.47 8.72 -29.35
C ILE B 877 -46.96 8.67 -29.64
N ALA B 878 -47.36 7.82 -30.58
CA ALA B 878 -48.79 7.68 -30.92
C ALA B 878 -49.42 6.64 -29.99
N ARG B 879 -48.94 5.39 -30.04
CA ARG B 879 -49.48 4.30 -29.19
C ARG B 879 -49.34 4.69 -27.71
N LYS B 880 -48.16 5.18 -27.31
CA LYS B 880 -47.92 5.53 -25.89
C LYS B 880 -48.94 6.59 -25.45
N LEU B 881 -49.14 7.63 -26.25
CA LEU B 881 -50.06 8.72 -25.87
C LEU B 881 -51.48 8.15 -25.74
N LEU B 882 -51.93 7.43 -26.75
CA LEU B 882 -53.28 6.81 -26.68
C LEU B 882 -53.38 6.02 -25.37
N ASN B 883 -52.36 5.21 -25.06
CA ASN B 883 -52.38 4.39 -23.81
C ASN B 883 -52.51 5.33 -22.60
N ARG B 884 -51.74 6.42 -22.58
CA ARG B 884 -51.86 7.42 -21.48
C ARG B 884 -53.34 7.77 -21.30
N LEU B 885 -53.99 8.21 -22.39
CA LEU B 885 -55.42 8.62 -22.31
C LEU B 885 -56.26 7.45 -21.80
N GLU B 886 -56.03 6.25 -22.36
CA GLU B 886 -56.79 5.05 -21.92
C GLU B 886 -56.61 4.87 -20.40
N ASN B 887 -55.36 4.83 -19.93
CA ASN B 887 -55.10 4.63 -18.51
C ASN B 887 -55.72 5.74 -17.67
N GLY B 888 -55.66 6.99 -18.15
CA GLY B 888 -56.24 8.10 -17.42
C GLY B 888 -57.76 8.17 -17.50
N GLY B 889 -58.38 7.33 -18.31
CA GLY B 889 -59.82 7.33 -18.46
C GLY B 889 -60.35 8.36 -19.43
N TYR B 890 -59.48 9.14 -20.09
CA TYR B 890 -59.94 10.13 -21.05
C TYR B 890 -60.61 9.48 -22.26
N ILE B 891 -60.04 8.39 -22.75
CA ILE B 891 -60.55 7.69 -23.92
C ILE B 891 -60.96 6.28 -23.50
N THR B 892 -62.17 5.88 -23.89
CA THR B 892 -62.68 4.56 -23.55
C THR B 892 -62.05 3.51 -24.46
N LEU B 893 -62.51 2.27 -24.35
CA LEU B 893 -61.98 1.18 -25.13
C LEU B 893 -62.47 1.26 -26.58
N HIS B 894 -62.05 0.27 -27.39
CA HIS B 894 -62.43 0.16 -28.80
C HIS B 894 -62.28 1.48 -29.56
N ASP B 895 -61.30 2.28 -29.16
CA ASP B 895 -61.06 3.59 -29.82
C ASP B 895 -59.57 3.70 -30.19
N ARG B 896 -58.88 2.56 -30.32
CA ARG B 896 -57.42 2.57 -30.63
C ARG B 896 -57.19 2.15 -32.08
N ARG B 897 -56.36 2.91 -32.82
CA ARG B 897 -56.04 2.55 -34.24
C ARG B 897 -54.57 2.88 -34.49
N ALA B 898 -54.00 2.37 -35.59
CA ALA B 898 -52.56 2.63 -35.90
C ALA B 898 -52.44 3.93 -36.70
N LEU B 899 -51.22 4.27 -37.12
CA LEU B 899 -51.00 5.49 -37.89
C LEU B 899 -51.33 5.26 -39.35
N THR B 900 -52.21 6.11 -39.90
CA THR B 900 -52.53 6.01 -41.31
C THR B 900 -51.33 6.39 -42.19
N VAL B 901 -50.57 7.40 -41.76
CA VAL B 901 -49.41 7.90 -42.50
C VAL B 901 -48.18 7.69 -41.64
N GLU B 902 -47.13 7.14 -42.25
CA GLU B 902 -45.87 6.91 -41.56
C GLU B 902 -44.92 8.06 -41.86
N PRO B 903 -44.59 8.91 -40.90
CA PRO B 903 -43.64 9.99 -41.16
C PRO B 903 -42.30 9.44 -41.60
N PRO B 904 -41.57 10.18 -42.44
CA PRO B 904 -40.29 9.66 -42.95
C PRO B 904 -39.23 9.48 -41.88
N GLU B 905 -38.07 8.95 -42.27
CA GLU B 905 -37.01 8.65 -41.31
C GLU B 905 -36.53 9.87 -40.55
N PRO B 906 -36.25 11.00 -41.19
CA PRO B 906 -35.71 12.16 -40.43
C PRO B 906 -36.80 12.92 -39.68
N PHE B 907 -37.33 12.28 -38.64
CA PHE B 907 -38.35 12.93 -37.82
C PHE B 907 -37.76 14.10 -37.04
N PHE B 908 -36.57 13.91 -36.48
CA PHE B 908 -35.91 14.99 -35.69
C PHE B 908 -34.58 15.37 -36.34
N THR B 909 -34.39 16.66 -36.63
CA THR B 909 -33.10 17.13 -37.23
C THR B 909 -31.97 16.83 -36.25
N GLU B 910 -30.87 16.24 -36.74
CA GLU B 910 -29.73 15.89 -35.85
C GLU B 910 -29.32 17.12 -35.03
N ALA B 911 -29.31 18.30 -35.67
CA ALA B 911 -28.90 19.51 -34.94
C ALA B 911 -29.61 19.62 -33.61
N GLN B 912 -30.92 19.32 -33.58
CA GLN B 912 -31.66 19.35 -32.32
C GLN B 912 -31.12 18.33 -31.34
N ILE B 913 -30.80 17.12 -31.84
CA ILE B 913 -30.24 16.08 -30.98
C ILE B 913 -28.92 16.55 -30.38
N GLU B 914 -28.05 17.13 -31.22
CA GLU B 914 -26.77 17.62 -30.72
C GLU B 914 -26.95 18.72 -29.69
N ARG B 915 -27.86 19.67 -29.95
CA ARG B 915 -28.07 20.77 -29.02
C ARG B 915 -28.58 20.27 -27.68
N GLU B 916 -29.53 19.32 -27.71
CA GLU B 916 -30.02 18.75 -26.46
C GLU B 916 -28.91 17.98 -25.75
N ALA B 917 -28.02 17.33 -26.50
CA ALA B 917 -26.91 16.61 -25.89
C ALA B 917 -25.99 17.58 -25.14
N ILE B 918 -25.66 18.69 -25.79
CA ILE B 918 -24.80 19.72 -25.13
C ILE B 918 -25.51 20.19 -23.87
N LYS B 919 -26.80 20.53 -23.99
CA LYS B 919 -27.54 21.07 -22.85
C LYS B 919 -27.53 20.09 -21.68
N VAL B 920 -27.85 18.83 -21.97
CA VAL B 920 -27.86 17.79 -20.89
C VAL B 920 -26.46 17.73 -20.26
N ARG B 921 -25.43 17.52 -21.09
CA ARG B 921 -24.04 17.41 -20.58
C ARG B 921 -23.74 18.60 -19.66
N ASP B 922 -23.92 19.83 -20.16
CA ASP B 922 -23.57 21.00 -19.36
C ASP B 922 -24.35 21.04 -18.05
N GLY B 923 -25.64 20.72 -18.10
CA GLY B 923 -26.43 20.68 -16.88
C GLY B 923 -25.92 19.64 -15.89
N ILE B 924 -25.47 18.50 -16.40
CA ILE B 924 -24.92 17.46 -15.52
C ILE B 924 -23.58 17.91 -14.94
N LEU B 925 -22.70 18.46 -15.78
CA LEU B 925 -21.36 18.81 -15.34
C LEU B 925 -21.30 20.07 -14.49
N GLY B 926 -22.36 20.88 -14.47
CA GLY B 926 -22.32 22.09 -13.66
C GLY B 926 -22.43 21.86 -12.17
N MET B 927 -22.73 20.62 -11.75
CA MET B 927 -22.96 20.35 -10.31
C MET B 927 -21.67 19.99 -9.59
N LEU B 928 -20.55 19.84 -10.30
CA LEU B 928 -19.31 19.42 -9.66
C LEU B 928 -18.59 20.59 -9.00
N HIS B 929 -18.11 20.37 -7.79
CA HIS B 929 -17.32 21.39 -7.10
C HIS B 929 -15.92 21.50 -7.68
N LEU B 930 -15.30 20.37 -8.01
CA LEU B 930 -13.95 20.35 -8.56
C LEU B 930 -13.93 20.55 -10.07
N GLN B 931 -15.10 20.70 -10.70
CA GLN B 931 -15.22 20.96 -12.14
C GLN B 931 -14.57 19.84 -12.97
N ARG B 932 -14.71 18.61 -12.51
CA ARG B 932 -14.23 17.45 -13.26
C ARG B 932 -14.95 16.21 -12.75
N MET B 933 -14.94 15.17 -13.58
CA MET B 933 -15.64 13.93 -13.24
C MET B 933 -14.64 12.83 -12.88
N PRO B 934 -14.98 11.97 -11.93
CA PRO B 934 -14.11 10.83 -11.61
C PRO B 934 -14.29 9.70 -12.61
N THR B 935 -13.35 8.76 -12.55
CA THR B 935 -13.42 7.58 -13.45
C THR B 935 -13.72 6.35 -12.61
N GLU B 936 -14.08 5.23 -13.27
CA GLU B 936 -14.43 3.99 -12.53
C GLU B 936 -13.26 3.57 -11.63
N PHE B 937 -12.02 3.79 -12.08
CA PHE B 937 -10.88 3.34 -11.30
C PHE B 937 -10.87 3.97 -9.92
N ASP B 938 -11.18 5.26 -9.82
CA ASP B 938 -11.14 5.94 -8.53
C ASP B 938 -12.18 5.37 -7.57
N VAL B 939 -13.41 5.17 -8.06
CA VAL B 939 -14.47 4.65 -7.19
C VAL B 939 -14.17 3.20 -6.81
N ALA B 940 -13.63 2.41 -7.75
CA ALA B 940 -13.28 1.04 -7.42
C ALA B 940 -12.18 0.98 -6.37
N LEU B 941 -11.16 1.83 -6.50
CA LEU B 941 -10.09 1.88 -5.52
C LEU B 941 -10.61 2.29 -4.16
N ALA B 942 -11.48 3.31 -4.12
CA ALA B 942 -12.03 3.76 -2.84
C ALA B 942 -12.86 2.66 -2.18
N THR B 943 -13.70 1.97 -2.97
CA THR B 943 -14.50 0.88 -2.40
C THR B 943 -13.60 -0.24 -1.87
N VAL B 944 -12.56 -0.61 -2.63
CA VAL B 944 -11.69 -1.70 -2.21
C VAL B 944 -10.95 -1.32 -0.93
N PHE B 945 -10.50 -0.06 -0.82
CA PHE B 945 -9.85 0.35 0.41
C PHE B 945 -10.84 0.45 1.57
N TYR B 946 -12.11 0.75 1.27
CA TYR B 946 -13.12 0.78 2.33
C TYR B 946 -13.47 -0.60 2.83
N LEU B 947 -13.35 -1.63 1.99
CA LEU B 947 -13.70 -2.98 2.40
C LEU B 947 -12.84 -3.50 3.53
N ALA B 948 -11.69 -2.88 3.79
CA ALA B 948 -10.76 -3.36 4.81
C ALA B 948 -11.04 -2.77 6.19
N ASP B 949 -12.10 -1.97 6.33
CA ASP B 949 -12.44 -1.39 7.62
C ASP B 949 -13.22 -2.40 8.47
N ARG B 950 -12.77 -2.60 9.70
CA ARG B 950 -13.35 -3.61 10.59
C ARG B 950 -14.12 -2.99 11.75
N ASN B 951 -14.48 -1.71 11.65
CA ASN B 951 -15.19 -1.02 12.73
C ASN B 951 -16.40 -0.23 12.25
N VAL B 952 -16.81 -0.39 11.00
CA VAL B 952 -17.91 0.38 10.42
C VAL B 952 -19.01 -0.58 9.99
N THR B 953 -20.24 -0.28 10.42
CA THR B 953 -21.40 -1.07 10.03
C THR B 953 -22.59 -0.14 9.83
N GLY B 954 -23.37 -0.38 8.79
CA GLY B 954 -24.59 0.38 8.55
C GLY B 954 -24.37 1.84 8.24
N GLU B 955 -23.40 2.15 7.39
CA GLU B 955 -23.16 3.52 6.98
C GLU B 955 -22.92 3.55 5.47
N THR B 956 -23.28 4.67 4.84
CA THR B 956 -23.14 4.84 3.41
C THR B 956 -21.87 5.63 3.11
N PHE B 957 -21.02 5.09 2.25
CA PHE B 957 -19.77 5.73 1.85
C PHE B 957 -19.94 6.47 0.53
N HIS B 958 -19.07 7.45 0.32
CA HIS B 958 -19.07 8.28 -0.89
C HIS B 958 -17.67 8.22 -1.48
N PRO B 959 -17.41 7.27 -2.38
CA PRO B 959 -16.03 7.07 -2.87
C PRO B 959 -15.45 8.30 -3.56
N SER B 960 -16.25 8.99 -4.36
CA SER B 960 -15.80 10.21 -5.04
C SER B 960 -17.03 11.06 -5.30
N GLY B 961 -17.24 12.07 -4.45
CA GLY B 961 -18.42 12.89 -4.55
C GLY B 961 -18.19 14.37 -4.36
N GLY B 962 -19.21 15.07 -3.89
CA GLY B 962 -19.18 16.50 -3.75
C GLY B 962 -19.91 17.16 -4.90
N LEU B 963 -21.17 17.52 -4.71
CA LEU B 963 -22.01 18.03 -5.78
C LEU B 963 -23.07 18.94 -5.20
N ARG B 964 -23.66 19.76 -6.06
CA ARG B 964 -24.78 20.60 -5.72
C ARG B 964 -26.08 19.91 -6.11
N PHE B 965 -27.03 19.86 -5.19
CA PHE B 965 -28.29 19.17 -5.41
C PHE B 965 -29.45 20.06 -4.98
N GLU B 966 -30.61 19.84 -5.60
CA GLU B 966 -31.85 20.48 -5.22
C GLU B 966 -32.73 19.37 -4.62
N ARG B 967 -32.55 19.13 -3.33
CA ARG B 967 -33.14 17.99 -2.65
C ARG B 967 -34.21 18.45 -1.66
N THR B 968 -34.81 17.49 -0.98
CA THR B 968 -35.81 17.73 0.06
C THR B 968 -35.40 16.96 1.31
N VAL B 969 -35.79 17.49 2.46
CA VAL B 969 -35.42 16.94 3.76
C VAL B 969 -36.69 16.59 4.52
N THR B 970 -36.69 15.41 5.14
CA THR B 970 -37.85 14.97 5.91
C THR B 970 -38.10 15.90 7.08
N GLU B 971 -39.36 16.32 7.24
CA GLU B 971 -39.69 17.27 8.30
C GLU B 971 -39.72 16.62 9.67
N GLY B 972 -40.23 15.39 9.77
CA GLY B 972 -40.38 14.76 11.06
C GLY B 972 -41.47 15.42 11.88
N GLU B 973 -42.72 15.25 11.45
CA GLU B 973 -43.89 15.84 12.10
C GLU B 973 -43.80 17.38 12.12
N LEU B 974 -43.81 17.94 10.92
CA LEU B 974 -43.92 19.38 10.78
C LEU B 974 -45.25 19.86 11.37
N PHE B 975 -45.18 20.97 12.11
CA PHE B 975 -46.35 21.45 12.83
C PHE B 975 -47.33 22.12 11.87
N GLY B 976 -48.62 21.80 12.02
CA GLY B 976 -49.63 22.37 11.11
C GLY B 976 -51.05 21.95 11.48
N LYS B 977 -52.02 22.83 11.26
CA LYS B 977 -53.44 22.51 11.56
C LYS B 977 -54.32 23.07 10.43
N PRO B 978 -55.58 22.62 10.27
CA PRO B 978 -56.47 23.18 9.24
C PRO B 978 -56.74 24.66 9.55
N GLY B 979 -56.23 25.56 8.71
CA GLY B 979 -56.42 27.00 8.92
C GLY B 979 -57.79 27.46 8.48
N GLN B 980 -58.44 28.32 9.26
CA GLN B 980 -59.76 28.82 8.91
C GLN B 980 -59.72 29.55 7.58
N GLN B 981 -60.89 29.70 6.97
CA GLN B 981 -61.14 30.32 5.67
C GLN B 981 -60.52 29.54 4.51
N ARG B 982 -59.88 28.40 4.84
CA ARG B 982 -59.25 27.52 3.83
C ARG B 982 -60.18 26.34 3.51
N LEU B 983 -60.91 25.86 4.51
CA LEU B 983 -61.68 24.64 4.40
C LEU B 983 -62.85 24.83 3.44
N GLU B 984 -63.65 23.76 3.29
CA GLU B 984 -64.85 23.76 2.46
C GLU B 984 -64.53 23.98 0.99
N ARG B 985 -63.25 23.98 0.62
CA ARG B 985 -62.88 24.07 -0.79
C ARG B 985 -63.30 22.80 -1.53
N LEU B 986 -62.95 21.64 -0.97
CA LEU B 986 -63.39 20.35 -1.52
C LEU B 986 -64.68 19.88 -0.88
N LYS B 987 -65.67 20.76 -0.82
CA LYS B 987 -66.99 20.44 -0.29
C LYS B 987 -67.91 20.04 -1.43
N GLY B 988 -68.70 19.00 -1.21
CA GLY B 988 -69.49 18.44 -2.29
C GLY B 988 -68.65 17.83 -3.39
N SER B 989 -67.50 17.26 -3.05
CA SER B 989 -66.59 16.63 -3.98
C SER B 989 -66.52 15.13 -3.68
N VAL B 990 -65.61 14.44 -4.38
CA VAL B 990 -65.41 13.01 -4.21
C VAL B 990 -64.01 12.79 -3.64
N VAL B 991 -63.92 11.96 -2.60
CA VAL B 991 -62.66 11.65 -1.95
C VAL B 991 -62.37 10.17 -2.13
N TYR B 992 -61.07 9.85 -2.10
CA TYR B 992 -60.64 8.46 -2.37
C TYR B 992 -59.81 7.90 -1.22
N LEU B 993 -60.09 6.66 -0.82
CA LEU B 993 -59.34 5.95 0.21
C LEU B 993 -59.44 4.46 -0.04
N ILE B 994 -58.47 3.72 0.48
CA ILE B 994 -58.45 2.28 0.41
C ILE B 994 -58.08 1.73 1.79
N GLY B 995 -58.10 0.40 1.90
CA GLY B 995 -57.64 -0.26 3.11
C GLY B 995 -58.58 -1.29 3.69
N GLU B 996 -58.00 -2.32 4.29
CA GLU B 996 -58.76 -3.31 5.06
C GLU B 996 -58.08 -3.69 6.38
N HIS B 997 -56.82 -3.31 6.58
CA HIS B 997 -56.12 -3.69 7.81
C HIS B 997 -56.58 -2.86 8.99
N LEU B 998 -56.58 -1.53 8.85
CA LEU B 998 -56.90 -0.62 9.94
C LEU B 998 -58.35 -0.16 9.79
N ARG B 999 -59.26 -1.03 10.22
CA ARG B 999 -60.69 -0.76 10.05
C ARG B 999 -61.13 0.46 10.86
N GLN B 1000 -60.72 0.53 12.12
CA GLN B 1000 -61.12 1.65 12.96
C GLN B 1000 -60.58 2.97 12.42
N HIS B 1001 -59.36 2.93 11.87
CA HIS B 1001 -58.79 4.15 11.25
C HIS B 1001 -59.70 4.60 10.11
N LEU B 1002 -60.07 3.68 9.22
CA LEU B 1002 -60.91 4.03 8.04
C LEU B 1002 -62.25 4.61 8.50
N VAL B 1003 -62.92 3.93 9.45
CA VAL B 1003 -64.26 4.40 9.91
C VAL B 1003 -64.09 5.78 10.56
N LEU B 1004 -63.00 5.98 11.31
CA LEU B 1004 -62.74 7.31 11.94
C LEU B 1004 -62.64 8.36 10.84
N LEU B 1005 -61.89 8.06 9.78
CA LEU B 1005 -61.74 9.01 8.64
C LEU B 1005 -63.13 9.29 8.06
N ALA B 1006 -63.93 8.25 7.82
CA ALA B 1006 -65.25 8.44 7.22
C ALA B 1006 -66.09 9.36 8.09
N ARG B 1007 -66.08 9.15 9.41
CA ARG B 1007 -66.85 10.00 10.31
C ARG B 1007 -66.37 11.45 10.26
N THR B 1008 -65.05 11.66 10.28
CA THR B 1008 -64.53 13.02 10.26
C THR B 1008 -64.69 13.67 8.90
N PHE B 1009 -64.77 12.89 7.83
CA PHE B 1009 -65.00 13.44 6.49
C PHE B 1009 -66.46 13.82 6.29
N LEU B 1010 -67.39 13.11 6.95
CA LEU B 1010 -68.82 13.37 6.69
C LEU B 1010 -69.41 14.36 7.70
N ASP B 1011 -68.96 14.31 8.96
CA ASP B 1011 -69.56 15.17 9.97
C ASP B 1011 -69.33 16.65 9.69
N GLU B 1012 -68.11 17.00 9.28
CA GLU B 1012 -67.74 18.41 9.11
C GLU B 1012 -67.72 18.82 7.64
N ILE B 1013 -66.97 18.09 6.80
CA ILE B 1013 -66.82 18.48 5.40
C ILE B 1013 -68.14 18.33 4.64
N HIS B 1014 -68.95 17.33 5.00
CA HIS B 1014 -70.16 16.98 4.26
C HIS B 1014 -69.82 16.62 2.82
N VAL B 1015 -68.99 15.57 2.69
CA VAL B 1015 -68.50 15.15 1.38
C VAL B 1015 -69.64 14.54 0.57
N ALA B 1016 -69.68 14.87 -0.72
CA ALA B 1016 -70.73 14.34 -1.59
C ALA B 1016 -70.57 12.84 -1.84
N ARG B 1017 -69.34 12.38 -2.03
CA ARG B 1017 -69.11 10.97 -2.34
C ARG B 1017 -67.78 10.52 -1.75
N VAL B 1018 -67.80 9.35 -1.10
CA VAL B 1018 -66.61 8.74 -0.52
C VAL B 1018 -66.51 7.31 -1.04
N VAL B 1019 -65.34 6.94 -1.54
CA VAL B 1019 -65.10 5.60 -2.07
C VAL B 1019 -64.01 4.94 -1.23
N LEU B 1020 -64.31 3.75 -0.71
CA LEU B 1020 -63.35 2.98 0.08
C LEU B 1020 -63.34 1.56 -0.49
N LEU B 1021 -62.35 1.26 -1.33
CA LEU B 1021 -62.19 -0.06 -1.87
C LEU B 1021 -61.52 -0.98 -0.86
N THR B 1022 -61.93 -2.25 -0.86
CA THR B 1022 -61.49 -3.23 0.12
C THR B 1022 -60.94 -4.46 -0.59
N GLU B 1023 -59.90 -5.05 0.00
CA GLU B 1023 -59.26 -6.21 -0.60
C GLU B 1023 -60.20 -7.41 -0.66
N THR B 1024 -60.96 -7.67 0.40
CA THR B 1024 -61.80 -8.84 0.49
C THR B 1024 -63.23 -8.47 0.83
N THR B 1025 -64.16 -9.35 0.47
CA THR B 1025 -65.58 -9.11 0.68
C THR B 1025 -65.98 -9.24 2.16
N GLN B 1026 -65.32 -10.12 2.90
CA GLN B 1026 -65.64 -10.27 4.32
C GLN B 1026 -65.36 -8.97 5.07
N ALA B 1027 -64.21 -8.34 4.80
CA ALA B 1027 -63.92 -7.05 5.41
C ALA B 1027 -64.90 -5.98 4.94
N ALA B 1028 -65.38 -6.09 3.69
CA ALA B 1028 -66.39 -5.16 3.21
C ALA B 1028 -67.68 -5.27 4.02
N THR B 1029 -68.12 -6.51 4.28
CA THR B 1029 -69.32 -6.71 5.09
C THR B 1029 -69.09 -6.23 6.53
N ASP B 1030 -67.90 -6.47 7.07
CA ASP B 1030 -67.59 -6.00 8.41
C ASP B 1030 -67.63 -4.48 8.49
N LEU B 1031 -67.08 -3.79 7.47
CA LEU B 1031 -67.14 -2.34 7.44
C LEU B 1031 -68.58 -1.85 7.31
N ALA B 1032 -69.37 -2.52 6.47
CA ALA B 1032 -70.77 -2.12 6.31
C ALA B 1032 -71.54 -2.25 7.63
N ALA B 1033 -71.29 -3.34 8.36
CA ALA B 1033 -71.92 -3.49 9.67
C ALA B 1033 -71.38 -2.47 10.67
N GLU B 1034 -70.10 -2.13 10.57
CA GLU B 1034 -69.50 -1.18 11.50
C GLU B 1034 -70.11 0.20 11.34
N LEU B 1035 -70.31 0.65 10.11
CA LEU B 1035 -70.91 1.97 9.90
C LEU B 1035 -72.43 1.92 10.10
N SER B 1036 -73.13 1.17 9.25
CA SER B 1036 -74.54 0.85 9.40
C SER B 1036 -75.45 2.08 9.51
N ASP B 1037 -74.92 3.28 9.29
CA ASP B 1037 -75.71 4.50 9.44
C ASP B 1037 -75.52 5.51 8.31
N TYR B 1038 -74.50 5.37 7.49
CA TYR B 1038 -74.25 6.29 6.39
C TYR B 1038 -74.75 5.75 5.05
N GLU B 1039 -75.55 4.69 5.07
CA GLU B 1039 -76.05 4.07 3.85
C GLU B 1039 -77.26 4.84 3.32
N ALA B 1040 -77.96 4.25 2.36
CA ALA B 1040 -79.18 4.80 1.75
C ALA B 1040 -78.92 6.10 0.99
N ALA B 1041 -77.67 6.46 0.78
CA ALA B 1041 -77.33 7.62 -0.04
C ALA B 1041 -76.21 7.38 -1.03
N GLY B 1042 -75.44 6.31 -0.84
CA GLY B 1042 -74.37 5.97 -1.80
C GLY B 1042 -73.05 6.61 -1.41
N ARG B 1043 -73.06 7.46 -0.38
CA ARG B 1043 -71.78 8.04 0.10
C ARG B 1043 -70.90 6.88 0.56
N PHE B 1044 -71.37 6.08 1.52
CA PHE B 1044 -70.58 4.93 2.04
C PHE B 1044 -70.68 3.77 1.06
N VAL B 1045 -69.89 3.81 -0.01
CA VAL B 1045 -69.90 2.72 -1.03
C VAL B 1045 -68.64 1.86 -0.85
N VAL B 1046 -68.82 0.53 -0.77
CA VAL B 1046 -67.65 -0.39 -0.64
C VAL B 1046 -67.58 -1.27 -1.88
N ILE B 1047 -66.47 -1.98 -2.08
CA ILE B 1047 -66.30 -2.82 -3.27
C ILE B 1047 -65.09 -3.73 -3.06
N PRO B 1048 -65.15 -4.98 -3.50
CA PRO B 1048 -63.99 -5.86 -3.39
C PRO B 1048 -62.92 -5.53 -4.42
N THR B 1049 -61.71 -5.99 -4.14
CA THR B 1049 -60.57 -5.78 -5.02
C THR B 1049 -59.88 -7.09 -5.40
N CYS B 1050 -59.76 -8.03 -4.46
CA CYS B 1050 -59.11 -9.33 -4.70
C CYS B 1050 -57.67 -9.16 -5.20
N GLY B 1051 -57.00 -8.11 -4.75
CA GLY B 1051 -55.63 -7.85 -5.14
C GLY B 1051 -55.45 -7.18 -6.48
N ASP B 1052 -56.53 -6.90 -7.20
CA ASP B 1052 -56.47 -6.26 -8.51
C ASP B 1052 -56.87 -4.80 -8.35
N ILE B 1053 -55.87 -3.94 -8.14
CA ILE B 1053 -56.13 -2.51 -8.01
C ILE B 1053 -56.68 -1.93 -9.30
N GLU B 1054 -56.20 -2.45 -10.44
CA GLU B 1054 -56.64 -1.93 -11.74
C GLU B 1054 -58.15 -2.09 -11.93
N GLY B 1055 -58.68 -3.26 -11.58
CA GLY B 1055 -60.11 -3.48 -11.75
C GLY B 1055 -60.95 -2.56 -10.88
N GLY B 1056 -60.57 -2.43 -9.61
CA GLY B 1056 -61.31 -1.56 -8.72
C GLY B 1056 -61.23 -0.10 -9.14
N ILE B 1057 -60.04 0.35 -9.54
CA ILE B 1057 -59.89 1.73 -9.97
C ILE B 1057 -60.67 1.98 -11.25
N ASP B 1058 -60.73 1.00 -12.16
CA ASP B 1058 -61.49 1.18 -13.39
C ASP B 1058 -62.99 1.24 -13.10
N ARG B 1059 -63.47 0.38 -12.20
CA ARG B 1059 -64.88 0.46 -11.81
C ARG B 1059 -65.19 1.80 -11.15
N ALA B 1060 -64.25 2.30 -10.34
CA ALA B 1060 -64.43 3.61 -9.73
C ALA B 1060 -64.49 4.72 -10.77
N MET B 1061 -63.62 4.62 -11.79
CA MET B 1061 -63.59 5.66 -12.85
C MET B 1061 -64.83 5.53 -13.75
N ALA B 1062 -65.47 4.36 -13.77
CA ALA B 1062 -66.62 4.13 -14.63
C ALA B 1062 -67.92 4.55 -13.95
N GLU B 1063 -68.26 3.87 -12.85
CA GLU B 1063 -69.56 4.14 -12.18
C GLU B 1063 -69.40 5.30 -11.20
N TYR B 1064 -68.41 5.21 -10.31
CA TYR B 1064 -68.19 6.27 -9.30
C TYR B 1064 -67.58 7.51 -9.96
N GLY B 1065 -67.36 8.57 -9.17
CA GLY B 1065 -66.77 9.78 -9.69
C GLY B 1065 -65.28 9.64 -9.91
N ARG B 1066 -64.60 10.79 -9.89
CA ARG B 1066 -63.15 10.86 -10.07
C ARG B 1066 -62.57 11.63 -8.90
N PRO B 1067 -62.36 10.97 -7.76
CA PRO B 1067 -61.78 11.67 -6.60
C PRO B 1067 -60.34 12.11 -6.84
N GLY B 1068 -59.97 13.22 -6.22
CA GLY B 1068 -58.63 13.73 -6.28
C GLY B 1068 -57.69 13.18 -5.23
N PRO B 1069 -57.97 13.41 -3.92
CA PRO B 1069 -57.05 12.99 -2.85
C PRO B 1069 -57.06 11.47 -2.64
N VAL B 1070 -56.32 10.73 -3.47
CA VAL B 1070 -56.22 9.25 -3.29
C VAL B 1070 -55.24 8.97 -2.14
N ILE B 1071 -55.50 7.91 -1.37
CA ILE B 1071 -54.62 7.57 -0.21
C ILE B 1071 -54.12 6.14 -0.40
N SER B 1072 -52.79 5.93 -0.33
CA SER B 1072 -52.25 4.60 -0.54
C SER B 1072 -52.08 3.89 0.80
N THR B 1073 -53.22 3.60 1.42
CA THR B 1073 -53.22 2.85 2.67
C THR B 1073 -53.04 1.36 2.39
N PRO B 1074 -51.99 0.73 2.91
CA PRO B 1074 -51.76 -0.69 2.60
C PRO B 1074 -52.89 -1.58 3.09
N PHE B 1075 -53.15 -2.65 2.33
CA PHE B 1075 -54.24 -3.56 2.64
C PHE B 1075 -53.90 -4.52 3.78
N ARG B 1076 -52.64 -4.91 3.91
CA ARG B 1076 -52.23 -5.98 4.81
C ARG B 1076 -51.20 -5.48 5.82
N PRO B 1077 -51.11 -6.13 6.98
CA PRO B 1077 -50.18 -5.66 8.02
C PRO B 1077 -48.73 -6.03 7.76
N LEU B 1078 -47.87 -5.74 8.73
CA LEU B 1078 -46.45 -6.05 8.63
C LEU B 1078 -46.24 -7.57 8.66
N PRO B 1079 -45.09 -8.04 8.16
CA PRO B 1079 -44.81 -9.49 8.23
C PRO B 1079 -44.86 -10.05 9.63
N ASP B 1080 -44.41 -9.28 10.63
CA ASP B 1080 -44.49 -9.66 12.04
C ASP B 1080 -43.77 -10.99 12.30
N ARG B 1081 -42.47 -10.98 12.05
CA ARG B 1081 -41.64 -12.17 12.27
C ARG B 1081 -40.23 -11.72 12.64
N ALA B 1082 -39.40 -12.68 13.01
CA ALA B 1082 -38.05 -12.42 13.46
C ALA B 1082 -37.07 -12.56 12.30
N LEU B 1083 -35.99 -11.79 12.37
CA LEU B 1083 -34.95 -11.83 11.34
C LEU B 1083 -33.54 -11.92 11.92
N SER B 1084 -33.39 -12.04 13.23
CA SER B 1084 -32.09 -12.11 13.88
C SER B 1084 -31.93 -13.48 14.54
N ALA B 1085 -30.87 -14.19 14.18
CA ALA B 1085 -30.57 -15.49 14.76
C ALA B 1085 -29.15 -15.87 14.39
N ARG B 1086 -28.55 -16.73 15.22
CA ARG B 1086 -27.22 -17.25 14.96
C ARG B 1086 -27.34 -18.58 14.20
N ASN B 1087 -26.21 -19.29 14.07
CA ASN B 1087 -26.20 -20.55 13.34
C ASN B 1087 -26.97 -21.62 14.10
N GLY B 1088 -27.63 -22.49 13.35
CA GLY B 1088 -28.37 -23.59 13.93
C GLY B 1088 -29.85 -23.35 14.15
N ASP B 1089 -30.30 -22.09 14.10
CA ASP B 1089 -31.71 -21.74 14.29
C ASP B 1089 -32.11 -20.83 13.15
N TRP B 1090 -32.56 -21.41 12.04
CA TRP B 1090 -32.88 -20.65 10.84
C TRP B 1090 -34.21 -21.13 10.26
N SER B 1091 -35.23 -21.26 11.12
CA SER B 1091 -36.55 -21.72 10.70
C SER B 1091 -37.59 -20.61 10.75
N SER B 1092 -37.71 -19.90 11.87
CA SER B 1092 -38.68 -18.83 12.01
C SER B 1092 -38.27 -17.54 11.31
N VAL B 1093 -37.06 -17.49 10.75
CA VAL B 1093 -36.54 -16.26 10.18
C VAL B 1093 -37.32 -15.85 8.94
N LEU B 1094 -37.37 -14.54 8.69
CA LEU B 1094 -38.00 -14.00 7.49
C LEU B 1094 -37.26 -14.46 6.24
N THR B 1095 -37.88 -15.31 5.44
CA THR B 1095 -37.26 -15.86 4.25
C THR B 1095 -37.60 -15.02 3.02
N THR B 1096 -37.02 -15.42 1.89
CA THR B 1096 -37.15 -14.62 0.67
C THR B 1096 -38.60 -14.51 0.20
N ALA B 1097 -39.42 -15.54 0.46
CA ALA B 1097 -40.82 -15.46 0.06
C ALA B 1097 -41.55 -14.36 0.80
N GLU B 1098 -41.39 -14.32 2.12
CA GLU B 1098 -42.02 -13.25 2.93
C GLU B 1098 -41.48 -11.90 2.45
N PHE B 1099 -40.15 -11.80 2.28
CA PHE B 1099 -39.58 -10.52 1.88
C PHE B 1099 -40.15 -10.05 0.54
N GLU B 1100 -40.32 -10.97 -0.41
CA GLU B 1100 -40.94 -10.61 -1.68
C GLU B 1100 -42.38 -10.16 -1.47
N GLU B 1101 -43.11 -10.84 -0.60
CA GLU B 1101 -44.47 -10.41 -0.29
C GLU B 1101 -44.49 -9.02 0.33
N LEU B 1102 -43.56 -8.75 1.24
CA LEU B 1102 -43.47 -7.45 1.88
C LEU B 1102 -43.15 -6.36 0.86
N VAL B 1103 -42.22 -6.63 -0.05
CA VAL B 1103 -41.87 -5.65 -1.08
C VAL B 1103 -43.05 -5.42 -2.02
N GLU B 1104 -43.75 -6.48 -2.39
CA GLU B 1104 -44.87 -6.35 -3.33
C GLU B 1104 -46.04 -5.59 -2.71
N GLN B 1105 -46.32 -5.83 -1.43
CA GLN B 1105 -47.49 -5.24 -0.79
C GLN B 1105 -47.20 -3.91 -0.12
N GLN B 1106 -45.94 -3.60 0.18
CA GLN B 1106 -45.58 -2.38 0.90
C GLN B 1106 -44.77 -1.40 0.09
N ILE B 1107 -44.30 -1.78 -1.10
CA ILE B 1107 -43.54 -0.87 -1.95
C ILE B 1107 -44.17 -0.83 -3.34
N THR B 1108 -44.31 -2.00 -3.96
CA THR B 1108 -44.86 -2.08 -5.32
C THR B 1108 -46.33 -1.70 -5.33
N HIS B 1109 -47.06 -1.99 -4.25
CA HIS B 1109 -48.47 -1.58 -4.15
C HIS B 1109 -48.60 -0.06 -4.23
N HIS B 1110 -47.74 0.65 -3.50
CA HIS B 1110 -47.76 2.11 -3.54
C HIS B 1110 -47.45 2.62 -4.94
N PHE B 1111 -46.45 2.02 -5.60
CA PHE B 1111 -46.12 2.42 -6.97
C PHE B 1111 -47.31 2.21 -7.90
N ARG B 1112 -47.99 1.06 -7.79
CA ARG B 1112 -49.13 0.78 -8.64
C ARG B 1112 -50.23 1.82 -8.43
N VAL B 1113 -50.58 2.09 -7.17
CA VAL B 1113 -51.66 3.04 -6.90
C VAL B 1113 -51.28 4.43 -7.40
N ALA B 1114 -50.06 4.88 -7.09
CA ALA B 1114 -49.64 6.23 -7.48
C ALA B 1114 -49.58 6.37 -8.99
N ARG B 1115 -49.02 5.38 -9.68
CA ARG B 1115 -48.90 5.47 -11.13
C ARG B 1115 -50.27 5.42 -11.81
N LYS B 1116 -51.16 4.52 -11.36
CA LYS B 1116 -52.46 4.46 -11.98
C LYS B 1116 -53.28 5.71 -11.71
N ALA B 1117 -53.11 6.32 -10.53
CA ALA B 1117 -53.74 7.59 -10.22
C ALA B 1117 -52.90 8.79 -10.62
N GLY B 1118 -51.74 8.57 -11.24
CA GLY B 1118 -50.93 9.68 -11.70
C GLY B 1118 -51.57 10.45 -12.85
N LEU B 1119 -52.18 9.74 -13.79
CA LEU B 1119 -52.76 10.35 -14.97
C LEU B 1119 -54.16 10.90 -14.71
N ILE B 1120 -54.33 11.66 -13.65
CA ILE B 1120 -55.60 12.26 -13.29
C ILE B 1120 -55.42 13.77 -13.17
N GLU B 1121 -56.39 14.53 -13.66
CA GLU B 1121 -56.38 15.98 -13.55
C GLU B 1121 -56.89 16.37 -12.17
N GLY B 1122 -56.03 16.98 -11.37
CA GLY B 1122 -56.41 17.40 -10.04
C GLY B 1122 -56.16 16.39 -8.94
N ALA B 1123 -55.40 15.33 -9.22
CA ALA B 1123 -55.11 14.33 -8.22
C ALA B 1123 -54.18 14.88 -7.14
N ASN B 1124 -54.40 14.46 -5.90
CA ASN B 1124 -53.65 14.88 -4.73
C ASN B 1124 -53.11 13.67 -3.98
N VAL B 1125 -52.45 12.77 -4.71
CA VAL B 1125 -51.97 11.51 -4.16
C VAL B 1125 -51.21 11.77 -2.86
N THR B 1126 -51.54 10.98 -1.83
CA THR B 1126 -50.92 11.10 -0.51
C THR B 1126 -50.56 9.70 -0.04
N LEU B 1127 -49.30 9.32 -0.22
CA LEU B 1127 -48.85 8.01 0.24
C LEU B 1127 -48.85 7.95 1.76
N VAL B 1128 -49.35 6.84 2.30
CA VAL B 1128 -49.41 6.62 3.74
C VAL B 1128 -48.85 5.23 4.04
N THR B 1129 -47.85 5.24 4.93
CA THR B 1129 -47.20 3.99 5.39
C THR B 1129 -47.80 3.66 6.77
N PRO B 1130 -48.04 2.38 7.10
CA PRO B 1130 -48.74 1.98 8.34
C PRO B 1130 -48.02 2.51 9.57
N PRO B 1131 -48.75 2.95 10.62
CA PRO B 1131 -48.14 3.43 11.88
C PRO B 1131 -47.81 2.24 12.77
N THR B 1132 -47.56 1.07 12.17
CA THR B 1132 -47.23 -0.16 12.91
C THR B 1132 -48.37 -0.38 13.92
N SER B 1133 -48.06 -0.75 15.16
CA SER B 1133 -49.09 -1.00 16.15
C SER B 1133 -48.52 -0.67 17.53
N ALA B 1134 -49.21 -1.12 18.57
CA ALA B 1134 -48.79 -0.93 19.95
C ALA B 1134 -48.20 -2.22 20.49
N ARG B 1135 -47.25 -2.07 21.43
CA ARG B 1135 -46.53 -3.20 22.02
C ARG B 1135 -45.83 -4.02 20.93
N SER B 1136 -44.90 -3.35 20.26
CA SER B 1136 -44.17 -3.94 19.13
C SER B 1136 -42.79 -4.40 19.58
N THR B 1137 -42.33 -5.49 18.97
CA THR B 1137 -41.01 -6.02 19.25
C THR B 1137 -39.95 -5.16 18.57
N SER B 1138 -38.68 -5.56 18.73
CA SER B 1138 -37.58 -4.83 18.12
C SER B 1138 -37.29 -5.28 16.69
N GLU B 1139 -37.57 -6.55 16.38
CA GLU B 1139 -37.27 -7.06 15.05
C GLU B 1139 -38.08 -6.33 13.98
N GLU B 1140 -39.35 -6.05 14.26
CA GLU B 1140 -40.22 -5.39 13.29
C GLU B 1140 -40.07 -3.86 13.32
N PHE B 1141 -38.99 -3.36 13.94
CA PHE B 1141 -38.64 -1.94 13.86
C PHE B 1141 -37.52 -1.69 12.85
N ALA B 1142 -37.42 -2.54 11.85
CA ALA B 1142 -36.48 -2.40 10.74
C ALA B 1142 -37.19 -2.40 9.39
N LEU B 1143 -38.21 -3.25 9.22
CA LEU B 1143 -39.05 -3.17 8.04
C LEU B 1143 -39.73 -1.82 7.93
N ALA B 1144 -40.06 -1.22 9.08
CA ALA B 1144 -40.62 0.12 9.07
C ALA B 1144 -39.65 1.13 8.46
N ASN B 1145 -38.38 1.08 8.86
CA ASN B 1145 -37.38 1.99 8.29
C ASN B 1145 -37.17 1.71 6.80
N PHE B 1146 -37.17 0.43 6.43
CA PHE B 1146 -37.10 0.05 5.02
C PHE B 1146 -38.19 0.75 4.21
N VAL B 1147 -39.44 0.62 4.66
CA VAL B 1147 -40.56 1.24 3.98
C VAL B 1147 -40.41 2.76 3.97
N LYS B 1148 -40.01 3.34 5.11
CA LYS B 1148 -39.79 4.78 5.17
C LYS B 1148 -38.88 5.26 4.05
N THR B 1149 -37.67 4.69 3.99
CA THR B 1149 -36.67 5.18 3.04
C THR B 1149 -37.11 4.95 1.60
N THR B 1150 -37.61 3.74 1.31
CA THR B 1150 -37.99 3.44 -0.07
C THR B 1150 -39.13 4.33 -0.55
N LEU B 1151 -40.16 4.48 0.28
CA LEU B 1151 -41.27 5.36 -0.10
C LEU B 1151 -40.83 6.81 -0.18
N HIS B 1152 -39.87 7.22 0.65
CA HIS B 1152 -39.35 8.59 0.55
C HIS B 1152 -38.73 8.83 -0.82
N ALA B 1153 -37.88 7.90 -1.27
CA ALA B 1153 -37.28 8.06 -2.59
C ALA B 1153 -38.34 8.07 -3.69
N LEU B 1154 -39.31 7.14 -3.60
CA LEU B 1154 -40.36 7.08 -4.61
C LEU B 1154 -41.14 8.37 -4.70
N THR B 1155 -41.59 8.89 -3.55
CA THR B 1155 -42.39 10.11 -3.56
C THR B 1155 -41.57 11.32 -3.97
N ALA B 1156 -40.28 11.37 -3.62
CA ALA B 1156 -39.44 12.47 -4.07
C ALA B 1156 -39.34 12.50 -5.58
N THR B 1157 -39.00 11.35 -6.17
CA THR B 1157 -38.86 11.27 -7.65
C THR B 1157 -40.20 11.61 -8.30
N ALA B 1158 -41.30 11.03 -7.81
CA ALA B 1158 -42.61 11.25 -8.42
C ALA B 1158 -43.02 12.72 -8.34
N GLY B 1159 -42.79 13.36 -7.19
CA GLY B 1159 -43.11 14.77 -7.08
C GLY B 1159 -42.26 15.65 -7.97
N ALA B 1160 -40.98 15.29 -8.13
CA ALA B 1160 -40.14 16.01 -9.08
C ALA B 1160 -40.66 15.89 -10.50
N GLU B 1161 -41.07 14.67 -10.88
CA GLU B 1161 -41.59 14.47 -12.23
C GLU B 1161 -42.91 15.21 -12.45
N SER B 1162 -43.78 15.22 -11.44
CA SER B 1162 -45.12 15.77 -11.59
C SER B 1162 -45.15 17.30 -11.64
N GLU B 1163 -43.97 17.93 -11.57
CA GLU B 1163 -43.88 19.40 -11.67
C GLU B 1163 -43.70 19.78 -13.14
N ARG B 1164 -42.66 19.29 -13.78
CA ARG B 1164 -42.59 19.64 -15.22
C ARG B 1164 -43.86 19.10 -15.88
N THR B 1165 -44.21 17.83 -15.64
CA THR B 1165 -45.34 17.26 -16.44
C THR B 1165 -46.49 18.27 -16.44
N VAL B 1166 -47.05 18.53 -17.62
CA VAL B 1166 -48.16 19.54 -17.79
C VAL B 1166 -49.09 19.44 -16.58
N PRO B 1167 -49.69 18.27 -16.26
CA PRO B 1167 -50.52 18.13 -15.06
C PRO B 1167 -49.63 17.97 -13.82
N HIS B 1168 -49.96 18.69 -12.74
CA HIS B 1168 -49.16 18.60 -11.49
C HIS B 1168 -49.96 17.88 -10.40
N VAL B 1169 -49.58 16.63 -10.11
CA VAL B 1169 -50.25 15.86 -9.01
C VAL B 1169 -49.28 15.79 -7.83
N PRO B 1170 -49.38 16.68 -6.82
CA PRO B 1170 -48.41 16.70 -5.71
C PRO B 1170 -48.56 15.46 -4.84
N VAL B 1171 -47.47 14.70 -4.71
CA VAL B 1171 -47.43 13.53 -3.84
C VAL B 1171 -46.78 13.92 -2.53
N ASN B 1172 -47.43 13.57 -1.42
CA ASN B 1172 -46.95 13.90 -0.08
C ASN B 1172 -47.01 12.65 0.78
N GLN B 1173 -45.85 12.18 1.24
CA GLN B 1173 -45.79 10.96 2.08
C GLN B 1173 -45.98 11.33 3.54
N VAL B 1174 -46.80 10.58 4.28
CA VAL B 1174 -47.05 10.87 5.72
C VAL B 1174 -46.96 9.57 6.52
N ASP B 1175 -46.09 9.54 7.55
CA ASP B 1175 -45.95 8.33 8.41
C ASP B 1175 -46.15 8.75 9.87
N LEU B 1176 -46.69 7.85 10.71
CA LEU B 1176 -46.95 8.19 12.13
C LEU B 1176 -46.03 7.36 13.03
N THR B 1177 -44.94 6.81 12.48
CA THR B 1177 -43.98 6.01 13.27
C THR B 1177 -42.98 6.94 13.95
N ARG B 1178 -42.26 6.45 14.97
CA ARG B 1178 -41.28 7.27 15.68
C ARG B 1178 -41.90 8.56 16.20
N ARG B 1179 -43.22 8.62 16.31
CA ARG B 1179 -43.93 9.80 16.79
C ARG B 1179 -44.26 9.56 18.26
N ALA B 1180 -43.34 10.01 19.14
CA ALA B 1180 -43.45 9.88 20.59
C ALA B 1180 -43.33 8.41 21.04
N ARG B 1181 -43.22 7.49 20.08
CA ARG B 1181 -43.01 6.09 20.43
C ARG B 1181 -41.51 5.83 20.68
N SER B 1182 -40.70 6.00 19.64
CA SER B 1182 -39.24 5.84 19.74
C SER B 1182 -38.85 4.52 20.40
N GLU B 1183 -39.58 3.46 20.06
CA GLU B 1183 -39.37 2.12 20.60
C GLU B 1183 -39.51 2.08 22.12
N GLU B 1184 -40.24 3.03 22.70
CA GLU B 1184 -40.47 3.04 24.14
C GLU B 1184 -41.88 2.54 24.42
N PRO B 1185 -42.03 1.39 25.08
CA PRO B 1185 -43.37 0.82 25.29
C PRO B 1185 -44.12 1.52 26.42
N ARG B 1186 -45.07 2.38 26.04
CA ARG B 1186 -45.96 3.02 27.02
C ARG B 1186 -47.23 3.40 26.28
N THR B 1187 -48.27 2.58 26.43
CA THR B 1187 -49.51 2.85 25.71
C THR B 1187 -50.74 2.47 26.55
N PRO B 1188 -50.82 2.92 27.80
CA PRO B 1188 -52.06 2.71 28.56
C PRO B 1188 -53.12 3.72 28.15
N SER B 1189 -54.11 3.27 27.39
CA SER B 1189 -55.16 4.13 26.81
C SER B 1189 -54.45 5.20 25.98
N GLU B 1190 -54.80 6.48 26.12
CA GLU B 1190 -54.13 7.58 25.41
C GLU B 1190 -54.16 7.41 23.90
N GLU B 1191 -55.22 6.78 23.37
CA GLU B 1191 -55.35 6.63 21.92
C GLU B 1191 -55.80 7.92 21.25
N GLU B 1192 -56.52 8.78 21.98
CA GLU B 1192 -57.09 9.99 21.37
C GLU B 1192 -56.02 10.88 20.77
N GLU B 1193 -54.80 10.86 21.31
CA GLU B 1193 -53.71 11.65 20.75
C GLU B 1193 -53.47 11.28 19.29
N GLU B 1194 -53.27 9.98 19.03
CA GLU B 1194 -53.05 9.55 17.66
C GLU B 1194 -54.32 9.63 16.82
N LEU B 1195 -55.49 9.42 17.43
CA LEU B 1195 -56.74 9.58 16.69
C LEU B 1195 -56.87 10.99 16.13
N GLN B 1196 -56.54 12.00 16.94
CA GLN B 1196 -56.61 13.37 16.46
C GLN B 1196 -55.43 13.73 15.56
N ARG B 1197 -54.26 13.14 15.80
CA ARG B 1197 -53.09 13.47 14.98
C ARG B 1197 -53.26 12.94 13.55
N PHE B 1198 -53.88 11.77 13.40
CA PHE B 1198 -54.09 11.21 12.07
C PHE B 1198 -54.97 12.12 11.23
N VAL B 1199 -56.10 12.57 11.78
CA VAL B 1199 -56.99 13.44 11.03
C VAL B 1199 -56.36 14.80 10.81
N ASN B 1200 -55.66 15.33 11.81
CA ASN B 1200 -54.96 16.60 11.62
C ASN B 1200 -54.01 16.52 10.43
N ALA B 1201 -53.17 15.49 10.40
CA ALA B 1201 -52.20 15.35 9.31
C ALA B 1201 -52.89 15.15 7.97
N VAL B 1202 -53.85 14.22 7.92
CA VAL B 1202 -54.51 13.88 6.63
C VAL B 1202 -55.19 15.14 6.08
N LEU B 1203 -55.98 15.82 6.91
CA LEU B 1203 -56.73 17.01 6.44
C LEU B 1203 -55.73 18.11 6.08
N LEU B 1204 -54.60 18.18 6.79
CA LEU B 1204 -53.63 19.24 6.52
C LEU B 1204 -52.93 19.03 5.18
N THR B 1205 -52.55 17.79 4.90
CA THR B 1205 -51.85 17.47 3.62
C THR B 1205 -52.87 17.35 2.48
N SER B 1206 -54.15 17.11 2.81
CA SER B 1206 -55.19 16.91 1.76
C SER B 1206 -55.71 18.27 1.25
N ALA B 1207 -55.39 19.35 1.96
CA ALA B 1207 -55.91 20.69 1.57
C ALA B 1207 -54.75 21.65 1.29
N PRO B 1208 -54.23 21.75 0.05
CA PRO B 1208 -53.18 22.71 -0.28
C PRO B 1208 -53.69 24.15 -0.34
N LEU B 1209 -52.81 25.07 -0.70
CA LEU B 1209 -53.13 26.50 -0.78
C LEU B 1209 -53.63 27.03 0.56
#